data_5EFZ
#
_entry.id   5EFZ
#
_cell.length_a   88.848
_cell.length_b   110.342
_cell.length_c   122.817
_cell.angle_alpha   90.00
_cell.angle_beta   106.89
_cell.angle_gamma   90.00
#
_symmetry.space_group_name_H-M   'P 1 21 1'
#
loop_
_entity.id
_entity.type
_entity.pdbx_description
1 polymer 'Homoserine O-acetyltransferase'
2 non-polymer 1,2-ETHANEDIOL
3 non-polymer GLYCEROL
4 non-polymer 'ACETATE ION'
5 water water
#
_entity_poly.entity_id   1
_entity_poly.type   'polypeptide(L)'
_entity_poly.pdbx_seq_one_letter_code
;MTMITHHHHHHGSNSYYTEENHGPFELINIGPLPLEEGRCMPECLLAVAVHGALNADKSNAILVPTWYSGTSKAMEQIYI
GEGRALDPSKYCIIVVNQIGNGLSSSASNTGGSLAGPGFANVRIGDDVSAQHTLLTEYFGIESLALVVGGSMGAQQTYEW
AVRYPDFVKRAAAIAGTARNSEHDFLFTEILIEAITTDPAFQAGLYRSSSAVAAGLERHAKLWTLMGWSPEFFRTGRHKA
LGFESMQMFVDGFMKRYFAPMDPNNLLTMAWKWQRGDVSRHTGGDLAKALGRIKAKTYVMPISHDQFFTVDDCLSEQKMI
PNSEFRPLRSIDGHLGLFGTDAQMLDQLDAHLAELLSSPAY
;
_entity_poly.pdbx_strand_id   A,B,C,D,E,F
#
loop_
_chem_comp.id
_chem_comp.type
_chem_comp.name
_chem_comp.formula
ACT non-polymer 'ACETATE ION' 'C2 H3 O2 -1'
EDO non-polymer 1,2-ETHANEDIOL 'C2 H6 O2'
GOL non-polymer GLYCEROL 'C3 H8 O3'
#
# COMPACT_ATOMS: atom_id res chain seq x y z
N SER A 15 -41.67 -14.57 35.21
CA SER A 15 -43.10 -14.38 35.40
C SER A 15 -43.59 -13.06 34.80
N TYR A 16 -42.69 -12.30 34.19
CA TYR A 16 -43.12 -11.10 33.48
C TYR A 16 -43.86 -11.47 32.20
N TYR A 17 -43.36 -12.51 31.51
CA TYR A 17 -43.84 -12.80 30.15
C TYR A 17 -44.98 -13.81 30.16
N THR A 18 -46.11 -13.41 30.74
CA THR A 18 -47.23 -14.31 30.95
C THR A 18 -48.49 -13.77 30.32
N GLU A 19 -49.50 -14.64 30.23
CA GLU A 19 -50.82 -14.25 29.76
C GLU A 19 -51.48 -13.28 30.73
N GLU A 20 -51.15 -13.43 32.01
CA GLU A 20 -51.71 -12.57 33.03
C GLU A 20 -51.31 -11.12 32.81
N ASN A 21 -50.07 -10.93 32.36
CA ASN A 21 -49.56 -9.59 32.11
C ASN A 21 -49.80 -9.06 30.71
N HIS A 22 -49.81 -9.93 29.70
CA HIS A 22 -49.81 -9.46 28.31
C HIS A 22 -50.92 -9.97 27.44
N GLY A 23 -51.79 -10.81 28.03
CA GLY A 23 -52.80 -11.48 27.26
C GLY A 23 -54.08 -10.67 27.24
N PRO A 24 -55.10 -11.22 26.57
CA PRO A 24 -55.04 -12.54 25.94
C PRO A 24 -54.27 -12.58 24.62
N PHE A 25 -53.58 -13.69 24.39
CA PHE A 25 -52.93 -13.94 23.10
C PHE A 25 -52.94 -15.45 22.87
N GLU A 26 -52.78 -15.87 21.62
CA GLU A 26 -52.72 -17.29 21.30
C GLU A 26 -51.32 -17.63 20.81
N LEU A 27 -50.81 -18.81 21.17
CA LEU A 27 -49.50 -19.25 20.66
C LEU A 27 -49.73 -20.10 19.44
N ILE A 28 -49.26 -19.64 18.29
CA ILE A 28 -49.46 -20.42 17.07
C ILE A 28 -48.14 -20.97 16.55
N ASN A 29 -48.09 -22.29 16.41
CA ASN A 29 -46.91 -22.94 15.85
C ASN A 29 -46.93 -22.85 14.35
N ILE A 30 -46.03 -22.07 13.77
CA ILE A 30 -46.01 -22.01 12.32
C ILE A 30 -45.03 -23.02 11.68
N GLY A 31 -44.41 -23.86 12.50
CA GLY A 31 -43.53 -24.90 11.98
C GLY A 31 -42.09 -24.42 11.92
N PRO A 32 -41.23 -25.16 11.21
CA PRO A 32 -39.80 -24.79 11.16
C PRO A 32 -39.55 -23.45 10.51
N LEU A 33 -38.58 -22.69 11.03
CA LEU A 33 -38.24 -21.40 10.43
C LEU A 33 -36.75 -21.37 10.16
N PRO A 34 -36.36 -21.52 8.88
CA PRO A 34 -34.94 -21.35 8.55
C PRO A 34 -34.59 -19.87 8.62
N LEU A 35 -33.63 -19.51 9.45
CA LEU A 35 -33.34 -18.11 9.70
C LEU A 35 -32.34 -17.60 8.70
N GLU A 36 -32.42 -16.30 8.38
N GLU A 36 -32.40 -16.30 8.41
CA GLU A 36 -31.51 -15.71 7.40
CA GLU A 36 -31.53 -15.69 7.41
C GLU A 36 -30.04 -15.96 7.78
C GLU A 36 -30.03 -15.77 7.77
N GLU A 37 -29.71 -15.82 9.06
CA GLU A 37 -28.31 -15.99 9.51
C GLU A 37 -27.81 -17.42 9.41
N GLY A 38 -28.69 -18.37 9.15
CA GLY A 38 -28.23 -19.72 8.88
C GLY A 38 -28.71 -20.84 9.78
N ARG A 39 -29.15 -20.52 10.98
CA ARG A 39 -29.70 -21.54 11.85
C ARG A 39 -31.17 -21.82 11.54
N CYS A 40 -31.63 -23.03 11.86
CA CYS A 40 -33.04 -23.35 11.71
C CYS A 40 -33.72 -23.42 13.08
N MET A 41 -34.83 -22.72 13.25
CA MET A 41 -35.68 -22.97 14.43
C MET A 41 -36.59 -24.16 14.10
N PRO A 42 -36.48 -25.25 14.88
CA PRO A 42 -37.31 -26.43 14.61
C PRO A 42 -38.81 -26.15 14.72
N GLU A 43 -39.20 -25.27 15.63
CA GLU A 43 -40.60 -24.84 15.70
C GLU A 43 -40.63 -23.40 16.14
N CYS A 44 -41.29 -22.57 15.35
CA CYS A 44 -41.39 -21.17 15.67
C CYS A 44 -42.81 -20.91 16.17
N LEU A 45 -42.92 -20.51 17.43
CA LEU A 45 -44.22 -20.15 18.01
C LEU A 45 -44.38 -18.64 17.98
N LEU A 46 -45.47 -18.16 17.39
CA LEU A 46 -45.75 -16.76 17.38
C LEU A 46 -46.92 -16.50 18.33
N ALA A 47 -46.72 -15.55 19.24
CA ALA A 47 -47.78 -15.06 20.11
C ALA A 47 -48.58 -13.98 19.38
N VAL A 48 -49.88 -14.25 19.21
CA VAL A 48 -50.74 -13.44 18.36
C VAL A 48 -52.00 -13.00 19.12
N ALA A 49 -52.34 -11.73 19.01
CA ALA A 49 -53.58 -11.24 19.61
C ALA A 49 -54.42 -10.72 18.46
N VAL A 50 -55.68 -11.14 18.40
CA VAL A 50 -56.56 -10.72 17.31
C VAL A 50 -57.68 -9.87 17.88
N HIS A 51 -57.92 -8.71 17.28
CA HIS A 51 -59.01 -7.86 17.71
C HIS A 51 -59.89 -7.55 16.53
N GLY A 52 -61.14 -8.02 16.59
CA GLY A 52 -62.08 -7.82 15.49
C GLY A 52 -62.20 -9.05 14.62
N ALA A 53 -63.25 -9.08 13.83
CA ALA A 53 -63.55 -10.21 12.97
C ALA A 53 -63.15 -9.90 11.52
N LEU A 54 -62.67 -10.92 10.82
CA LEU A 54 -62.44 -10.81 9.37
C LEU A 54 -63.76 -10.68 8.61
N ASN A 55 -63.81 -9.84 7.57
CA ASN A 55 -65.05 -9.75 6.75
C ASN A 55 -65.14 -10.91 5.77
N ALA A 56 -66.14 -10.90 4.88
CA ALA A 56 -66.41 -12.06 4.02
C ALA A 56 -65.22 -12.51 3.19
N ASP A 57 -64.45 -11.56 2.67
CA ASP A 57 -63.34 -11.94 1.79
C ASP A 57 -61.98 -11.62 2.42
N LYS A 58 -61.97 -11.50 3.74
CA LYS A 58 -60.73 -11.23 4.48
C LYS A 58 -59.94 -10.06 3.93
N SER A 59 -60.67 -8.97 3.61
CA SER A 59 -60.05 -7.80 3.02
C SER A 59 -59.90 -6.67 4.05
N ASN A 60 -60.19 -6.96 5.32
CA ASN A 60 -60.10 -5.93 6.35
C ASN A 60 -59.08 -6.26 7.44
N ALA A 61 -58.06 -7.00 7.07
CA ALA A 61 -56.99 -7.37 8.00
C ALA A 61 -55.93 -6.28 8.11
N ILE A 62 -55.60 -5.91 9.34
CA ILE A 62 -54.51 -4.95 9.60
C ILE A 62 -53.47 -5.68 10.46
N LEU A 63 -52.20 -5.65 10.03
CA LEU A 63 -51.14 -6.34 10.79
C LEU A 63 -50.39 -5.31 11.59
N VAL A 64 -50.19 -5.59 12.88
CA VAL A 64 -49.48 -4.68 13.78
C VAL A 64 -48.31 -5.44 14.41
N PRO A 65 -47.08 -5.23 13.90
CA PRO A 65 -45.89 -5.80 14.55
C PRO A 65 -45.57 -5.06 15.83
N THR A 66 -44.76 -5.66 16.71
CA THR A 66 -44.46 -5.02 18.00
C THR A 66 -43.05 -4.44 17.96
N TRP A 67 -42.76 -3.56 18.92
CA TRP A 67 -41.52 -2.81 18.90
C TRP A 67 -40.53 -3.34 19.93
N TYR A 68 -39.40 -2.67 20.02
CA TYR A 68 -38.33 -3.10 20.93
C TYR A 68 -38.81 -3.12 22.39
N SER A 69 -38.62 -4.27 23.07
CA SER A 69 -38.99 -4.47 24.48
C SER A 69 -40.51 -4.58 24.69
N GLY A 70 -41.26 -4.49 23.60
CA GLY A 70 -42.70 -4.41 23.70
C GLY A 70 -43.42 -5.71 23.40
N THR A 71 -44.71 -5.72 23.71
CA THR A 71 -45.55 -6.87 23.42
C THR A 71 -46.84 -6.40 22.78
N SER A 72 -47.65 -7.34 22.38
CA SER A 72 -48.94 -7.02 21.76
C SER A 72 -49.83 -6.21 22.73
N LYS A 73 -49.64 -6.39 24.03
CA LYS A 73 -50.46 -5.70 25.03
C LYS A 73 -50.35 -4.19 24.87
N ALA A 74 -49.13 -3.71 24.66
CA ALA A 74 -48.91 -2.29 24.48
C ALA A 74 -49.63 -1.75 23.23
N MET A 75 -49.56 -2.45 22.11
CA MET A 75 -50.20 -1.96 20.89
C MET A 75 -51.70 -1.88 21.11
N GLU A 76 -52.22 -2.87 21.83
CA GLU A 76 -53.65 -2.90 22.13
C GLU A 76 -54.08 -1.73 23.01
N GLN A 77 -53.38 -1.54 24.12
CA GLN A 77 -53.74 -0.52 25.09
C GLN A 77 -53.64 0.91 24.52
N ILE A 78 -52.65 1.16 23.68
CA ILE A 78 -52.38 2.54 23.25
C ILE A 78 -53.16 2.90 21.97
N TYR A 79 -53.34 1.94 21.08
CA TYR A 79 -53.78 2.25 19.72
C TYR A 79 -55.11 1.66 19.25
N ILE A 80 -55.55 0.56 19.85
CA ILE A 80 -56.71 -0.15 19.32
C ILE A 80 -57.98 0.15 20.11
N GLY A 81 -59.09 0.45 19.40
CA GLY A 81 -60.35 0.67 20.09
C GLY A 81 -61.43 1.23 19.19
N GLU A 82 -62.67 1.14 19.64
CA GLU A 82 -63.76 1.57 18.79
C GLU A 82 -63.71 3.05 18.36
N GLY A 83 -63.25 3.96 19.18
CA GLY A 83 -63.22 5.33 18.68
C GLY A 83 -62.03 5.66 17.76
N ARG A 84 -61.22 4.66 17.46
CA ARG A 84 -59.89 4.93 16.91
C ARG A 84 -59.79 4.57 15.42
N ALA A 85 -58.67 4.91 14.78
CA ALA A 85 -58.44 4.46 13.40
C ALA A 85 -58.38 2.92 13.34
N LEU A 86 -57.60 2.31 14.24
CA LEU A 86 -57.55 0.85 14.33
C LEU A 86 -58.75 0.38 15.14
N ASP A 87 -59.88 0.32 14.47
CA ASP A 87 -61.17 0.07 15.06
C ASP A 87 -61.57 -1.40 14.83
N PRO A 88 -61.65 -2.20 15.90
CA PRO A 88 -61.96 -3.62 15.73
C PRO A 88 -63.42 -3.92 15.36
N SER A 89 -64.27 -2.89 15.32
CA SER A 89 -65.62 -3.12 14.83
C SER A 89 -65.64 -3.05 13.30
N LYS A 90 -64.54 -2.63 12.69
CA LYS A 90 -64.45 -2.53 11.22
C LYS A 90 -63.34 -3.40 10.66
N TYR A 91 -62.25 -3.55 11.40
CA TYR A 91 -61.05 -4.27 10.93
C TYR A 91 -60.74 -5.47 11.80
N CYS A 92 -60.11 -6.48 11.20
CA CYS A 92 -59.47 -7.54 11.96
C CYS A 92 -58.02 -7.16 12.20
N ILE A 93 -57.73 -6.76 13.43
CA ILE A 93 -56.41 -6.24 13.76
C ILE A 93 -55.59 -7.33 14.43
N ILE A 94 -54.51 -7.70 13.77
CA ILE A 94 -53.75 -8.89 14.15
C ILE A 94 -52.41 -8.41 14.63
N VAL A 95 -52.15 -8.57 15.94
CA VAL A 95 -50.94 -8.03 16.54
C VAL A 95 -49.99 -9.21 16.81
N VAL A 96 -48.82 -9.17 16.16
CA VAL A 96 -47.93 -10.33 16.21
C VAL A 96 -46.65 -9.95 16.94
N ASN A 97 -46.38 -10.69 18.00
CA ASN A 97 -45.19 -10.45 18.82
C ASN A 97 -43.89 -10.88 18.13
N GLN A 98 -42.90 -10.00 18.19
CA GLN A 98 -41.58 -10.29 17.65
C GLN A 98 -41.03 -11.59 18.17
N ILE A 99 -40.40 -12.35 17.28
CA ILE A 99 -39.51 -13.43 17.71
C ILE A 99 -38.47 -12.84 18.63
N GLY A 100 -38.32 -13.40 19.83
CA GLY A 100 -37.32 -12.88 20.74
C GLY A 100 -37.89 -11.99 21.82
N ASN A 101 -39.18 -11.66 21.77
CA ASN A 101 -39.72 -10.69 22.72
C ASN A 101 -40.24 -11.28 24.02
N GLY A 102 -40.05 -12.59 24.20
CA GLY A 102 -40.47 -13.29 25.42
C GLY A 102 -41.83 -13.96 25.36
N LEU A 103 -42.68 -13.55 24.42
CA LEU A 103 -43.99 -14.18 24.22
C LEU A 103 -43.93 -15.16 23.05
N SER A 104 -43.51 -14.69 21.89
CA SER A 104 -43.17 -15.58 20.79
C SER A 104 -41.88 -16.35 21.18
N SER A 105 -41.49 -17.32 20.37
CA SER A 105 -40.26 -18.08 20.61
C SER A 105 -39.09 -17.15 20.86
N SER A 106 -38.39 -17.37 21.97
CA SER A 106 -37.37 -16.46 22.44
C SER A 106 -36.32 -17.20 23.28
N ALA A 107 -35.21 -16.52 23.56
CA ALA A 107 -34.17 -17.08 24.44
C ALA A 107 -34.78 -17.56 25.76
N SER A 108 -35.79 -16.84 26.24
CA SER A 108 -36.30 -17.10 27.58
C SER A 108 -37.28 -18.27 27.66
N ASN A 109 -37.70 -18.81 26.53
CA ASN A 109 -38.72 -19.86 26.57
C ASN A 109 -38.50 -20.99 25.56
N THR A 110 -37.30 -21.07 24.97
CA THR A 110 -37.03 -22.10 23.98
C THR A 110 -35.97 -23.09 24.53
N GLY A 111 -36.11 -24.37 24.20
CA GLY A 111 -35.17 -25.36 24.72
C GLY A 111 -34.13 -25.76 23.70
N GLY A 112 -33.47 -26.90 23.92
CA GLY A 112 -32.49 -27.38 22.95
C GLY A 112 -31.33 -26.40 22.81
N SER A 113 -30.75 -26.31 21.62
CA SER A 113 -29.53 -25.53 21.46
C SER A 113 -29.84 -24.03 21.39
N LEU A 114 -31.12 -23.68 21.42
CA LEU A 114 -31.57 -22.29 21.29
C LEU A 114 -31.83 -21.63 22.65
N ALA A 115 -31.55 -22.33 23.74
CA ALA A 115 -31.89 -21.80 25.06
C ALA A 115 -30.96 -20.66 25.50
N GLY A 116 -31.54 -19.60 26.07
CA GLY A 116 -30.75 -18.56 26.72
C GLY A 116 -29.73 -17.95 25.78
N PRO A 117 -28.44 -17.97 26.17
CA PRO A 117 -27.33 -17.41 25.37
C PRO A 117 -27.23 -18.11 24.02
N GLY A 118 -27.77 -19.32 23.92
CA GLY A 118 -27.74 -20.07 22.67
C GLY A 118 -28.72 -19.57 21.59
N PHE A 119 -29.64 -18.67 21.94
CA PHE A 119 -30.68 -18.26 20.98
C PHE A 119 -30.07 -17.63 19.73
N ALA A 120 -30.68 -17.88 18.60
CA ALA A 120 -30.10 -17.48 17.32
C ALA A 120 -30.20 -15.97 17.07
N ASN A 121 -29.35 -15.48 16.16
CA ASN A 121 -29.47 -14.10 15.72
C ASN A 121 -30.63 -14.02 14.75
N VAL A 122 -31.69 -13.30 15.13
CA VAL A 122 -32.89 -13.18 14.32
C VAL A 122 -32.93 -11.80 13.64
N ARG A 123 -33.31 -11.78 12.37
CA ARG A 123 -33.38 -10.53 11.61
C ARG A 123 -34.84 -10.10 11.40
N ILE A 124 -35.02 -8.82 11.08
CA ILE A 124 -36.35 -8.30 10.74
C ILE A 124 -37.01 -9.17 9.66
N GLY A 125 -36.22 -9.60 8.66
CA GLY A 125 -36.77 -10.42 7.60
C GLY A 125 -37.31 -11.77 8.09
N ASP A 126 -36.71 -12.32 9.16
CA ASP A 126 -37.23 -13.57 9.72
C ASP A 126 -38.61 -13.35 10.33
N ASP A 127 -38.82 -12.27 11.09
CA ASP A 127 -40.17 -11.94 11.57
C ASP A 127 -41.19 -11.82 10.45
N VAL A 128 -40.82 -11.12 9.39
CA VAL A 128 -41.79 -10.88 8.31
C VAL A 128 -42.12 -12.17 7.58
N SER A 129 -41.11 -13.01 7.38
CA SER A 129 -41.37 -14.32 6.75
C SER A 129 -42.29 -15.17 7.63
N ALA A 130 -42.02 -15.21 8.94
CA ALA A 130 -42.87 -15.92 9.88
C ALA A 130 -44.29 -15.38 9.89
N GLN A 131 -44.43 -14.05 9.93
CA GLN A 131 -45.76 -13.41 9.88
C GLN A 131 -46.52 -13.75 8.59
N HIS A 132 -45.80 -13.72 7.48
CA HIS A 132 -46.43 -14.07 6.20
C HIS A 132 -46.94 -15.52 6.23
N THR A 133 -46.18 -16.42 6.82
CA THR A 133 -46.62 -17.83 6.90
C THR A 133 -47.84 -17.93 7.80
N LEU A 134 -47.82 -17.19 8.90
CA LEU A 134 -48.94 -17.14 9.83
C LEU A 134 -50.21 -16.69 9.11
N LEU A 135 -50.10 -15.58 8.38
CA LEU A 135 -51.30 -15.01 7.76
C LEU A 135 -51.87 -15.92 6.68
N THR A 136 -51.02 -16.43 5.80
CA THR A 136 -51.54 -17.23 4.68
C THR A 136 -51.97 -18.63 5.10
N GLU A 137 -51.15 -19.29 5.92
CA GLU A 137 -51.37 -20.69 6.24
C GLU A 137 -52.31 -20.91 7.42
N TYR A 138 -52.30 -20.01 8.39
CA TYR A 138 -53.17 -20.18 9.56
C TYR A 138 -54.47 -19.42 9.40
N PHE A 139 -54.41 -18.16 8.98
CA PHE A 139 -55.64 -17.37 8.85
C PHE A 139 -56.28 -17.42 7.45
N GLY A 140 -55.54 -17.82 6.41
CA GLY A 140 -56.08 -17.85 5.06
C GLY A 140 -56.17 -16.46 4.47
N ILE A 141 -55.40 -15.55 5.02
CA ILE A 141 -55.37 -14.15 4.55
C ILE A 141 -54.37 -14.01 3.40
N GLU A 142 -54.77 -13.34 2.33
CA GLU A 142 -53.93 -13.26 1.15
C GLU A 142 -53.52 -11.83 0.77
N SER A 143 -53.94 -10.84 1.55
CA SER A 143 -53.46 -9.47 1.42
C SER A 143 -53.80 -8.73 2.72
N LEU A 144 -53.14 -7.59 2.95
CA LEU A 144 -53.38 -6.74 4.13
C LEU A 144 -53.92 -5.35 3.76
N ALA A 145 -55.00 -4.93 4.42
CA ALA A 145 -55.52 -3.57 4.25
C ALA A 145 -54.50 -2.53 4.70
N LEU A 146 -53.67 -2.88 5.69
CA LEU A 146 -52.69 -1.95 6.27
C LEU A 146 -51.69 -2.76 7.07
N VAL A 147 -50.40 -2.42 6.93
CA VAL A 147 -49.37 -2.82 7.88
C VAL A 147 -48.95 -1.54 8.60
N VAL A 148 -48.97 -1.54 9.92
CA VAL A 148 -48.61 -0.35 10.68
C VAL A 148 -47.82 -0.73 11.93
N GLY A 149 -46.72 -0.02 12.18
CA GLY A 149 -45.98 -0.26 13.41
C GLY A 149 -45.07 0.91 13.69
N GLY A 150 -44.55 0.97 14.91
CA GLY A 150 -43.66 2.05 15.29
C GLY A 150 -42.29 1.49 15.64
N SER A 151 -41.28 2.26 15.28
CA SER A 151 -39.86 1.95 15.51
C SER A 151 -39.48 0.56 14.95
N MET A 152 -39.12 -0.43 15.78
CA MET A 152 -38.91 -1.77 15.21
C MET A 152 -40.14 -2.30 14.48
N GLY A 153 -41.31 -1.87 14.93
CA GLY A 153 -42.57 -2.15 14.24
C GLY A 153 -42.59 -1.53 12.83
N ALA A 154 -42.01 -0.34 12.70
CA ALA A 154 -41.86 0.34 11.41
C ALA A 154 -40.82 -0.38 10.54
N GLN A 155 -39.73 -0.84 11.16
CA GLN A 155 -38.77 -1.64 10.41
C GLN A 155 -39.43 -2.86 9.77
N GLN A 156 -40.26 -3.58 10.54
CA GLN A 156 -41.00 -4.71 9.98
C GLN A 156 -42.00 -4.27 8.89
N THR A 157 -42.61 -3.10 9.09
CA THR A 157 -43.54 -2.56 8.11
C THR A 157 -42.86 -2.33 6.74
N TYR A 158 -41.70 -1.68 6.74
CA TYR A 158 -40.94 -1.49 5.50
C TYR A 158 -40.55 -2.82 4.88
N GLU A 159 -40.06 -3.73 5.70
CA GLU A 159 -39.67 -5.02 5.18
C GLU A 159 -40.86 -5.76 4.54
N TRP A 160 -42.03 -5.68 5.18
CA TRP A 160 -43.26 -6.22 4.57
C TRP A 160 -43.53 -5.61 3.20
N ALA A 161 -43.47 -4.28 3.12
CA ALA A 161 -43.84 -3.58 1.88
C ALA A 161 -42.86 -3.86 0.75
N VAL A 162 -41.61 -4.18 1.08
CA VAL A 162 -40.59 -4.46 0.06
C VAL A 162 -40.60 -5.94 -0.32
N ARG A 163 -40.75 -6.81 0.66
CA ARG A 163 -40.62 -8.26 0.45
C ARG A 163 -41.85 -8.86 -0.23
N TYR A 164 -43.02 -8.35 0.11
CA TYR A 164 -44.27 -8.80 -0.49
C TYR A 164 -45.10 -7.63 -1.02
N PRO A 165 -44.64 -7.01 -2.11
CA PRO A 165 -45.23 -5.69 -2.43
C PRO A 165 -46.71 -5.70 -2.79
N ASP A 166 -47.19 -6.74 -3.46
CA ASP A 166 -48.63 -6.82 -3.74
C ASP A 166 -49.50 -7.15 -2.52
N PHE A 167 -48.91 -7.82 -1.54
CA PHE A 167 -49.63 -8.27 -0.36
C PHE A 167 -50.05 -7.07 0.51
N VAL A 168 -49.22 -6.02 0.52
CA VAL A 168 -49.42 -4.90 1.43
C VAL A 168 -50.11 -3.77 0.68
N LYS A 169 -51.39 -3.52 0.99
CA LYS A 169 -52.12 -2.49 0.24
C LYS A 169 -51.78 -1.08 0.73
N ARG A 170 -51.47 -0.96 2.02
CA ARG A 170 -51.18 0.34 2.66
C ARG A 170 -50.15 0.07 3.73
N ALA A 171 -49.24 1.03 3.96
CA ALA A 171 -48.21 0.88 4.96
C ALA A 171 -48.09 2.19 5.72
N ALA A 172 -48.00 2.10 7.03
CA ALA A 172 -47.75 3.26 7.86
C ALA A 172 -46.55 2.97 8.74
N ALA A 173 -45.47 3.69 8.45
CA ALA A 173 -44.20 3.51 9.18
C ALA A 173 -44.00 4.64 10.14
N ILE A 174 -44.28 4.39 11.41
CA ILE A 174 -44.19 5.42 12.45
C ILE A 174 -42.85 5.35 13.17
N ALA A 175 -42.13 6.48 13.18
CA ALA A 175 -40.92 6.61 13.95
C ALA A 175 -39.93 5.45 13.72
N GLY A 176 -39.61 5.18 12.46
CA GLY A 176 -38.60 4.17 12.17
C GLY A 176 -38.15 4.27 10.72
N THR A 177 -37.04 3.59 10.40
CA THR A 177 -36.50 3.67 9.04
C THR A 177 -36.43 2.30 8.36
N ALA A 178 -36.23 2.34 7.05
CA ALA A 178 -36.16 1.15 6.25
C ALA A 178 -34.74 0.57 6.24
N ARG A 179 -33.73 1.41 6.41
CA ARG A 179 -32.35 0.94 6.55
C ARG A 179 -31.69 1.66 7.71
N ASN A 180 -31.17 0.89 8.67
CA ASN A 180 -30.74 1.49 9.92
C ASN A 180 -29.45 2.31 9.74
N SER A 181 -29.36 3.45 10.42
CA SER A 181 -28.19 4.34 10.29
C SER A 181 -27.03 3.90 11.17
N GLU A 182 -25.85 4.48 10.92
CA GLU A 182 -24.69 4.19 11.76
C GLU A 182 -24.88 4.78 13.16
N HIS A 183 -25.50 5.96 13.24
CA HIS A 183 -25.73 6.59 14.53
C HIS A 183 -26.69 5.75 15.37
N ASP A 184 -27.72 5.19 14.73
CA ASP A 184 -28.69 4.40 15.50
C ASP A 184 -28.04 3.09 15.96
N PHE A 185 -27.20 2.52 15.10
CA PHE A 185 -26.45 1.33 15.44
C PHE A 185 -25.56 1.56 16.67
N LEU A 186 -24.88 2.71 16.69
CA LEU A 186 -24.09 3.08 17.89
C LEU A 186 -24.93 3.21 19.17
N PHE A 187 -26.07 3.90 19.06
CA PHE A 187 -26.98 4.00 20.19
C PHE A 187 -27.34 2.62 20.75
N THR A 188 -27.73 1.72 19.85
CA THR A 188 -28.12 0.39 20.30
C THR A 188 -26.92 -0.39 20.82
N GLU A 189 -25.74 -0.18 20.24
CA GLU A 189 -24.52 -0.80 20.79
C GLU A 189 -24.28 -0.35 22.22
N ILE A 190 -24.46 0.93 22.48
CA ILE A 190 -24.26 1.46 23.83
C ILE A 190 -25.30 0.89 24.77
N LEU A 191 -26.54 0.77 24.28
CA LEU A 191 -27.61 0.13 25.08
C LEU A 191 -27.29 -1.31 25.42
N ILE A 192 -26.76 -2.03 24.44
CA ILE A 192 -26.36 -3.43 24.65
C ILE A 192 -25.25 -3.50 25.71
N GLU A 193 -24.27 -2.63 25.59
CA GLU A 193 -23.13 -2.71 26.52
C GLU A 193 -23.55 -2.35 27.95
N ALA A 194 -24.58 -1.54 28.09
CA ALA A 194 -25.08 -1.22 29.44
C ALA A 194 -25.44 -2.52 30.18
N ILE A 195 -26.01 -3.46 29.43
CA ILE A 195 -26.38 -4.74 29.96
C ILE A 195 -25.19 -5.68 30.04
N THR A 196 -24.43 -5.82 28.94
CA THR A 196 -23.42 -6.89 28.91
C THR A 196 -22.22 -6.60 29.77
N THR A 197 -21.98 -5.33 30.10
CA THR A 197 -20.86 -5.03 31.00
C THR A 197 -21.16 -5.21 32.50
N ASP A 198 -22.42 -5.48 32.84
CA ASP A 198 -22.78 -5.85 34.21
C ASP A 198 -22.18 -7.23 34.50
N PRO A 199 -21.30 -7.36 35.49
CA PRO A 199 -20.75 -8.70 35.70
C PRO A 199 -21.82 -9.74 36.00
N ALA A 200 -22.93 -9.30 36.59
CA ALA A 200 -24.03 -10.20 36.92
C ALA A 200 -24.67 -10.82 35.67
N PHE A 201 -24.45 -10.22 34.50
CA PHE A 201 -24.97 -10.76 33.25
C PHE A 201 -24.41 -12.18 32.98
N GLN A 202 -23.17 -12.41 33.39
CA GLN A 202 -22.53 -13.73 33.28
C GLN A 202 -22.69 -14.37 31.90
N ALA A 203 -22.50 -13.55 30.87
CA ALA A 203 -22.45 -14.00 29.49
C ALA A 203 -23.76 -14.63 29.08
N GLY A 204 -24.85 -14.20 29.73
CA GLY A 204 -26.17 -14.67 29.38
C GLY A 204 -26.67 -15.79 30.26
N LEU A 205 -25.83 -16.20 31.21
CA LEU A 205 -26.15 -17.30 32.13
C LEU A 205 -26.58 -16.83 33.51
N TYR A 206 -27.07 -15.60 33.60
CA TYR A 206 -27.49 -15.02 34.88
C TYR A 206 -28.55 -15.85 35.56
N ARG A 207 -28.55 -15.83 36.90
CA ARG A 207 -29.47 -16.66 37.66
C ARG A 207 -30.90 -16.19 37.43
N SER A 208 -31.10 -14.88 37.40
CA SER A 208 -32.42 -14.33 37.15
C SER A 208 -32.29 -12.95 36.59
N SER A 209 -33.37 -12.44 36.00
N SER A 209 -33.38 -12.46 35.97
CA SER A 209 -33.38 -11.12 35.43
CA SER A 209 -33.51 -11.08 35.48
C SER A 209 -33.08 -10.06 36.50
C SER A 209 -33.02 -10.12 36.52
N SER A 210 -33.55 -10.31 37.73
CA SER A 210 -33.32 -9.42 38.86
C SER A 210 -31.83 -9.25 39.21
N ALA A 211 -31.03 -10.28 38.94
CA ALA A 211 -29.60 -10.25 39.25
C ALA A 211 -28.89 -9.20 38.42
N VAL A 212 -29.45 -8.92 37.25
CA VAL A 212 -28.86 -7.99 36.29
C VAL A 212 -29.50 -6.60 36.40
N ALA A 213 -30.02 -6.27 37.59
CA ALA A 213 -30.70 -4.99 37.78
C ALA A 213 -29.82 -3.78 37.48
N ALA A 214 -28.53 -3.84 37.80
CA ALA A 214 -27.65 -2.69 37.54
C ALA A 214 -27.58 -2.39 36.04
N GLY A 215 -27.36 -3.44 35.23
CA GLY A 215 -27.32 -3.29 33.79
C GLY A 215 -28.65 -2.79 33.25
N LEU A 216 -29.75 -3.33 33.78
CA LEU A 216 -31.07 -2.91 33.29
C LEU A 216 -31.36 -1.42 33.65
N GLU A 217 -30.97 -1.00 34.84
CA GLU A 217 -31.12 0.41 35.23
C GLU A 217 -30.27 1.34 34.33
N ARG A 218 -29.04 0.93 33.97
CA ARG A 218 -28.19 1.78 33.11
C ARG A 218 -28.83 1.89 31.73
N HIS A 219 -29.40 0.76 31.30
CA HIS A 219 -30.13 0.68 30.04
C HIS A 219 -31.31 1.66 30.07
N ALA A 220 -32.06 1.65 31.18
CA ALA A 220 -33.17 2.58 31.37
C ALA A 220 -32.71 4.04 31.35
N LYS A 221 -31.58 4.34 31.98
CA LYS A 221 -31.09 5.73 31.98
C LYS A 221 -30.74 6.18 30.58
N LEU A 222 -30.13 5.30 29.80
CA LEU A 222 -29.79 5.65 28.41
C LEU A 222 -31.03 5.89 27.59
N TRP A 223 -32.08 5.10 27.83
CA TRP A 223 -33.37 5.32 27.18
C TRP A 223 -33.99 6.65 27.60
N THR A 224 -33.76 7.07 28.83
CA THR A 224 -34.29 8.36 29.27
C THR A 224 -33.59 9.50 28.52
N LEU A 225 -32.28 9.35 28.35
CA LEU A 225 -31.45 10.33 27.66
C LEU A 225 -31.87 10.52 26.20
N MET A 226 -32.14 9.41 25.51
CA MET A 226 -32.36 9.44 24.04
C MET A 226 -33.82 9.24 23.62
N GLY A 227 -34.67 8.80 24.54
CA GLY A 227 -35.99 8.34 24.14
C GLY A 227 -37.07 9.40 24.13
N TRP A 228 -36.78 10.56 24.74
CA TRP A 228 -37.80 11.62 24.84
C TRP A 228 -37.28 12.80 24.05
N SER A 229 -37.15 13.98 24.67
CA SER A 229 -36.41 15.07 24.04
C SER A 229 -35.99 16.08 25.11
N PRO A 230 -35.01 16.92 24.81
CA PRO A 230 -34.70 17.99 25.77
C PRO A 230 -35.94 18.87 26.06
N GLU A 231 -36.76 19.12 25.04
CA GLU A 231 -37.96 19.93 25.23
C GLU A 231 -38.99 19.27 26.14
N PHE A 232 -39.11 17.95 26.02
CA PHE A 232 -39.98 17.17 26.92
C PHE A 232 -39.70 17.55 28.37
N PHE A 233 -38.43 17.52 28.73
CA PHE A 233 -38.02 17.81 30.11
C PHE A 233 -38.04 19.29 30.40
N ARG A 234 -37.59 20.11 29.45
CA ARG A 234 -37.53 21.53 29.74
C ARG A 234 -38.91 22.07 30.06
N THR A 235 -39.93 21.55 29.38
CA THR A 235 -41.27 22.12 29.55
C THR A 235 -42.07 21.36 30.61
N GLY A 236 -41.42 20.38 31.24
CA GLY A 236 -42.02 19.73 32.40
C GLY A 236 -43.06 18.67 32.09
N ARG A 237 -42.94 18.01 30.94
CA ARG A 237 -43.87 16.93 30.57
C ARG A 237 -43.87 15.79 31.59
N HIS A 238 -42.71 15.50 32.16
CA HIS A 238 -42.61 14.45 33.15
C HIS A 238 -43.48 14.79 34.37
N LYS A 239 -43.56 16.08 34.71
CA LYS A 239 -44.41 16.51 35.81
C LYS A 239 -45.89 16.39 35.42
N ALA A 240 -46.22 16.75 34.19
CA ALA A 240 -47.60 16.59 33.72
C ALA A 240 -48.00 15.13 33.80
N LEU A 241 -47.06 14.22 33.53
CA LEU A 241 -47.32 12.78 33.57
C LEU A 241 -47.36 12.25 35.02
N GLY A 242 -47.14 13.13 35.99
CA GLY A 242 -47.26 12.79 37.40
C GLY A 242 -45.98 12.48 38.15
N PHE A 243 -44.83 12.86 37.59
CA PHE A 243 -43.54 12.64 38.25
C PHE A 243 -42.88 13.99 38.63
N GLU A 244 -42.68 14.19 39.93
CA GLU A 244 -42.24 15.47 40.50
C GLU A 244 -40.91 16.00 39.98
N SER A 245 -40.02 15.09 39.59
CA SER A 245 -38.63 15.43 39.27
C SER A 245 -38.09 14.45 38.25
N MET A 246 -36.95 14.79 37.62
CA MET A 246 -36.27 13.85 36.75
C MET A 246 -35.95 12.58 37.51
N GLN A 247 -35.50 12.71 38.77
CA GLN A 247 -35.18 11.51 39.55
C GLN A 247 -36.42 10.61 39.68
N MET A 248 -37.58 11.19 39.98
CA MET A 248 -38.79 10.38 40.17
C MET A 248 -39.24 9.74 38.85
N PHE A 249 -39.05 10.46 37.74
CA PHE A 249 -39.38 9.93 36.41
C PHE A 249 -38.46 8.78 36.00
N VAL A 250 -37.15 8.97 36.19
CA VAL A 250 -36.21 7.91 35.87
C VAL A 250 -36.49 6.67 36.73
N ASP A 251 -36.69 6.85 38.04
CA ASP A 251 -36.91 5.71 38.91
C ASP A 251 -38.31 5.08 38.75
N GLY A 252 -39.35 5.93 38.69
CA GLY A 252 -40.72 5.45 38.77
C GLY A 252 -41.34 5.06 37.45
N PHE A 253 -40.83 5.60 36.36
CA PHE A 253 -41.32 5.26 35.02
C PHE A 253 -40.30 4.37 34.28
N MET A 254 -39.09 4.89 34.09
CA MET A 254 -38.16 4.27 33.13
C MET A 254 -37.47 3.03 33.73
N LYS A 255 -36.87 3.16 34.92
CA LYS A 255 -36.26 1.99 35.53
C LYS A 255 -37.31 0.88 35.77
N ARG A 256 -38.48 1.29 36.22
CA ARG A 256 -39.54 0.34 36.52
C ARG A 256 -39.99 -0.42 35.27
N TYR A 257 -39.99 0.26 34.13
CA TYR A 257 -40.41 -0.35 32.85
C TYR A 257 -39.48 -1.51 32.48
N PHE A 258 -38.17 -1.30 32.58
CA PHE A 258 -37.21 -2.31 32.16
C PHE A 258 -36.89 -3.34 33.25
N ALA A 259 -37.14 -3.01 34.52
CA ALA A 259 -36.73 -3.88 35.63
C ALA A 259 -37.12 -5.37 35.52
N PRO A 260 -38.36 -5.67 35.08
CA PRO A 260 -38.69 -7.11 35.12
C PRO A 260 -38.34 -7.87 33.84
N MET A 261 -37.66 -7.22 32.90
CA MET A 261 -37.48 -7.80 31.56
C MET A 261 -36.25 -8.68 31.50
N ASP A 262 -36.20 -9.54 30.48
CA ASP A 262 -35.12 -10.51 30.39
C ASP A 262 -33.96 -9.98 29.55
N PRO A 263 -32.75 -9.92 30.13
CA PRO A 263 -31.61 -9.38 29.37
C PRO A 263 -31.35 -10.10 28.04
N ASN A 264 -31.42 -11.44 28.01
CA ASN A 264 -31.17 -12.13 26.73
C ASN A 264 -32.21 -11.73 25.68
N ASN A 265 -33.48 -11.67 26.06
CA ASN A 265 -34.50 -11.19 25.08
C ASN A 265 -34.25 -9.76 24.56
N LEU A 266 -33.88 -8.84 25.45
CA LEU A 266 -33.59 -7.49 25.01
C LEU A 266 -32.41 -7.48 24.00
N LEU A 267 -31.40 -8.30 24.25
CA LEU A 267 -30.24 -8.34 23.34
C LEU A 267 -30.65 -8.93 21.98
N THR A 268 -31.56 -9.90 21.98
CA THR A 268 -32.06 -10.44 20.70
C THR A 268 -32.73 -9.34 19.89
N MET A 269 -33.59 -8.56 20.54
CA MET A 269 -34.32 -7.52 19.82
C MET A 269 -33.38 -6.40 19.43
N ALA A 270 -32.42 -6.06 20.30
CA ALA A 270 -31.42 -5.05 19.98
C ALA A 270 -30.56 -5.43 18.76
N TRP A 271 -30.09 -6.68 18.70
CA TRP A 271 -29.26 -7.14 17.56
C TRP A 271 -30.06 -6.99 16.27
N LYS A 272 -31.34 -7.35 16.38
CA LYS A 272 -32.24 -7.34 15.23
C LYS A 272 -32.44 -5.89 14.75
N TRP A 273 -32.77 -5.03 15.71
CA TRP A 273 -32.99 -3.61 15.48
C TRP A 273 -31.78 -3.00 14.77
N GLN A 274 -30.57 -3.29 15.27
CA GLN A 274 -29.36 -2.74 14.66
C GLN A 274 -29.21 -3.01 13.16
N ARG A 275 -29.78 -4.12 12.71
CA ARG A 275 -29.51 -4.61 11.36
C ARG A 275 -30.68 -4.53 10.39
N GLY A 276 -31.77 -3.89 10.82
CA GLY A 276 -32.92 -3.70 9.91
C GLY A 276 -32.44 -3.03 8.61
N ASP A 277 -32.69 -3.66 7.47
CA ASP A 277 -32.13 -3.20 6.21
C ASP A 277 -32.86 -3.85 5.03
N VAL A 278 -33.86 -3.16 4.45
CA VAL A 278 -34.60 -3.73 3.33
C VAL A 278 -33.75 -3.79 2.06
N SER A 279 -32.62 -3.07 2.03
CA SER A 279 -31.75 -3.11 0.83
C SER A 279 -31.00 -4.43 0.69
N ARG A 280 -31.06 -5.27 1.72
CA ARG A 280 -30.54 -6.64 1.58
C ARG A 280 -31.24 -7.37 0.42
N HIS A 281 -32.46 -6.96 0.07
CA HIS A 281 -33.14 -7.57 -1.09
C HIS A 281 -32.55 -7.16 -2.44
N THR A 282 -31.82 -6.05 -2.46
CA THR A 282 -31.41 -5.48 -3.75
C THR A 282 -29.93 -5.13 -3.75
N GLY A 283 -29.11 -6.02 -3.17
CA GLY A 283 -27.66 -5.85 -3.12
C GLY A 283 -27.15 -4.56 -2.47
N GLY A 284 -27.91 -3.98 -1.55
CA GLY A 284 -27.45 -2.79 -0.85
C GLY A 284 -27.95 -1.49 -1.46
N ASP A 285 -28.73 -1.61 -2.52
CA ASP A 285 -29.28 -0.47 -3.24
C ASP A 285 -30.63 -0.10 -2.64
N LEU A 286 -30.62 0.87 -1.74
CA LEU A 286 -31.86 1.22 -1.04
C LEU A 286 -32.93 1.81 -1.95
N ALA A 287 -32.53 2.67 -2.89
CA ALA A 287 -33.49 3.26 -3.83
C ALA A 287 -34.22 2.17 -4.63
N LYS A 288 -33.50 1.12 -5.01
CA LYS A 288 -34.09 0.01 -5.75
C LYS A 288 -35.08 -0.77 -4.89
N ALA A 289 -34.71 -1.03 -3.64
CA ALA A 289 -35.57 -1.71 -2.69
C ALA A 289 -36.86 -0.92 -2.41
N LEU A 290 -36.71 0.36 -2.07
CA LEU A 290 -37.89 1.18 -1.77
C LEU A 290 -38.75 1.42 -3.03
N GLY A 291 -38.11 1.39 -4.20
CA GLY A 291 -38.83 1.52 -5.46
C GLY A 291 -39.75 0.35 -5.76
N ARG A 292 -39.52 -0.77 -5.08
CA ARG A 292 -40.39 -1.97 -5.20
C ARG A 292 -41.75 -1.81 -4.50
N ILE A 293 -41.83 -0.85 -3.58
CA ILE A 293 -43.02 -0.72 -2.75
C ILE A 293 -44.21 -0.30 -3.61
N LYS A 294 -45.31 -1.06 -3.54
CA LYS A 294 -46.55 -0.71 -4.23
C LYS A 294 -47.62 -0.17 -3.27
N ALA A 295 -47.44 -0.45 -1.98
CA ALA A 295 -48.38 -0.01 -0.95
C ALA A 295 -48.51 1.50 -0.93
N LYS A 296 -49.72 2.00 -0.73
CA LYS A 296 -49.89 3.42 -0.36
C LYS A 296 -49.26 3.62 0.98
N THR A 297 -48.21 4.45 1.03
CA THR A 297 -47.39 4.51 2.24
C THR A 297 -47.31 5.91 2.89
N TYR A 298 -47.58 5.97 4.19
CA TYR A 298 -47.34 7.17 5.01
C TYR A 298 -46.08 6.98 5.84
N VAL A 299 -45.13 7.91 5.69
CA VAL A 299 -43.89 7.91 6.46
C VAL A 299 -44.06 8.95 7.55
N MET A 300 -44.04 8.50 8.79
CA MET A 300 -44.47 9.35 9.92
C MET A 300 -43.45 9.35 11.06
N PRO A 301 -42.36 10.10 10.88
CA PRO A 301 -41.45 10.28 12.02
C PRO A 301 -42.13 11.13 13.11
N ILE A 302 -41.60 11.09 14.33
CA ILE A 302 -42.06 11.95 15.41
C ILE A 302 -41.11 13.13 15.41
N SER A 303 -41.66 14.35 15.46
CA SER A 303 -40.87 15.56 15.24
C SER A 303 -39.60 15.66 16.10
N HIS A 304 -39.70 15.29 17.38
CA HIS A 304 -38.58 15.47 18.30
C HIS A 304 -37.87 14.15 18.63
N ASP A 305 -38.09 13.12 17.81
CA ASP A 305 -37.36 11.84 17.94
C ASP A 305 -35.85 12.10 17.78
N GLN A 306 -35.07 11.72 18.79
CA GLN A 306 -33.63 11.93 18.79
C GLN A 306 -32.83 10.96 17.95
N PHE A 307 -33.39 9.82 17.54
CA PHE A 307 -32.55 8.87 16.82
C PHE A 307 -33.16 8.29 15.55
N PHE A 308 -34.48 8.38 15.38
CA PHE A 308 -35.06 8.13 14.06
C PHE A 308 -35.56 9.50 13.61
N THR A 309 -34.70 10.33 13.01
CA THR A 309 -35.04 11.75 12.85
C THR A 309 -35.96 12.02 11.68
N VAL A 310 -36.57 13.20 11.71
CA VAL A 310 -37.40 13.66 10.60
C VAL A 310 -36.57 13.64 9.31
N ASP A 311 -35.32 14.06 9.40
CA ASP A 311 -34.43 14.09 8.22
C ASP A 311 -34.10 12.68 7.71
N ASP A 312 -33.85 11.74 8.64
CA ASP A 312 -33.65 10.32 8.27
C ASP A 312 -34.84 9.79 7.48
N CYS A 313 -36.05 10.08 7.96
CA CYS A 313 -37.23 9.46 7.37
C CYS A 313 -37.60 10.18 6.10
N LEU A 314 -37.36 11.49 6.07
CA LEU A 314 -37.63 12.23 4.84
C LEU A 314 -36.78 11.68 3.68
N SER A 315 -35.51 11.35 3.95
CA SER A 315 -34.62 10.93 2.87
C SER A 315 -35.10 9.61 2.27
N GLU A 316 -35.71 8.76 3.09
CA GLU A 316 -36.28 7.48 2.60
C GLU A 316 -37.63 7.73 1.89
N GLN A 317 -38.45 8.61 2.44
CA GLN A 317 -39.76 8.87 1.84
C GLN A 317 -39.64 9.33 0.39
N LYS A 318 -38.61 10.11 0.11
CA LYS A 318 -38.37 10.61 -1.23
C LYS A 318 -38.14 9.50 -2.24
N MET A 319 -37.77 8.31 -1.75
CA MET A 319 -37.48 7.16 -2.61
C MET A 319 -38.65 6.17 -2.75
N ILE A 320 -39.75 6.44 -2.05
CA ILE A 320 -40.91 5.54 -2.07
C ILE A 320 -42.03 6.11 -2.97
N PRO A 321 -42.32 5.42 -4.08
CA PRO A 321 -43.30 6.02 -4.99
C PRO A 321 -44.70 6.01 -4.39
N ASN A 322 -45.56 6.98 -4.69
CA ASN A 322 -46.96 6.95 -4.20
C ASN A 322 -47.08 7.47 -2.74
N SER A 323 -45.96 7.62 -2.05
CA SER A 323 -45.95 7.85 -0.60
C SER A 323 -46.20 9.30 -0.20
N GLU A 324 -46.41 9.52 1.10
CA GLU A 324 -46.59 10.86 1.65
C GLU A 324 -45.80 10.99 2.92
N PHE A 325 -45.27 12.18 3.15
CA PHE A 325 -44.50 12.47 4.36
C PHE A 325 -45.40 13.19 5.35
N ARG A 326 -45.71 12.52 6.46
CA ARG A 326 -46.61 13.08 7.47
C ARG A 326 -46.03 12.98 8.89
N PRO A 327 -45.13 13.91 9.23
CA PRO A 327 -44.53 13.84 10.57
C PRO A 327 -45.60 14.03 11.65
N LEU A 328 -45.43 13.34 12.78
CA LEU A 328 -46.26 13.52 13.96
C LEU A 328 -45.61 14.59 14.84
N ARG A 329 -46.37 15.60 15.25
CA ARG A 329 -45.76 16.70 15.99
C ARG A 329 -45.85 16.35 17.46
N SER A 330 -44.71 16.08 18.10
CA SER A 330 -44.73 15.77 19.52
C SER A 330 -43.37 16.00 20.15
N ILE A 331 -43.32 16.82 21.20
CA ILE A 331 -42.04 17.00 21.91
C ILE A 331 -41.72 15.78 22.76
N ASP A 332 -42.63 14.78 22.82
CA ASP A 332 -42.34 13.59 23.62
C ASP A 332 -41.32 12.72 22.89
N GLY A 333 -41.07 13.00 21.62
CA GLY A 333 -39.99 12.30 20.94
C GLY A 333 -40.31 10.82 20.75
N HIS A 334 -39.25 10.01 20.71
CA HIS A 334 -39.46 8.63 20.33
C HIS A 334 -40.47 7.89 21.21
N LEU A 335 -40.36 8.06 22.53
CA LEU A 335 -41.22 7.28 23.42
C LEU A 335 -42.62 7.88 23.56
N GLY A 336 -42.92 8.90 22.77
CA GLY A 336 -44.32 9.26 22.51
C GLY A 336 -45.05 8.05 21.92
N LEU A 337 -44.33 7.04 21.45
CA LEU A 337 -44.98 5.81 21.00
C LEU A 337 -45.73 5.13 22.15
N PHE A 338 -45.30 5.39 23.38
CA PHE A 338 -45.89 4.77 24.56
C PHE A 338 -47.27 5.38 24.91
N GLY A 339 -47.73 6.33 24.13
CA GLY A 339 -49.05 6.89 24.35
C GLY A 339 -49.13 7.97 25.42
N THR A 340 -48.01 8.63 25.72
CA THR A 340 -47.99 9.72 26.69
C THR A 340 -48.62 11.03 26.20
N ASP A 341 -48.67 11.19 24.88
CA ASP A 341 -49.06 12.44 24.25
C ASP A 341 -50.38 12.24 23.47
N ALA A 342 -51.47 12.63 24.10
CA ALA A 342 -52.78 12.45 23.51
C ALA A 342 -52.96 13.31 22.23
N GLN A 343 -52.27 14.44 22.12
CA GLN A 343 -52.33 15.25 20.87
C GLN A 343 -51.76 14.44 19.71
N MET A 344 -50.62 13.83 19.97
CA MET A 344 -49.97 13.00 18.98
C MET A 344 -50.82 11.79 18.57
N LEU A 345 -51.44 11.12 19.53
CA LEU A 345 -52.40 10.04 19.22
C LEU A 345 -53.57 10.53 18.34
N ASP A 346 -54.05 11.75 18.62
CA ASP A 346 -55.15 12.31 17.84
C ASP A 346 -54.68 12.56 16.41
N GLN A 347 -53.47 13.12 16.23
CA GLN A 347 -52.95 13.31 14.87
C GLN A 347 -52.81 11.99 14.14
N LEU A 348 -52.28 10.99 14.85
CA LEU A 348 -52.06 9.71 14.22
C LEU A 348 -53.36 9.08 13.74
N ASP A 349 -54.41 9.18 14.57
CA ASP A 349 -55.70 8.58 14.20
C ASP A 349 -56.22 9.23 12.92
N ALA A 350 -56.02 10.54 12.82
CA ALA A 350 -56.51 11.30 11.67
C ALA A 350 -55.77 10.87 10.39
N HIS A 351 -54.44 10.75 10.48
CA HIS A 351 -53.65 10.31 9.32
C HIS A 351 -54.02 8.86 8.95
N LEU A 352 -54.10 7.98 9.94
CA LEU A 352 -54.42 6.59 9.65
C LEU A 352 -55.83 6.42 9.04
N ALA A 353 -56.78 7.21 9.51
CA ALA A 353 -58.14 7.12 8.96
C ALA A 353 -58.11 7.56 7.50
N GLU A 354 -57.30 8.56 7.20
CA GLU A 354 -57.21 9.07 5.85
C GLU A 354 -56.55 8.03 4.96
N LEU A 355 -55.52 7.38 5.49
CA LEU A 355 -54.82 6.31 4.75
C LEU A 355 -55.76 5.16 4.44
N LEU A 356 -56.55 4.75 5.42
CA LEU A 356 -57.48 3.63 5.24
C LEU A 356 -58.63 3.96 4.30
N SER A 357 -58.78 5.23 3.95
CA SER A 357 -59.88 5.59 3.03
C SER A 357 -59.40 5.72 1.58
N SER A 358 -58.11 5.44 1.33
CA SER A 358 -57.62 5.49 -0.03
C SER A 358 -58.32 4.38 -0.85
N PRO A 359 -58.76 4.69 -2.07
CA PRO A 359 -59.59 3.78 -2.87
C PRO A 359 -58.89 2.46 -3.16
N ALA A 360 -59.62 1.36 -3.10
CA ALA A 360 -59.02 0.06 -3.34
C ALA A 360 -58.82 -0.13 -4.82
N TYR A 361 -57.62 -0.55 -5.25
CA TYR A 361 -57.37 -0.85 -6.67
C TYR A 361 -57.27 -2.33 -6.89
N SER B 15 1.79 12.92 31.66
CA SER B 15 2.48 13.34 30.44
C SER B 15 1.56 14.11 29.48
N TYR B 16 0.25 14.02 29.70
CA TYR B 16 -0.66 14.74 28.83
C TYR B 16 -0.69 16.23 29.17
N TYR B 17 -0.73 16.52 30.47
CA TYR B 17 -0.96 17.91 30.90
C TYR B 17 0.31 18.73 31.06
N THR B 18 1.01 18.94 29.95
CA THR B 18 2.30 19.59 30.00
C THR B 18 2.35 20.88 29.21
N GLU B 19 3.37 21.70 29.46
CA GLU B 19 3.52 22.90 28.66
C GLU B 19 3.88 22.50 27.23
N GLU B 20 4.51 21.36 27.04
CA GLU B 20 4.88 21.02 25.68
C GLU B 20 3.65 20.71 24.85
N ASN B 21 2.62 20.13 25.45
CA ASN B 21 1.39 19.87 24.74
C ASN B 21 0.44 21.07 24.68
N HIS B 22 0.40 21.86 25.75
CA HIS B 22 -0.65 22.89 25.87
C HIS B 22 -0.16 24.32 25.99
N GLY B 23 1.17 24.50 26.01
CA GLY B 23 1.79 25.77 26.27
C GLY B 23 1.97 26.55 24.97
N PRO B 24 2.52 27.77 25.08
CA PRO B 24 2.99 28.27 26.38
C PRO B 24 1.85 28.83 27.22
N PHE B 25 2.00 28.71 28.52
CA PHE B 25 1.08 29.36 29.44
C PHE B 25 1.88 29.74 30.66
N GLU B 26 1.30 30.62 31.47
CA GLU B 26 1.91 31.01 32.73
C GLU B 26 1.10 30.42 33.90
N LEU B 27 1.77 29.96 34.95
CA LEU B 27 1.05 29.52 36.14
C LEU B 27 1.03 30.67 37.13
N ILE B 28 -0.14 31.19 37.43
CA ILE B 28 -0.25 32.35 38.32
C ILE B 28 -0.92 31.93 39.63
N ASN B 29 -0.19 32.05 40.72
CA ASN B 29 -0.75 31.76 42.03
C ASN B 29 -1.58 32.95 42.51
N ILE B 30 -2.90 32.79 42.57
CA ILE B 30 -3.71 33.91 43.05
C ILE B 30 -3.98 33.87 44.56
N GLY B 31 -3.29 32.99 45.28
CA GLY B 31 -3.44 32.91 46.72
C GLY B 31 -4.54 31.95 47.12
N PRO B 32 -4.96 32.00 48.39
CA PRO B 32 -6.02 31.12 48.90
C PRO B 32 -7.36 31.36 48.21
N LEU B 33 -8.12 30.30 47.98
CA LEU B 33 -9.43 30.44 47.34
C LEU B 33 -10.47 29.70 48.14
N PRO B 34 -11.26 30.44 48.93
CA PRO B 34 -12.39 29.77 49.59
C PRO B 34 -13.43 29.39 48.56
N LEU B 35 -13.82 28.12 48.55
CA LEU B 35 -14.73 27.60 47.55
C LEU B 35 -16.16 27.61 48.04
N GLU B 36 -17.10 27.74 47.10
CA GLU B 36 -18.51 27.84 47.49
C GLU B 36 -18.96 26.61 48.26
N GLU B 37 -18.43 25.44 47.95
CA GLU B 37 -18.90 24.22 48.63
C GLU B 37 -18.34 24.12 50.04
N GLY B 38 -17.41 25.00 50.39
CA GLY B 38 -16.98 25.10 51.77
C GLY B 38 -15.51 24.83 52.07
N ARG B 39 -14.79 24.19 51.16
CA ARG B 39 -13.38 23.96 51.40
C ARG B 39 -12.55 25.12 50.87
N CYS B 40 -11.35 25.28 51.40
CA CYS B 40 -10.46 26.34 50.97
C CYS B 40 -9.24 25.71 50.31
N MET B 41 -8.88 26.19 49.12
CA MET B 41 -7.62 25.84 48.51
C MET B 41 -6.58 26.75 49.13
N PRO B 42 -5.51 26.18 49.72
CA PRO B 42 -4.50 27.05 50.33
C PRO B 42 -3.84 27.91 49.26
N GLU B 43 -3.70 27.36 48.07
CA GLU B 43 -3.19 28.16 46.95
C GLU B 43 -3.90 27.73 45.68
N CYS B 44 -4.31 28.70 44.89
CA CYS B 44 -4.98 28.34 43.65
C CYS B 44 -4.07 28.82 42.53
N LEU B 45 -3.62 27.87 41.69
CA LEU B 45 -2.77 28.20 40.55
C LEU B 45 -3.65 28.24 39.32
N LEU B 46 -3.63 29.36 38.60
CA LEU B 46 -4.35 29.43 37.34
C LEU B 46 -3.33 29.41 36.20
N ALA B 47 -3.52 28.48 35.26
CA ALA B 47 -2.73 28.49 34.03
C ALA B 47 -3.37 29.48 33.05
N VAL B 48 -2.59 30.48 32.65
CA VAL B 48 -3.14 31.58 31.85
C VAL B 48 -2.30 31.73 30.60
N ALA B 49 -2.96 31.87 29.45
CA ALA B 49 -2.26 32.17 28.21
C ALA B 49 -2.72 33.55 27.78
N VAL B 50 -1.78 34.44 27.49
CA VAL B 50 -2.11 35.79 27.09
C VAL B 50 -1.68 36.03 25.66
N HIS B 51 -2.62 36.42 24.80
CA HIS B 51 -2.29 36.75 23.42
C HIS B 51 -2.63 38.20 23.12
N GLY B 52 -1.61 38.99 22.82
CA GLY B 52 -1.78 40.40 22.48
C GLY B 52 -1.52 41.30 23.67
N ALA B 53 -1.36 42.60 23.41
CA ALA B 53 -1.00 43.55 24.43
C ALA B 53 -2.20 44.34 24.96
N LEU B 54 -2.22 44.59 26.26
CA LEU B 54 -3.21 45.43 26.89
C LEU B 54 -2.93 46.93 26.55
N ASN B 55 -3.94 47.68 26.11
CA ASN B 55 -3.64 49.10 25.82
C ASN B 55 -3.65 49.94 27.11
N ALA B 56 -3.23 51.21 27.01
CA ALA B 56 -3.09 52.04 28.18
C ALA B 56 -4.41 52.33 28.90
N ASP B 57 -5.51 52.41 28.16
CA ASP B 57 -6.83 52.52 28.77
C ASP B 57 -7.27 51.21 29.44
N LYS B 58 -6.49 50.14 29.21
CA LYS B 58 -6.93 48.79 29.55
C LYS B 58 -8.37 48.52 29.09
N SER B 59 -8.70 48.95 27.87
CA SER B 59 -10.07 48.81 27.38
C SER B 59 -10.23 47.71 26.36
N ASN B 60 -9.16 46.97 26.06
CA ASN B 60 -9.20 45.96 25.00
C ASN B 60 -8.93 44.53 25.49
N ALA B 61 -9.34 44.23 26.72
CA ALA B 61 -9.12 42.88 27.27
C ALA B 61 -10.29 41.99 26.95
N ILE B 62 -9.98 40.78 26.49
CA ILE B 62 -11.01 39.78 26.26
C ILE B 62 -10.71 38.56 27.13
N LEU B 63 -11.71 38.08 27.86
CA LEU B 63 -11.53 36.89 28.71
C LEU B 63 -12.12 35.69 27.99
N VAL B 64 -11.34 34.61 27.91
CA VAL B 64 -11.81 33.37 27.28
C VAL B 64 -11.61 32.20 28.23
N PRO B 65 -12.69 31.76 28.87
CA PRO B 65 -12.69 30.59 29.77
C PRO B 65 -12.60 29.33 28.92
N THR B 66 -12.17 28.21 29.48
CA THR B 66 -12.03 26.98 28.71
C THR B 66 -13.20 26.04 28.99
N TRP B 67 -13.33 25.00 28.17
CA TRP B 67 -14.54 24.19 28.21
C TRP B 67 -14.26 22.79 28.78
N TYR B 68 -15.31 21.95 28.82
CA TYR B 68 -15.14 20.61 29.39
C TYR B 68 -14.05 19.80 28.67
N SER B 69 -13.11 19.26 29.45
CA SER B 69 -11.98 18.44 28.97
C SER B 69 -10.95 19.22 28.16
N GLY B 70 -11.16 20.53 28.04
CA GLY B 70 -10.36 21.33 27.15
C GLY B 70 -9.32 22.17 27.89
N THR B 71 -8.38 22.74 27.13
CA THR B 71 -7.36 23.64 27.69
C THR B 71 -7.32 24.91 26.84
N SER B 72 -6.49 25.86 27.27
CA SER B 72 -6.27 27.10 26.54
C SER B 72 -5.71 26.85 25.13
N LYS B 73 -5.02 25.73 24.93
CA LYS B 73 -4.42 25.47 23.64
C LYS B 73 -5.52 25.29 22.55
N ALA B 74 -6.62 24.63 22.88
CA ALA B 74 -7.75 24.48 21.95
C ALA B 74 -8.35 25.83 21.55
N MET B 75 -8.53 26.70 22.54
CA MET B 75 -9.11 28.00 22.28
C MET B 75 -8.17 28.77 21.34
N GLU B 76 -6.86 28.71 21.59
N GLU B 76 -6.86 28.69 21.58
CA GLU B 76 -5.88 29.36 20.71
CA GLU B 76 -5.87 29.37 20.72
C GLU B 76 -5.96 28.80 19.29
C GLU B 76 -5.80 28.80 19.30
N GLN B 77 -5.80 27.48 19.20
CA GLN B 77 -5.73 26.83 17.89
C GLN B 77 -6.98 27.08 17.03
N ILE B 78 -8.15 27.02 17.64
CA ILE B 78 -9.40 27.11 16.88
C ILE B 78 -9.90 28.56 16.65
N TYR B 79 -9.67 29.49 17.58
CA TYR B 79 -10.38 30.78 17.55
C TYR B 79 -9.53 32.05 17.44
N ILE B 80 -8.28 31.99 17.88
CA ILE B 80 -7.46 33.19 18.02
C ILE B 80 -6.48 33.36 16.87
N GLY B 81 -6.44 34.56 16.30
CA GLY B 81 -5.45 34.81 15.27
C GLY B 81 -5.73 36.02 14.40
N GLU B 82 -4.84 36.19 13.43
CA GLU B 82 -4.74 37.39 12.61
C GLU B 82 -6.06 37.95 12.10
N GLY B 83 -6.70 37.25 11.19
CA GLY B 83 -7.88 37.82 10.55
C GLY B 83 -9.17 37.31 11.19
N ARG B 84 -9.10 37.07 12.50
CA ARG B 84 -10.21 36.50 13.27
C ARG B 84 -10.83 37.59 14.13
N ALA B 85 -12.02 37.32 14.66
CA ALA B 85 -12.62 38.28 15.59
C ALA B 85 -11.72 38.45 16.83
N LEU B 86 -11.25 37.33 17.37
CA LEU B 86 -10.34 37.33 18.49
C LEU B 86 -8.92 37.54 17.96
N ASP B 87 -8.63 38.81 17.68
CA ASP B 87 -7.42 39.20 16.97
C ASP B 87 -6.47 39.88 17.95
N PRO B 88 -5.33 39.22 18.24
CA PRO B 88 -4.37 39.70 19.24
C PRO B 88 -3.58 40.92 18.78
N SER B 89 -3.75 41.33 17.52
CA SER B 89 -3.16 42.59 17.09
C SER B 89 -3.99 43.77 17.58
N LYS B 90 -5.21 43.52 18.02
CA LYS B 90 -6.11 44.58 18.50
C LYS B 90 -6.48 44.41 19.96
N TYR B 91 -6.56 43.15 20.39
CA TYR B 91 -7.01 42.80 21.75
C TYR B 91 -5.97 42.06 22.57
N CYS B 92 -6.14 42.18 23.88
CA CYS B 92 -5.37 41.40 24.82
C CYS B 92 -6.27 40.23 25.20
N ILE B 93 -6.02 39.07 24.61
CA ILE B 93 -6.92 37.92 24.78
C ILE B 93 -6.38 37.01 25.87
N ILE B 94 -7.13 36.92 26.96
CA ILE B 94 -6.63 36.26 28.15
C ILE B 94 -7.39 34.96 28.29
N VAL B 95 -6.69 33.85 28.04
CA VAL B 95 -7.34 32.52 28.07
C VAL B 95 -7.03 31.85 29.40
N VAL B 96 -8.06 31.54 30.19
CA VAL B 96 -7.82 31.06 31.55
C VAL B 96 -8.35 29.65 31.71
N ASN B 97 -7.46 28.74 32.08
CA ASN B 97 -7.83 27.33 32.20
C ASN B 97 -8.67 27.11 33.43
N GLN B 98 -9.73 26.30 33.27
CA GLN B 98 -10.58 25.90 34.40
C GLN B 98 -9.80 25.29 35.54
N ILE B 99 -10.17 25.64 36.76
CA ILE B 99 -9.74 24.90 37.92
C ILE B 99 -10.23 23.46 37.71
N GLY B 100 -9.33 22.48 37.89
CA GLY B 100 -9.67 21.08 37.70
C GLY B 100 -9.35 20.55 36.30
N ASN B 101 -8.83 21.41 35.40
CA ASN B 101 -8.65 20.91 34.02
C ASN B 101 -7.28 20.28 33.74
N GLY B 102 -6.44 20.15 34.76
CA GLY B 102 -5.14 19.53 34.62
C GLY B 102 -3.99 20.52 34.46
N LEU B 103 -4.28 21.72 33.99
CA LEU B 103 -3.26 22.78 33.88
C LEU B 103 -3.35 23.75 35.05
N SER B 104 -4.53 24.33 35.30
CA SER B 104 -4.72 25.02 36.57
C SER B 104 -4.71 23.98 37.71
N SER B 105 -4.73 24.44 38.97
CA SER B 105 -4.81 23.53 40.14
C SER B 105 -5.92 22.51 39.93
N SER B 106 -5.57 21.24 40.03
CA SER B 106 -6.49 20.14 39.73
C SER B 106 -6.18 18.92 40.60
N ALA B 107 -7.10 17.96 40.56
CA ALA B 107 -6.89 16.65 41.18
C ALA B 107 -5.54 16.05 40.80
N SER B 108 -5.18 16.19 39.53
CA SER B 108 -3.98 15.55 38.98
C SER B 108 -2.65 16.22 39.36
N ASN B 109 -2.68 17.44 39.92
CA ASN B 109 -1.42 18.16 40.11
C ASN B 109 -1.31 18.87 41.45
N THR B 110 -2.26 18.58 42.35
CA THR B 110 -2.24 19.20 43.67
C THR B 110 -1.94 18.14 44.76
N GLY B 111 -1.16 18.52 45.76
CA GLY B 111 -0.80 17.58 46.81
C GLY B 111 -1.70 17.68 48.01
N GLY B 112 -1.35 16.94 49.06
CA GLY B 112 -2.06 17.06 50.31
C GLY B 112 -3.49 16.56 50.21
N SER B 113 -4.39 17.23 50.93
CA SER B 113 -5.76 16.73 51.03
C SER B 113 -6.55 16.94 49.77
N LEU B 114 -6.00 17.69 48.81
CA LEU B 114 -6.69 17.94 47.56
C LEU B 114 -6.25 16.98 46.44
N ALA B 115 -5.35 16.05 46.75
CA ALA B 115 -4.85 15.16 45.71
C ALA B 115 -5.90 14.13 45.23
N GLY B 116 -5.92 13.92 43.92
CA GLY B 116 -6.75 12.88 43.34
C GLY B 116 -8.22 13.04 43.70
N PRO B 117 -8.84 11.96 44.24
CA PRO B 117 -10.27 12.05 44.57
C PRO B 117 -10.51 12.93 45.80
N GLY B 118 -9.44 13.38 46.46
CA GLY B 118 -9.62 14.36 47.50
C GLY B 118 -9.88 15.79 47.00
N PHE B 119 -9.70 16.03 45.71
CA PHE B 119 -9.88 17.38 45.17
C PHE B 119 -11.32 17.88 45.46
N ALA B 120 -11.45 19.15 45.78
CA ALA B 120 -12.73 19.71 46.20
C ALA B 120 -13.75 19.73 45.06
N ASN B 121 -15.04 19.85 45.42
CA ASN B 121 -16.08 20.15 44.44
C ASN B 121 -16.04 21.65 44.11
N VAL B 122 -15.72 21.96 42.87
CA VAL B 122 -15.53 23.33 42.41
C VAL B 122 -16.71 23.71 41.54
N ARG B 123 -17.28 24.89 41.77
CA ARG B 123 -18.43 25.38 40.97
C ARG B 123 -17.98 26.42 39.94
N ILE B 124 -18.84 26.67 38.97
CA ILE B 124 -18.58 27.69 37.97
C ILE B 124 -18.25 29.01 38.68
N GLY B 125 -18.99 29.30 39.74
CA GLY B 125 -18.80 30.56 40.46
C GLY B 125 -17.41 30.66 41.08
N ASP B 126 -16.80 29.52 41.40
CA ASP B 126 -15.44 29.50 41.96
C ASP B 126 -14.42 29.91 40.88
N ASP B 127 -14.56 29.35 39.68
CA ASP B 127 -13.75 29.78 38.53
C ASP B 127 -13.87 31.27 38.27
N VAL B 128 -15.09 31.79 38.30
CA VAL B 128 -15.29 33.22 37.99
C VAL B 128 -14.69 34.12 39.07
N SER B 129 -14.88 33.70 40.32
CA SER B 129 -14.28 34.39 41.45
C SER B 129 -12.75 34.43 41.32
N ALA B 130 -12.15 33.29 40.98
CA ALA B 130 -10.68 33.24 40.78
C ALA B 130 -10.26 34.11 39.60
N GLN B 131 -11.01 34.06 38.50
CA GLN B 131 -10.68 34.90 37.35
C GLN B 131 -10.81 36.40 37.65
N HIS B 132 -11.77 36.75 38.49
CA HIS B 132 -11.92 38.15 38.88
C HIS B 132 -10.70 38.63 39.65
N THR B 133 -10.30 37.82 40.62
CA THR B 133 -9.10 38.07 41.40
C THR B 133 -7.87 38.19 40.48
N LEU B 134 -7.71 37.24 39.56
CA LEU B 134 -6.62 37.29 38.59
C LEU B 134 -6.61 38.63 37.82
N LEU B 135 -7.75 38.98 37.23
CA LEU B 135 -7.78 40.18 36.35
C LEU B 135 -7.54 41.50 37.10
N THR B 136 -8.10 41.63 38.30
CA THR B 136 -7.95 42.91 39.01
C THR B 136 -6.59 43.01 39.67
N GLU B 137 -6.09 41.91 40.23
CA GLU B 137 -4.88 42.01 41.06
C GLU B 137 -3.60 41.75 40.29
N TYR B 138 -3.68 40.96 39.23
CA TYR B 138 -2.48 40.60 38.48
C TYR B 138 -2.39 41.33 37.15
N PHE B 139 -3.56 41.71 36.60
CA PHE B 139 -3.58 42.57 35.41
C PHE B 139 -4.02 44.01 35.63
N GLY B 140 -4.64 44.33 36.76
CA GLY B 140 -5.15 45.68 37.00
C GLY B 140 -6.29 46.09 36.08
N ILE B 141 -6.96 45.09 35.52
CA ILE B 141 -8.08 45.30 34.62
C ILE B 141 -9.34 45.58 35.44
N GLU B 142 -10.13 46.60 35.09
CA GLU B 142 -11.38 46.81 35.82
C GLU B 142 -12.65 46.60 34.97
N SER B 143 -12.49 46.33 33.67
CA SER B 143 -13.62 45.92 32.83
C SER B 143 -13.13 45.13 31.62
N LEU B 144 -14.02 44.33 31.06
CA LEU B 144 -13.70 43.44 29.94
C LEU B 144 -14.47 43.88 28.69
N ALA B 145 -13.76 44.01 27.57
CA ALA B 145 -14.40 44.38 26.31
C ALA B 145 -15.35 43.25 25.90
N LEU B 146 -14.97 42.03 26.25
CA LEU B 146 -15.73 40.84 25.87
C LEU B 146 -15.36 39.67 26.77
N VAL B 147 -16.36 38.90 27.18
CA VAL B 147 -16.14 37.58 27.75
C VAL B 147 -16.80 36.61 26.78
N VAL B 148 -16.07 35.61 26.31
CA VAL B 148 -16.65 34.70 25.34
C VAL B 148 -16.17 33.29 25.63
N GLY B 149 -17.09 32.33 25.59
CA GLY B 149 -16.69 30.95 25.76
C GLY B 149 -17.73 30.00 25.17
N GLY B 150 -17.36 28.74 25.02
CA GLY B 150 -18.26 27.74 24.47
C GLY B 150 -18.54 26.68 25.52
N SER B 151 -19.80 26.28 25.58
CA SER B 151 -20.28 25.22 26.49
C SER B 151 -19.96 25.51 27.95
N MET B 152 -19.08 24.75 28.61
CA MET B 152 -18.70 25.19 29.97
C MET B 152 -18.09 26.59 29.97
N GLY B 153 -17.48 26.98 28.85
CA GLY B 153 -16.95 28.32 28.73
C GLY B 153 -18.07 29.35 28.68
N ALA B 154 -19.21 28.96 28.11
CA ALA B 154 -20.41 29.81 28.11
C ALA B 154 -21.06 29.88 29.52
N GLN B 155 -21.01 28.78 30.27
CA GLN B 155 -21.47 28.79 31.66
C GLN B 155 -20.73 29.86 32.46
N GLN B 156 -19.41 29.93 32.27
CA GLN B 156 -18.61 30.93 32.98
C GLN B 156 -18.87 32.32 32.46
N THR B 157 -19.16 32.43 31.17
CA THR B 157 -19.52 33.72 30.57
C THR B 157 -20.77 34.29 31.23
N TYR B 158 -21.82 33.49 31.29
CA TYR B 158 -23.05 33.93 31.97
C TYR B 158 -22.81 34.26 33.45
N GLU B 159 -22.05 33.42 34.14
CA GLU B 159 -21.76 33.70 35.54
C GLU B 159 -21.02 35.06 35.68
N TRP B 160 -20.05 35.36 34.80
CA TRP B 160 -19.41 36.68 34.81
C TRP B 160 -20.43 37.82 34.67
N ALA B 161 -21.27 37.69 33.65
CA ALA B 161 -22.19 38.76 33.28
C ALA B 161 -23.19 39.05 34.40
N VAL B 162 -23.53 38.02 35.18
CA VAL B 162 -24.47 38.15 36.31
C VAL B 162 -23.80 38.55 37.63
N ARG B 163 -22.66 37.95 37.92
CA ARG B 163 -21.95 38.19 39.19
C ARG B 163 -21.27 39.55 39.24
N TYR B 164 -20.70 39.98 38.13
CA TYR B 164 -20.03 41.29 38.11
C TYR B 164 -20.54 42.13 36.94
N PRO B 165 -21.78 42.62 37.04
CA PRO B 165 -22.45 43.09 35.82
C PRO B 165 -21.77 44.29 35.15
N ASP B 166 -21.22 45.22 35.91
CA ASP B 166 -20.57 46.39 35.30
C ASP B 166 -19.16 46.09 34.78
N PHE B 167 -18.62 44.95 35.14
CA PHE B 167 -17.28 44.56 34.70
C PHE B 167 -17.28 44.07 33.25
N VAL B 168 -18.41 43.51 32.83
CA VAL B 168 -18.52 42.83 31.52
C VAL B 168 -19.22 43.73 30.55
N LYS B 169 -18.49 44.25 29.56
CA LYS B 169 -19.10 45.19 28.60
C LYS B 169 -19.89 44.46 27.52
N ARG B 170 -19.40 43.29 27.12
CA ARG B 170 -20.01 42.48 26.09
C ARG B 170 -19.83 41.01 26.46
N ALA B 171 -20.78 40.18 26.08
CA ALA B 171 -20.70 38.76 26.42
C ALA B 171 -21.21 37.92 25.26
N ALA B 172 -20.48 36.86 24.93
CA ALA B 172 -20.90 35.94 23.86
C ALA B 172 -20.93 34.52 24.39
N ALA B 173 -22.14 33.98 24.53
CA ALA B 173 -22.34 32.66 25.13
C ALA B 173 -22.59 31.68 24.00
N ILE B 174 -21.57 30.88 23.67
CA ILE B 174 -21.68 29.95 22.56
C ILE B 174 -22.02 28.55 23.05
N ALA B 175 -23.09 27.96 22.52
CA ALA B 175 -23.45 26.58 22.81
C ALA B 175 -23.43 26.28 24.31
N GLY B 176 -24.11 27.10 25.11
CA GLY B 176 -24.19 26.81 26.55
C GLY B 176 -25.30 27.60 27.21
N THR B 177 -25.71 27.22 28.43
CA THR B 177 -26.80 27.90 29.12
C THR B 177 -26.36 28.52 30.45
N ALA B 178 -27.19 29.43 30.96
CA ALA B 178 -26.94 30.11 32.23
C ALA B 178 -27.35 29.25 33.42
N ARG B 179 -28.36 28.41 33.22
CA ARG B 179 -28.76 27.48 34.27
C ARG B 179 -28.95 26.11 33.64
N ASN B 180 -28.26 25.12 34.18
CA ASN B 180 -28.23 23.80 33.57
C ASN B 180 -29.57 23.07 33.67
N SER B 181 -29.96 22.40 32.60
CA SER B 181 -31.24 21.67 32.55
C SER B 181 -31.17 20.31 33.22
N GLU B 182 -32.34 19.73 33.49
CA GLU B 182 -32.39 18.39 34.06
C GLU B 182 -31.92 17.33 33.05
N HIS B 183 -32.20 17.55 31.77
CA HIS B 183 -31.77 16.59 30.75
C HIS B 183 -30.24 16.62 30.65
N ASP B 184 -29.66 17.82 30.67
CA ASP B 184 -28.21 17.94 30.58
C ASP B 184 -27.56 17.31 31.82
N PHE B 185 -28.19 17.52 32.99
CA PHE B 185 -27.66 16.93 34.22
C PHE B 185 -27.58 15.41 34.07
N LEU B 186 -28.65 14.83 33.51
CA LEU B 186 -28.67 13.39 33.29
C LEU B 186 -27.58 12.91 32.32
N PHE B 187 -27.44 13.59 31.19
CA PHE B 187 -26.36 13.29 30.25
C PHE B 187 -25.02 13.24 30.98
N THR B 188 -24.74 14.24 31.79
CA THR B 188 -23.44 14.29 32.45
C THR B 188 -23.31 13.24 33.52
N GLU B 189 -24.42 12.93 34.18
CA GLU B 189 -24.40 11.84 35.16
C GLU B 189 -24.04 10.52 34.46
N ILE B 190 -24.62 10.29 33.27
CA ILE B 190 -24.31 9.05 32.54
C ILE B 190 -22.84 9.05 32.07
N LEU B 191 -22.37 10.21 31.63
CA LEU B 191 -20.95 10.39 31.30
C LEU B 191 -20.02 10.08 32.49
N ILE B 192 -20.42 10.53 33.66
CA ILE B 192 -19.66 10.25 34.88
C ILE B 192 -19.65 8.75 35.19
N GLU B 193 -20.83 8.14 35.16
CA GLU B 193 -20.94 6.71 35.45
C GLU B 193 -20.17 5.85 34.45
N ALA B 194 -20.03 6.31 33.21
CA ALA B 194 -19.21 5.56 32.23
C ALA B 194 -17.79 5.35 32.78
N ILE B 195 -17.28 6.38 33.45
CA ILE B 195 -15.96 6.30 34.06
C ILE B 195 -16.04 5.59 35.42
N THR B 196 -16.95 5.99 36.32
CA THR B 196 -16.85 5.50 37.70
C THR B 196 -17.30 4.04 37.87
N THR B 197 -17.99 3.50 36.88
CA THR B 197 -18.41 2.10 36.97
C THR B 197 -17.33 1.16 36.43
N ASP B 198 -16.28 1.70 35.81
CA ASP B 198 -15.12 0.88 35.45
C ASP B 198 -14.37 0.55 36.75
N PRO B 199 -14.33 -0.74 37.15
CA PRO B 199 -13.64 -1.08 38.42
C PRO B 199 -12.20 -0.58 38.49
N ALA B 200 -11.53 -0.42 37.36
CA ALA B 200 -10.14 0.05 37.37
C ALA B 200 -10.01 1.50 37.88
N PHE B 201 -11.12 2.25 37.88
CA PHE B 201 -11.14 3.62 38.44
C PHE B 201 -10.69 3.63 39.90
N GLN B 202 -11.02 2.54 40.61
CA GLN B 202 -10.52 2.33 41.96
C GLN B 202 -10.82 3.53 42.88
N ALA B 203 -12.04 4.03 42.75
CA ALA B 203 -12.51 5.16 43.56
C ALA B 203 -11.59 6.37 43.46
N GLY B 204 -10.96 6.49 42.30
CA GLY B 204 -10.07 7.62 41.98
C GLY B 204 -8.61 7.36 42.31
N LEU B 205 -8.28 6.16 42.79
CA LEU B 205 -6.93 5.89 43.23
C LEU B 205 -6.21 5.03 42.19
N TYR B 206 -6.71 5.04 40.97
CA TYR B 206 -6.04 4.31 39.88
C TYR B 206 -4.57 4.74 39.79
N ARG B 207 -3.69 3.83 39.38
CA ARG B 207 -2.26 4.13 39.41
C ARG B 207 -1.87 5.07 38.27
N SER B 208 -2.50 4.87 37.12
CA SER B 208 -2.26 5.71 35.96
C SER B 208 -3.57 5.88 35.21
N SER B 209 -3.67 7.00 34.51
CA SER B 209 -4.81 7.34 33.66
C SER B 209 -5.26 6.17 32.78
N SER B 210 -4.30 5.49 32.16
CA SER B 210 -4.62 4.50 31.15
C SER B 210 -5.17 3.18 31.73
N ALA B 211 -5.06 2.99 33.04
CA ALA B 211 -5.66 1.82 33.67
C ALA B 211 -7.17 1.87 33.51
N VAL B 212 -7.70 3.08 33.31
CA VAL B 212 -9.14 3.32 33.25
C VAL B 212 -9.57 3.46 31.77
N ALA B 213 -8.82 2.83 30.87
CA ALA B 213 -9.09 2.93 29.44
C ALA B 213 -10.51 2.52 29.06
N ALA B 214 -11.04 1.47 29.69
CA ALA B 214 -12.39 1.01 29.36
C ALA B 214 -13.40 2.08 29.67
N GLY B 215 -13.34 2.66 30.86
CA GLY B 215 -14.27 3.74 31.21
C GLY B 215 -14.12 4.97 30.30
N LEU B 216 -12.89 5.34 29.99
CA LEU B 216 -12.63 6.49 29.10
C LEU B 216 -13.17 6.19 27.71
N GLU B 217 -13.06 4.94 27.24
CA GLU B 217 -13.65 4.60 25.94
C GLU B 217 -15.17 4.70 25.95
N ARG B 218 -15.78 4.21 27.03
CA ARG B 218 -17.24 4.25 27.14
C ARG B 218 -17.70 5.72 27.18
N HIS B 219 -16.95 6.54 27.92
CA HIS B 219 -17.14 8.00 27.95
C HIS B 219 -17.09 8.59 26.51
N ALA B 220 -16.09 8.18 25.76
CA ALA B 220 -15.94 8.65 24.38
C ALA B 220 -17.09 8.20 23.47
N LYS B 221 -17.60 6.98 23.67
CA LYS B 221 -18.70 6.52 22.81
C LYS B 221 -19.98 7.33 23.06
N LEU B 222 -20.20 7.68 24.32
CA LEU B 222 -21.35 8.52 24.68
C LEU B 222 -21.24 9.93 24.10
N TRP B 223 -20.04 10.47 24.12
CA TRP B 223 -19.79 11.75 23.47
C TRP B 223 -19.99 11.67 21.97
N THR B 224 -19.74 10.51 21.38
CA THR B 224 -20.01 10.35 19.93
C THR B 224 -21.51 10.38 19.68
N LEU B 225 -22.25 9.71 20.56
CA LEU B 225 -23.71 9.64 20.43
C LEU B 225 -24.38 11.02 20.58
N MET B 226 -23.90 11.82 21.53
CA MET B 226 -24.56 13.09 21.88
C MET B 226 -23.83 14.35 21.38
N GLY B 227 -22.59 14.20 20.91
CA GLY B 227 -21.74 15.38 20.73
C GLY B 227 -21.82 16.03 19.34
N TRP B 228 -22.37 15.28 18.40
CA TRP B 228 -22.46 15.74 17.01
C TRP B 228 -23.93 15.87 16.64
N SER B 229 -24.39 15.14 15.62
CA SER B 229 -25.83 15.06 15.36
C SER B 229 -26.07 13.88 14.44
N PRO B 230 -27.31 13.40 14.43
CA PRO B 230 -27.68 12.39 13.44
C PRO B 230 -27.38 12.88 12.00
N GLU B 231 -27.57 14.16 11.71
CA GLU B 231 -27.36 14.63 10.34
C GLU B 231 -25.88 14.64 9.97
N PHE B 232 -25.02 14.87 10.97
CA PHE B 232 -23.56 14.83 10.80
C PHE B 232 -23.17 13.48 10.20
N PHE B 233 -23.72 12.41 10.79
CA PHE B 233 -23.35 11.07 10.29
C PHE B 233 -24.12 10.70 9.05
N ARG B 234 -25.39 11.11 8.96
CA ARG B 234 -26.16 10.71 7.80
C ARG B 234 -25.53 11.25 6.52
N THR B 235 -25.01 12.48 6.59
CA THR B 235 -24.47 13.12 5.39
C THR B 235 -22.98 12.85 5.19
N GLY B 236 -22.39 12.04 6.06
CA GLY B 236 -21.01 11.62 5.85
C GLY B 236 -19.96 12.65 6.21
N ARG B 237 -20.27 13.50 7.19
CA ARG B 237 -19.28 14.46 7.68
C ARG B 237 -18.04 13.77 8.22
N HIS B 238 -18.22 12.64 8.91
CA HIS B 238 -17.05 11.94 9.45
C HIS B 238 -16.11 11.51 8.31
N LYS B 239 -16.69 11.12 7.18
CA LYS B 239 -15.91 10.73 5.99
C LYS B 239 -15.15 11.93 5.43
N ALA B 240 -15.82 13.09 5.38
CA ALA B 240 -15.14 14.33 4.96
C ALA B 240 -13.98 14.69 5.88
N LEU B 241 -14.11 14.34 7.16
CA LEU B 241 -13.01 14.60 8.11
C LEU B 241 -11.93 13.52 8.08
N GLY B 242 -12.07 12.52 7.21
CA GLY B 242 -11.00 11.53 7.06
C GLY B 242 -11.22 10.20 7.77
N PHE B 243 -12.44 9.94 8.22
CA PHE B 243 -12.77 8.67 8.89
C PHE B 243 -13.85 7.93 8.09
N GLU B 244 -13.49 6.79 7.54
CA GLU B 244 -14.33 6.11 6.56
C GLU B 244 -15.62 5.50 7.11
N SER B 245 -15.72 5.37 8.41
CA SER B 245 -16.87 4.70 9.02
C SER B 245 -17.08 5.21 10.42
N MET B 246 -18.25 4.92 11.02
CA MET B 246 -18.46 5.25 12.41
C MET B 246 -17.40 4.59 13.29
N GLN B 247 -17.11 3.33 13.02
CA GLN B 247 -16.10 2.64 13.83
C GLN B 247 -14.74 3.38 13.80
N MET B 248 -14.31 3.77 12.59
CA MET B 248 -13.03 4.47 12.44
C MET B 248 -13.06 5.82 13.14
N PHE B 249 -14.20 6.48 13.07
CA PHE B 249 -14.38 7.79 13.70
C PHE B 249 -14.35 7.69 15.23
N VAL B 250 -15.09 6.71 15.75
CA VAL B 250 -15.09 6.45 17.19
C VAL B 250 -13.69 6.10 17.66
N ASP B 251 -13.05 5.17 16.97
CA ASP B 251 -11.72 4.71 17.37
C ASP B 251 -10.62 5.74 17.11
N GLY B 252 -10.68 6.40 15.96
CA GLY B 252 -9.61 7.27 15.52
C GLY B 252 -9.67 8.72 15.96
N PHE B 253 -10.86 9.17 16.32
CA PHE B 253 -11.08 10.57 16.70
C PHE B 253 -11.50 10.59 18.15
N MET B 254 -12.65 9.99 18.44
CA MET B 254 -13.24 10.19 19.76
C MET B 254 -12.53 9.45 20.91
N LYS B 255 -12.25 8.16 20.72
CA LYS B 255 -11.51 7.43 21.76
C LYS B 255 -10.13 8.02 21.97
N ARG B 256 -9.49 8.41 20.86
CA ARG B 256 -8.11 8.94 20.94
C ARG B 256 -8.08 10.27 21.66
N TYR B 257 -9.17 11.03 21.53
CA TYR B 257 -9.23 12.35 22.19
C TYR B 257 -9.21 12.19 23.72
N PHE B 258 -9.99 11.24 24.24
CA PHE B 258 -10.13 11.09 25.69
C PHE B 258 -9.08 10.17 26.32
N ALA B 259 -8.47 9.30 25.52
CA ALA B 259 -7.57 8.26 26.03
C ALA B 259 -6.47 8.76 26.99
N PRO B 260 -5.87 9.93 26.73
CA PRO B 260 -4.75 10.27 27.64
C PRO B 260 -5.13 11.12 28.82
N MET B 261 -6.42 11.43 28.93
CA MET B 261 -6.89 12.40 29.91
C MET B 261 -7.05 11.73 31.26
N ASP B 262 -7.14 12.56 32.29
CA ASP B 262 -7.22 12.03 33.66
C ASP B 262 -8.67 11.91 34.14
N PRO B 263 -9.09 10.71 34.56
CA PRO B 263 -10.48 10.54 35.03
C PRO B 263 -10.87 11.50 36.14
N ASN B 264 -10.03 11.68 37.17
CA ASN B 264 -10.43 12.57 38.25
C ASN B 264 -10.69 13.98 37.77
N ASN B 265 -9.84 14.47 36.88
CA ASN B 265 -10.02 15.81 36.31
C ASN B 265 -11.34 15.90 35.53
N LEU B 266 -11.63 14.90 34.70
CA LEU B 266 -12.86 14.92 33.93
C LEU B 266 -14.04 14.98 34.89
N LEU B 267 -13.97 14.21 35.97
CA LEU B 267 -15.06 14.22 36.96
C LEU B 267 -15.19 15.57 37.68
N THR B 268 -14.06 16.24 37.97
CA THR B 268 -14.12 17.58 38.56
C THR B 268 -14.90 18.51 37.62
N MET B 269 -14.55 18.47 36.33
CA MET B 269 -15.22 19.37 35.38
C MET B 269 -16.66 18.94 35.11
N ALA B 270 -16.95 17.64 35.14
CA ALA B 270 -18.32 17.18 34.93
C ALA B 270 -19.27 17.58 36.09
N TRP B 271 -18.81 17.48 37.34
CA TRP B 271 -19.61 17.89 38.51
C TRP B 271 -19.91 19.36 38.40
N LYS B 272 -18.92 20.13 37.99
CA LYS B 272 -19.05 21.59 37.86
C LYS B 272 -20.08 21.98 36.76
N TRP B 273 -19.92 21.36 35.60
CA TRP B 273 -20.81 21.54 34.46
C TRP B 273 -22.26 21.22 34.86
N GLN B 274 -22.45 20.14 35.61
CA GLN B 274 -23.79 19.73 36.07
C GLN B 274 -24.51 20.80 36.86
N ARG B 275 -23.74 21.64 37.54
CA ARG B 275 -24.34 22.53 38.52
C ARG B 275 -24.29 24.00 38.14
N GLY B 276 -23.91 24.30 36.90
CA GLY B 276 -23.87 25.68 36.46
C GLY B 276 -25.25 26.30 36.63
N ASP B 277 -25.33 27.42 37.33
CA ASP B 277 -26.63 28.00 37.69
C ASP B 277 -26.47 29.43 38.22
N VAL B 278 -26.65 30.41 37.34
CA VAL B 278 -26.50 31.80 37.78
C VAL B 278 -27.64 32.24 38.70
N SER B 279 -28.75 31.49 38.75
CA SER B 279 -29.89 31.87 39.62
C SER B 279 -29.59 31.63 41.12
N ARG B 280 -28.46 30.99 41.40
CA ARG B 280 -27.94 30.91 42.76
C ARG B 280 -27.71 32.30 43.35
N HIS B 281 -27.61 33.32 42.49
CA HIS B 281 -27.42 34.67 43.02
C HIS B 281 -28.75 35.32 43.43
N THR B 282 -29.85 34.72 42.99
CA THR B 282 -31.17 35.31 43.17
C THR B 282 -32.20 34.34 43.72
N GLY B 283 -31.79 33.44 44.61
CA GLY B 283 -32.73 32.54 45.24
C GLY B 283 -33.44 31.60 44.28
N GLY B 284 -32.78 31.27 43.17
CA GLY B 284 -33.36 30.37 42.18
C GLY B 284 -34.26 31.04 41.14
N ASP B 285 -34.34 32.38 41.19
CA ASP B 285 -35.12 33.12 40.21
C ASP B 285 -34.27 33.48 39.00
N LEU B 286 -34.42 32.73 37.91
CA LEU B 286 -33.54 32.90 36.73
C LEU B 286 -33.77 34.22 36.02
N ALA B 287 -35.03 34.63 35.88
CA ALA B 287 -35.34 35.89 35.19
C ALA B 287 -34.70 37.06 35.92
N LYS B 288 -34.64 36.96 37.25
CA LYS B 288 -34.06 38.03 38.06
C LYS B 288 -32.53 38.08 37.89
N ALA B 289 -31.89 36.91 37.87
CA ALA B 289 -30.46 36.85 37.66
C ALA B 289 -30.10 37.38 36.26
N LEU B 290 -30.77 36.88 35.23
CA LEU B 290 -30.48 37.33 33.87
C LEU B 290 -30.88 38.79 33.68
N GLY B 291 -31.86 39.27 34.44
CA GLY B 291 -32.22 40.69 34.43
C GLY B 291 -31.12 41.63 34.92
N ARG B 292 -30.15 41.06 35.63
CA ARG B 292 -29.01 41.82 36.14
C ARG B 292 -27.95 42.10 35.11
N ILE B 293 -27.96 41.38 33.99
CA ILE B 293 -26.91 41.51 32.99
C ILE B 293 -26.96 42.88 32.33
N LYS B 294 -25.82 43.56 32.35
CA LYS B 294 -25.71 44.85 31.68
C LYS B 294 -24.92 44.75 30.38
N ALA B 295 -24.13 43.68 30.25
CA ALA B 295 -23.34 43.45 29.04
C ALA B 295 -24.22 43.35 27.81
N LYS B 296 -23.72 43.85 26.68
CA LYS B 296 -24.34 43.57 25.41
C LYS B 296 -24.06 42.12 25.10
N THR B 297 -25.11 41.32 25.00
CA THR B 297 -24.97 39.88 25.02
C THR B 297 -25.48 39.20 23.76
N TYR B 298 -24.63 38.39 23.13
CA TYR B 298 -25.09 37.51 22.04
C TYR B 298 -25.23 36.07 22.57
N VAL B 299 -26.38 35.46 22.37
CA VAL B 299 -26.66 34.07 22.74
C VAL B 299 -26.55 33.23 21.46
N MET B 300 -25.62 32.30 21.43
CA MET B 300 -25.25 31.62 20.18
C MET B 300 -25.23 30.11 20.30
N PRO B 301 -26.42 29.50 20.32
CA PRO B 301 -26.46 28.03 20.28
C PRO B 301 -26.05 27.53 18.89
N ILE B 302 -25.67 26.26 18.78
CA ILE B 302 -25.41 25.65 17.50
C ILE B 302 -26.67 24.90 17.08
N SER B 303 -27.08 25.07 15.83
CA SER B 303 -28.37 24.61 15.37
C SER B 303 -28.63 23.14 15.73
N HIS B 304 -27.62 22.29 15.62
CA HIS B 304 -27.87 20.86 15.73
C HIS B 304 -27.31 20.29 17.04
N ASP B 305 -26.99 21.16 17.99
CA ASP B 305 -26.51 20.70 19.32
C ASP B 305 -27.61 19.86 20.00
N GLN B 306 -27.25 18.65 20.41
N GLN B 306 -27.28 18.63 20.37
CA GLN B 306 -28.18 17.69 20.97
CA GLN B 306 -28.25 17.69 20.96
C GLN B 306 -28.52 17.91 22.45
C GLN B 306 -28.57 17.97 22.43
N PHE B 307 -27.73 18.73 23.14
CA PHE B 307 -28.01 18.89 24.58
C PHE B 307 -27.97 20.30 25.15
N PHE B 308 -27.32 21.26 24.49
CA PHE B 308 -27.58 22.68 24.75
C PHE B 308 -28.39 23.21 23.57
N THR B 309 -29.71 23.04 23.60
CA THR B 309 -30.46 23.16 22.37
C THR B 309 -30.77 24.61 22.04
N VAL B 310 -31.12 24.84 20.78
CA VAL B 310 -31.56 26.17 20.35
C VAL B 310 -32.72 26.68 21.23
N ASP B 311 -33.66 25.79 21.53
CA ASP B 311 -34.79 26.14 22.40
C ASP B 311 -34.35 26.55 23.81
N ASP B 312 -33.47 25.74 24.41
CA ASP B 312 -32.93 26.02 25.76
C ASP B 312 -32.35 27.44 25.80
N CYS B 313 -31.52 27.75 24.79
CA CYS B 313 -30.81 29.01 24.80
C CYS B 313 -31.71 30.17 24.42
N LEU B 314 -32.66 29.93 23.52
CA LEU B 314 -33.60 31.00 23.18
C LEU B 314 -34.47 31.37 24.40
N SER B 315 -34.84 30.35 25.17
CA SER B 315 -35.61 30.61 26.39
C SER B 315 -34.88 31.58 27.32
N GLU B 316 -33.56 31.38 27.45
CA GLU B 316 -32.76 32.28 28.30
C GLU B 316 -32.55 33.67 27.65
N GLN B 317 -32.30 33.70 26.35
CA GLN B 317 -32.09 34.97 25.65
C GLN B 317 -33.24 35.94 25.85
N LYS B 318 -34.46 35.40 25.86
CA LYS B 318 -35.63 36.24 26.02
C LYS B 318 -35.63 36.92 27.39
N MET B 319 -34.83 36.40 28.32
CA MET B 319 -34.77 36.97 29.66
C MET B 319 -33.65 37.98 29.85
N ILE B 320 -32.77 38.09 28.84
CA ILE B 320 -31.61 38.98 28.97
C ILE B 320 -31.84 40.32 28.28
N PRO B 321 -31.86 41.43 29.05
CA PRO B 321 -32.20 42.72 28.42
C PRO B 321 -31.15 43.18 27.39
N ASN B 322 -31.61 43.72 26.27
CA ASN B 322 -30.74 44.20 25.18
C ASN B 322 -29.91 43.14 24.45
N SER B 323 -30.17 41.87 24.72
CA SER B 323 -29.41 40.77 24.09
C SER B 323 -29.87 40.47 22.68
N GLU B 324 -29.09 39.66 21.96
CA GLU B 324 -29.49 39.25 20.61
C GLU B 324 -29.33 37.74 20.48
N PHE B 325 -30.24 37.15 19.71
CA PHE B 325 -30.22 35.71 19.44
C PHE B 325 -29.52 35.52 18.11
N ARG B 326 -28.33 34.90 18.16
CA ARG B 326 -27.50 34.65 16.96
C ARG B 326 -27.06 33.18 16.85
N PRO B 327 -27.99 32.30 16.50
CA PRO B 327 -27.65 30.87 16.39
C PRO B 327 -26.65 30.64 15.27
N LEU B 328 -25.74 29.70 15.49
CA LEU B 328 -24.80 29.24 14.48
C LEU B 328 -25.40 28.06 13.73
N ARG B 329 -25.35 28.07 12.40
CA ARG B 329 -25.93 26.96 11.64
C ARG B 329 -24.83 25.94 11.39
N SER B 330 -24.91 24.77 12.03
CA SER B 330 -23.94 23.70 11.76
C SER B 330 -24.53 22.35 12.09
N ILE B 331 -24.50 21.42 11.13
CA ILE B 331 -24.95 20.07 11.45
C ILE B 331 -23.89 19.31 12.29
N ASP B 332 -22.74 19.92 12.54
CA ASP B 332 -21.73 19.27 13.37
C ASP B 332 -22.15 19.30 14.81
N GLY B 333 -23.19 20.08 15.15
CA GLY B 333 -23.75 20.07 16.48
C GLY B 333 -22.75 20.52 17.55
N HIS B 334 -22.82 19.94 18.74
CA HIS B 334 -22.07 20.54 19.86
C HIS B 334 -20.54 20.58 19.59
N LEU B 335 -20.00 19.48 19.06
CA LEU B 335 -18.53 19.39 18.92
C LEU B 335 -18.03 20.09 17.69
N GLY B 336 -18.93 20.80 17.02
CA GLY B 336 -18.56 21.85 16.09
C GLY B 336 -17.71 22.89 16.76
N LEU B 337 -17.77 22.95 18.09
CA LEU B 337 -16.82 23.79 18.84
C LEU B 337 -15.35 23.40 18.61
N PHE B 338 -15.10 22.17 18.19
CA PHE B 338 -13.75 21.70 17.98
C PHE B 338 -13.16 22.26 16.67
N GLY B 339 -13.96 22.99 15.92
CA GLY B 339 -13.43 23.63 14.71
C GLY B 339 -13.48 22.76 13.47
N THR B 340 -14.36 21.76 13.46
CA THR B 340 -14.50 20.82 12.35
C THR B 340 -15.20 21.45 11.13
N ASP B 341 -15.95 22.52 11.40
CA ASP B 341 -16.81 23.16 10.40
C ASP B 341 -16.36 24.61 10.16
N ALA B 342 -15.60 24.83 9.08
CA ALA B 342 -15.03 26.15 8.85
C ALA B 342 -16.11 27.21 8.57
N GLN B 343 -17.23 26.79 7.98
CA GLN B 343 -18.32 27.72 7.67
C GLN B 343 -18.95 28.22 8.97
N MET B 344 -18.96 27.34 9.96
CA MET B 344 -19.44 27.71 11.29
C MET B 344 -18.52 28.73 11.93
N LEU B 345 -17.22 28.52 11.79
CA LEU B 345 -16.24 29.45 12.33
C LEU B 345 -16.34 30.80 11.65
N ASP B 346 -16.63 30.82 10.36
CA ASP B 346 -16.82 32.10 9.65
C ASP B 346 -18.02 32.86 10.19
N GLN B 347 -19.12 32.14 10.41
CA GLN B 347 -20.30 32.76 11.02
C GLN B 347 -19.97 33.36 12.37
N LEU B 348 -19.34 32.56 13.22
CA LEU B 348 -18.97 32.99 14.55
C LEU B 348 -18.09 34.25 14.48
N ASP B 349 -17.09 34.26 13.60
CA ASP B 349 -16.23 35.44 13.49
C ASP B 349 -17.02 36.70 13.10
N ALA B 350 -17.97 36.53 12.19
CA ALA B 350 -18.78 37.70 11.77
C ALA B 350 -19.62 38.25 12.93
N HIS B 351 -20.29 37.36 13.65
CA HIS B 351 -21.05 37.77 14.82
C HIS B 351 -20.18 38.45 15.89
N LEU B 352 -19.09 37.78 16.29
CA LEU B 352 -18.18 38.37 17.26
C LEU B 352 -17.55 39.71 16.85
N ALA B 353 -17.18 39.85 15.56
CA ALA B 353 -16.66 41.12 15.09
C ALA B 353 -17.71 42.22 15.21
N GLU B 354 -18.97 41.85 14.97
CA GLU B 354 -20.03 42.84 15.05
C GLU B 354 -20.25 43.24 16.51
N LEU B 355 -20.18 42.25 17.41
CA LEU B 355 -20.32 42.51 18.83
C LEU B 355 -19.21 43.45 19.32
N LEU B 356 -17.97 43.13 18.96
CA LEU B 356 -16.83 43.96 19.35
C LEU B 356 -16.91 45.38 18.80
N SER B 357 -17.56 45.53 17.65
CA SER B 357 -17.71 46.83 16.98
C SER B 357 -18.80 47.69 17.61
N SER B 358 -19.63 47.09 18.44
CA SER B 358 -20.76 47.80 19.04
C SER B 358 -20.37 48.43 20.36
N PRO B 359 -20.94 49.60 20.67
CA PRO B 359 -20.61 50.38 21.88
C PRO B 359 -20.92 49.63 23.18
N HIS C 22 7.44 -22.24 12.56
CA HIS C 22 8.60 -21.54 13.11
C HIS C 22 8.63 -21.57 14.63
N GLY C 23 7.47 -21.81 15.23
CA GLY C 23 7.37 -21.91 16.67
C GLY C 23 8.01 -23.20 17.15
N PRO C 24 8.14 -23.33 18.48
CA PRO C 24 7.59 -22.33 19.41
C PRO C 24 8.50 -21.13 19.58
N PHE C 25 7.93 -19.97 19.86
CA PHE C 25 8.76 -18.86 20.29
C PHE C 25 7.90 -17.86 21.04
N GLU C 26 8.57 -16.96 21.75
CA GLU C 26 7.93 -15.91 22.51
C GLU C 26 8.46 -14.56 22.05
N LEU C 27 7.56 -13.61 21.82
CA LEU C 27 7.94 -12.24 21.55
C LEU C 27 8.13 -11.47 22.87
N ILE C 28 9.31 -10.90 23.05
CA ILE C 28 9.58 -10.09 24.23
C ILE C 28 9.90 -8.65 23.80
N ASN C 29 9.09 -7.73 24.29
CA ASN C 29 9.28 -6.32 24.01
C ASN C 29 10.34 -5.77 24.94
N ILE C 30 11.51 -5.42 24.42
CA ILE C 30 12.57 -4.91 25.28
C ILE C 30 12.59 -3.38 25.33
N GLY C 31 11.58 -2.74 24.75
CA GLY C 31 11.47 -1.30 24.88
C GLY C 31 12.13 -0.65 23.69
N PRO C 32 12.34 0.68 23.76
CA PRO C 32 12.95 1.37 22.62
C PRO C 32 14.41 0.96 22.40
N LEU C 33 14.83 0.91 21.16
CA LEU C 33 16.20 0.57 20.83
C LEU C 33 16.75 1.66 19.92
N PRO C 34 17.64 2.50 20.45
CA PRO C 34 18.35 3.45 19.60
C PRO C 34 19.38 2.71 18.77
N LEU C 35 19.31 2.82 17.45
CA LEU C 35 20.24 2.07 16.58
C LEU C 35 21.53 2.83 16.31
N GLU C 36 22.62 2.07 16.09
CA GLU C 36 23.93 2.66 15.85
C GLU C 36 23.90 3.63 14.68
N GLU C 37 23.09 3.31 13.68
CA GLU C 37 23.04 4.17 12.51
C GLU C 37 22.30 5.49 12.75
N GLY C 38 21.57 5.60 13.85
CA GLY C 38 20.98 6.87 14.21
C GLY C 38 19.48 6.90 14.36
N ARG C 39 18.76 5.93 13.81
CA ARG C 39 17.31 5.90 13.99
C ARG C 39 16.92 5.17 15.26
N CYS C 40 15.70 5.41 15.73
CA CYS C 40 15.23 4.76 16.94
C CYS C 40 14.08 3.82 16.64
N MET C 41 14.21 2.56 17.04
CA MET C 41 13.06 1.67 17.05
C MET C 41 12.26 1.96 18.32
N PRO C 42 11.02 2.39 18.18
CA PRO C 42 10.22 2.74 19.37
C PRO C 42 9.90 1.54 20.26
N GLU C 43 9.71 0.38 19.64
CA GLU C 43 9.60 -0.85 20.39
C GLU C 43 10.35 -1.89 19.60
N CYS C 44 11.17 -2.65 20.28
CA CYS C 44 11.93 -3.69 19.61
C CYS C 44 11.43 -5.01 20.17
N LEU C 45 10.75 -5.79 19.35
CA LEU C 45 10.29 -7.11 19.77
C LEU C 45 11.32 -8.16 19.36
N LEU C 46 11.88 -8.88 20.34
CA LEU C 46 12.77 -10.00 20.04
C LEU C 46 11.96 -11.29 20.11
N ALA C 47 12.08 -12.11 19.08
CA ALA C 47 11.48 -13.43 19.09
C ALA C 47 12.47 -14.40 19.72
N VAL C 48 12.06 -15.03 20.82
CA VAL C 48 13.01 -15.83 21.61
C VAL C 48 12.47 -17.23 21.79
N ALA C 49 13.32 -18.24 21.64
CA ALA C 49 12.96 -19.61 21.99
C ALA C 49 13.88 -20.10 23.10
N VAL C 50 13.31 -20.49 24.23
CA VAL C 50 14.10 -20.98 25.37
C VAL C 50 13.98 -22.49 25.52
N HIS C 51 15.11 -23.18 25.56
CA HIS C 51 15.09 -24.63 25.72
C HIS C 51 15.85 -24.98 26.99
N GLY C 52 15.15 -25.54 27.97
CA GLY C 52 15.81 -25.94 29.20
C GLY C 52 15.58 -24.91 30.27
N ALA C 53 15.86 -25.26 31.52
CA ALA C 53 15.64 -24.33 32.63
C ALA C 53 16.95 -23.77 33.17
N LEU C 54 16.89 -22.52 33.63
CA LEU C 54 18.00 -21.92 34.38
C LEU C 54 18.22 -22.63 35.70
N ASN C 55 19.49 -22.88 36.06
CA ASN C 55 19.75 -23.47 37.37
C ASN C 55 19.66 -22.38 38.45
N ALA C 56 20.05 -22.71 39.68
CA ALA C 56 19.74 -21.86 40.82
C ALA C 56 20.48 -20.52 40.80
N ASP C 57 21.68 -20.48 40.23
CA ASP C 57 22.44 -19.23 40.17
C ASP C 57 22.53 -18.71 38.74
N LYS C 58 21.64 -19.23 37.90
CA LYS C 58 21.55 -18.81 36.48
C LYS C 58 22.92 -18.80 35.79
N SER C 59 23.68 -19.86 36.00
CA SER C 59 25.02 -19.96 35.46
C SER C 59 25.10 -20.95 34.31
N ASN C 60 23.96 -21.48 33.89
CA ASN C 60 23.96 -22.43 32.78
C ASN C 60 23.31 -21.89 31.52
N ALA C 61 23.38 -20.58 31.30
CA ALA C 61 22.73 -20.03 30.10
C ALA C 61 23.67 -20.04 28.88
N ILE C 62 23.10 -20.47 27.75
CA ILE C 62 23.80 -20.49 26.47
C ILE C 62 23.00 -19.62 25.50
N LEU C 63 23.69 -18.69 24.86
CA LEU C 63 23.03 -17.82 23.91
C LEU C 63 23.31 -18.28 22.51
N VAL C 64 22.25 -18.41 21.70
CA VAL C 64 22.40 -18.83 20.30
C VAL C 64 21.76 -17.81 19.38
N PRO C 65 22.56 -16.94 18.76
CA PRO C 65 22.01 -16.04 17.73
C PRO C 65 21.71 -16.77 16.44
N THR C 66 20.85 -16.20 15.59
CA THR C 66 20.43 -16.86 14.36
C THR C 66 21.22 -16.33 13.16
N TRP C 67 21.16 -17.05 12.05
CA TRP C 67 22.02 -16.69 10.92
C TRP C 67 21.23 -16.05 9.76
N TYR C 68 21.93 -15.74 8.67
CA TYR C 68 21.27 -15.10 7.51
C TYR C 68 20.09 -15.92 7.01
N SER C 69 18.93 -15.27 6.91
CA SER C 69 17.65 -15.87 6.47
C SER C 69 17.14 -16.94 7.43
N GLY C 70 17.82 -17.15 8.55
CA GLY C 70 17.42 -18.23 9.44
C GLY C 70 16.55 -17.78 10.59
N THR C 71 15.90 -18.73 11.24
CA THR C 71 15.17 -18.42 12.47
C THR C 71 15.61 -19.37 13.57
N SER C 72 15.04 -19.20 14.75
CA SER C 72 15.34 -20.07 15.89
C SER C 72 14.98 -21.51 15.63
N LYS C 73 14.04 -21.74 14.71
CA LYS C 73 13.57 -23.08 14.41
C LYS C 73 14.70 -23.91 13.82
N ALA C 74 15.50 -23.29 12.95
CA ALA C 74 16.61 -24.04 12.36
C ALA C 74 17.64 -24.41 13.41
N MET C 75 17.98 -23.46 14.29
CA MET C 75 18.99 -23.75 15.31
C MET C 75 18.49 -24.91 16.18
N GLU C 76 17.21 -24.90 16.51
CA GLU C 76 16.62 -25.94 17.37
C GLU C 76 16.61 -27.32 16.69
N GLN C 77 16.14 -27.37 15.44
CA GLN C 77 16.02 -28.66 14.76
C GLN C 77 17.42 -29.24 14.46
N ILE C 78 18.38 -28.38 14.12
CA ILE C 78 19.70 -28.93 13.75
C ILE C 78 20.65 -29.18 14.95
N TYR C 79 20.58 -28.36 16.00
CA TYR C 79 21.65 -28.40 17.01
C TYR C 79 21.26 -28.71 18.43
N ILE C 80 19.98 -28.60 18.78
CA ILE C 80 19.56 -28.66 20.18
C ILE C 80 18.77 -29.94 20.50
N GLY C 81 19.16 -30.61 21.58
CA GLY C 81 18.40 -31.77 22.03
C GLY C 81 19.20 -32.63 22.99
N GLU C 82 18.53 -33.61 23.58
CA GLU C 82 19.14 -34.39 24.67
C GLU C 82 20.49 -35.08 24.41
N GLY C 83 20.74 -35.61 23.23
CA GLY C 83 22.00 -36.34 23.06
C GLY C 83 23.14 -35.47 22.56
N ARG C 84 22.93 -34.17 22.55
CA ARG C 84 23.80 -33.20 21.88
C ARG C 84 24.62 -32.34 22.86
N ALA C 85 25.56 -31.56 22.35
CA ALA C 85 26.31 -30.65 23.22
C ALA C 85 25.35 -29.62 23.80
N LEU C 86 24.50 -29.04 22.95
CA LEU C 86 23.49 -28.08 23.40
C LEU C 86 22.28 -28.84 23.96
N ASP C 87 22.42 -29.27 25.21
CA ASP C 87 21.52 -30.21 25.85
C ASP C 87 20.65 -29.45 26.85
N PRO C 88 19.34 -29.35 26.54
CA PRO C 88 18.42 -28.58 27.40
C PRO C 88 18.19 -29.23 28.79
N SER C 89 18.65 -30.46 28.99
CA SER C 89 18.52 -31.05 30.32
C SER C 89 19.65 -30.51 31.22
N LYS C 90 20.66 -29.87 30.63
CA LYS C 90 21.81 -29.35 31.36
C LYS C 90 21.88 -27.83 31.30
N TYR C 91 21.51 -27.26 30.15
CA TYR C 91 21.65 -25.82 29.95
C TYR C 91 20.32 -25.17 29.66
N CYS C 92 20.24 -23.87 29.92
CA CYS C 92 19.13 -23.07 29.44
C CYS C 92 19.58 -22.40 28.15
N ILE C 93 19.08 -22.92 27.03
CA ILE C 93 19.56 -22.52 25.73
C ILE C 93 18.59 -21.50 25.14
N ILE C 94 19.06 -20.28 25.00
CA ILE C 94 18.22 -19.14 24.63
C ILE C 94 18.56 -18.73 23.21
N VAL C 95 17.63 -19.01 22.30
CA VAL C 95 17.86 -18.79 20.88
C VAL C 95 17.17 -17.47 20.52
N VAL C 96 17.92 -16.49 20.01
CA VAL C 96 17.32 -15.15 19.81
C VAL C 96 17.35 -14.79 18.35
N ASN C 97 16.19 -14.51 17.80
CA ASN C 97 16.06 -14.21 16.38
C ASN C 97 16.60 -12.84 16.07
N GLN C 98 17.36 -12.73 14.99
CA GLN C 98 17.87 -11.46 14.51
C GLN C 98 16.77 -10.44 14.26
N ILE C 99 17.00 -9.21 14.67
CA ILE C 99 16.19 -8.11 14.14
C ILE C 99 16.24 -8.16 12.63
N GLY C 100 15.07 -8.12 11.98
CA GLY C 100 15.08 -8.19 10.53
C GLY C 100 14.76 -9.56 9.93
N ASN C 101 14.68 -10.61 10.74
CA ASN C 101 14.54 -11.95 10.17
C ASN C 101 13.09 -12.39 9.98
N GLY C 102 12.16 -11.50 10.30
CA GLY C 102 10.73 -11.76 10.09
C GLY C 102 9.98 -12.26 11.31
N LEU C 103 10.71 -12.73 12.31
CA LEU C 103 10.10 -13.12 13.61
C LEU C 103 10.28 -12.02 14.63
N SER C 104 11.54 -11.59 14.83
CA SER C 104 11.78 -10.39 15.60
C SER C 104 11.26 -9.19 14.79
N SER C 105 11.27 -8.00 15.38
CA SER C 105 10.85 -6.78 14.64
C SER C 105 11.63 -6.70 13.33
N SER C 106 10.90 -6.48 12.24
CA SER C 106 11.45 -6.57 10.90
C SER C 106 10.68 -5.66 9.97
N ALA C 107 11.23 -5.44 8.77
CA ALA C 107 10.51 -4.73 7.70
C ALA C 107 9.15 -5.36 7.44
N SER C 108 9.09 -6.69 7.52
CA SER C 108 7.86 -7.40 7.14
C SER C 108 6.76 -7.33 8.18
N ASN C 109 7.06 -6.89 9.41
CA ASN C 109 6.04 -6.94 10.48
C ASN C 109 5.95 -5.69 11.37
N THR C 110 6.60 -4.62 10.92
CA THR C 110 6.61 -3.38 11.67
C THR C 110 5.81 -2.34 10.88
N GLY C 111 4.96 -1.58 11.54
CA GLY C 111 4.10 -0.65 10.81
C GLY C 111 4.68 0.75 10.70
N GLY C 112 3.85 1.66 10.19
CA GLY C 112 4.23 3.07 10.03
C GLY C 112 5.46 3.30 9.19
N SER C 113 6.34 4.17 9.68
CA SER C 113 7.47 4.62 8.89
C SER C 113 8.63 3.65 8.86
N LEU C 114 8.50 2.55 9.60
CA LEU C 114 9.52 1.51 9.61
C LEU C 114 9.08 0.35 8.73
N ALA C 115 7.95 0.44 8.08
CA ALA C 115 7.48 -0.74 7.32
C ALA C 115 8.24 -0.91 6.04
N GLY C 116 8.48 -2.16 5.66
CA GLY C 116 8.97 -2.47 4.33
C GLY C 116 10.29 -1.79 4.06
N PRO C 117 10.34 -1.03 2.96
CA PRO C 117 11.57 -0.33 2.55
C PRO C 117 11.94 0.79 3.52
N GLY C 118 11.00 1.18 4.38
CA GLY C 118 11.28 2.20 5.38
C GLY C 118 12.06 1.62 6.57
N PHE C 119 12.19 0.29 6.66
CA PHE C 119 12.86 -0.30 7.84
C PHE C 119 14.30 0.21 8.01
N ALA C 120 14.78 0.25 9.24
CA ALA C 120 16.09 0.85 9.50
C ALA C 120 17.25 -0.06 9.13
N ASN C 121 18.42 0.54 8.93
CA ASN C 121 19.65 -0.23 8.77
C ASN C 121 20.10 -0.67 10.17
N VAL C 122 20.14 -1.97 10.37
CA VAL C 122 20.43 -2.57 11.68
C VAL C 122 21.79 -3.21 11.58
N ARG C 123 22.66 -2.96 12.57
CA ARG C 123 23.99 -3.57 12.57
C ARG C 123 24.08 -4.75 13.54
N ILE C 124 25.10 -5.58 13.35
CA ILE C 124 25.33 -6.68 14.29
C ILE C 124 25.38 -6.16 15.75
N GLY C 125 25.98 -4.99 15.95
CA GLY C 125 26.08 -4.42 17.29
C GLY C 125 24.71 -4.11 17.88
N ASP C 126 23.74 -3.79 17.02
CA ASP C 126 22.38 -3.51 17.50
C ASP C 126 21.71 -4.79 18.02
N ASP C 127 21.84 -5.90 17.30
CA ASP C 127 21.34 -7.19 17.80
C ASP C 127 21.97 -7.53 19.16
N VAL C 128 23.26 -7.30 19.29
CA VAL C 128 23.95 -7.74 20.50
C VAL C 128 23.54 -6.83 21.69
N SER C 129 23.38 -5.54 21.43
CA SER C 129 22.93 -4.65 22.50
C SER C 129 21.50 -5.03 22.96
N ALA C 130 20.62 -5.35 21.99
CA ALA C 130 19.25 -5.78 22.29
C ALA C 130 19.23 -7.11 23.07
N GLN C 131 20.10 -8.04 22.67
CA GLN C 131 20.20 -9.33 23.35
C GLN C 131 20.70 -9.14 24.77
N HIS C 132 21.61 -8.20 24.94
CA HIS C 132 22.18 -7.96 26.26
C HIS C 132 21.11 -7.37 27.18
N THR C 133 20.27 -6.46 26.66
CA THR C 133 19.16 -5.94 27.44
C THR C 133 18.18 -7.06 27.79
N LEU C 134 17.84 -7.89 26.79
CA LEU C 134 16.96 -9.03 26.99
C LEU C 134 17.48 -9.91 28.14
N LEU C 135 18.75 -10.30 28.09
CA LEU C 135 19.30 -11.24 29.06
C LEU C 135 19.37 -10.66 30.48
N THR C 136 19.81 -9.41 30.60
CA THR C 136 19.95 -8.81 31.93
C THR C 136 18.62 -8.38 32.53
N GLU C 137 17.80 -7.69 31.73
CA GLU C 137 16.57 -7.10 32.26
C GLU C 137 15.36 -8.05 32.31
N TYR C 138 15.23 -8.96 31.35
CA TYR C 138 14.07 -9.85 31.35
C TYR C 138 14.36 -11.17 32.05
N PHE C 139 15.54 -11.73 31.83
CA PHE C 139 15.94 -13.01 32.46
C PHE C 139 16.73 -12.89 33.76
N GLY C 140 17.30 -11.72 34.04
CA GLY C 140 18.13 -11.55 35.23
C GLY C 140 19.43 -12.36 35.13
N ILE C 141 19.88 -12.61 33.91
CA ILE C 141 21.11 -13.34 33.68
C ILE C 141 22.32 -12.41 33.69
N GLU C 142 23.44 -12.84 34.28
CA GLU C 142 24.60 -11.98 34.46
C GLU C 142 25.86 -12.46 33.75
N SER C 143 25.81 -13.68 33.22
CA SER C 143 26.90 -14.21 32.42
C SER C 143 26.40 -15.37 31.59
N LEU C 144 27.14 -15.70 30.53
CA LEU C 144 26.76 -16.77 29.62
C LEU C 144 27.81 -17.86 29.69
N ALA C 145 27.35 -19.10 29.87
CA ALA C 145 28.27 -20.21 29.88
C ALA C 145 28.87 -20.40 28.49
N LEU C 146 28.11 -20.01 27.46
CA LEU C 146 28.62 -20.07 26.08
C LEU C 146 27.79 -19.17 25.20
N VAL C 147 28.42 -18.56 24.21
CA VAL C 147 27.68 -17.97 23.08
C VAL C 147 28.14 -18.70 21.83
N VAL C 148 27.21 -19.21 21.04
CA VAL C 148 27.60 -20.00 19.88
C VAL C 148 26.67 -19.64 18.74
N GLY C 149 27.25 -19.47 17.55
CA GLY C 149 26.46 -19.16 16.37
C GLY C 149 27.26 -19.47 15.10
N GLY C 150 26.56 -19.64 13.98
CA GLY C 150 27.17 -19.93 12.69
C GLY C 150 26.98 -18.71 11.79
N SER C 151 28.03 -18.35 11.05
CA SER C 151 27.98 -17.30 10.02
C SER C 151 27.57 -15.94 10.61
N MET C 152 26.42 -15.38 10.22
CA MET C 152 25.96 -14.16 10.90
C MET C 152 25.81 -14.40 12.42
N GLY C 153 25.51 -15.64 12.81
CA GLY C 153 25.47 -16.00 14.22
C GLY C 153 26.86 -15.91 14.84
N ALA C 154 27.89 -16.24 14.08
CA ALA C 154 29.26 -16.12 14.54
C ALA C 154 29.70 -14.64 14.59
N GLN C 155 29.21 -13.81 13.67
CA GLN C 155 29.47 -12.36 13.74
C GLN C 155 28.96 -11.81 15.07
N GLN C 156 27.76 -12.22 15.44
CA GLN C 156 27.18 -11.79 16.70
C GLN C 156 27.94 -12.35 17.90
N THR C 157 28.44 -13.57 17.76
CA THR C 157 29.22 -14.23 18.81
C THR C 157 30.50 -13.44 19.05
N TYR C 158 31.22 -13.08 17.99
CA TYR C 158 32.40 -12.23 18.19
C TYR C 158 32.05 -10.87 18.77
N GLU C 159 30.96 -10.25 18.29
CA GLU C 159 30.56 -8.94 18.82
C GLU C 159 30.25 -9.07 20.33
N TRP C 160 29.57 -10.13 20.71
CA TRP C 160 29.37 -10.39 22.16
C TRP C 160 30.71 -10.47 22.92
N ALA C 161 31.64 -11.27 22.41
CA ALA C 161 32.89 -11.52 23.13
C ALA C 161 33.73 -10.25 23.28
N VAL C 162 33.64 -9.36 22.31
CA VAL C 162 34.39 -8.09 22.33
C VAL C 162 33.66 -7.00 23.13
N ARG C 163 32.34 -6.88 22.92
CA ARG C 163 31.57 -5.82 23.54
C ARG C 163 31.38 -5.99 25.05
N TYR C 164 31.10 -7.23 25.48
CA TYR C 164 30.88 -7.52 26.91
C TYR C 164 31.84 -8.61 27.37
N PRO C 165 33.14 -8.29 27.43
CA PRO C 165 34.12 -9.37 27.57
C PRO C 165 33.94 -10.26 28.81
N ASP C 166 33.54 -9.70 29.94
CA ASP C 166 33.38 -10.49 31.16
C ASP C 166 32.08 -11.30 31.22
N PHE C 167 31.09 -10.89 30.42
CA PHE C 167 29.79 -11.54 30.35
C PHE C 167 29.91 -12.92 29.71
N VAL C 168 30.82 -13.04 28.74
CA VAL C 168 30.94 -14.23 27.90
C VAL C 168 32.05 -15.13 28.44
N LYS C 169 31.70 -16.28 29.02
CA LYS C 169 32.71 -17.21 29.54
C LYS C 169 33.36 -18.06 28.43
N ARG C 170 32.56 -18.45 27.44
CA ARG C 170 33.05 -19.27 26.34
C ARG C 170 32.37 -18.80 25.07
N ALA C 171 33.08 -18.94 23.96
CA ALA C 171 32.55 -18.51 22.67
C ALA C 171 32.94 -19.51 21.58
N ALA C 172 31.98 -19.84 20.73
CA ALA C 172 32.21 -20.77 19.63
C ALA C 172 31.73 -20.08 18.36
N ALA C 173 32.67 -19.65 17.52
CA ALA C 173 32.36 -18.92 16.29
C ALA C 173 32.49 -19.89 15.13
N ILE C 174 31.34 -20.34 14.62
CA ILE C 174 31.32 -21.34 13.56
C ILE C 174 31.15 -20.69 12.20
N ALA C 175 32.07 -20.93 11.27
CA ALA C 175 31.88 -20.46 9.90
C ALA C 175 31.52 -18.95 9.77
N GLY C 176 32.31 -18.10 10.43
CA GLY C 176 32.14 -16.67 10.20
C GLY C 176 33.31 -15.91 10.79
N THR C 177 33.34 -14.61 10.51
CA THR C 177 34.49 -13.80 10.93
C THR C 177 34.07 -12.62 11.82
N ALA C 178 35.06 -12.02 12.47
CA ALA C 178 34.84 -10.92 13.40
C ALA C 178 34.83 -9.57 12.68
N ARG C 179 35.51 -9.50 11.54
CA ARG C 179 35.42 -8.34 10.67
C ARG C 179 35.24 -8.82 9.23
N ASN C 180 34.23 -8.32 8.54
CA ASN C 180 33.90 -8.84 7.22
C ASN C 180 34.90 -8.41 6.14
N SER C 181 35.28 -9.37 5.29
CA SER C 181 36.22 -9.10 4.19
C SER C 181 35.56 -8.34 3.05
N GLU C 182 36.35 -7.68 2.21
CA GLU C 182 35.83 -7.04 1.01
C GLU C 182 35.23 -8.03 0.02
N HIS C 183 35.79 -9.25 -0.02
CA HIS C 183 35.30 -10.30 -0.91
C HIS C 183 33.91 -10.76 -0.50
N ASP C 184 33.73 -10.91 0.80
CA ASP C 184 32.41 -11.28 1.34
C ASP C 184 31.42 -10.15 1.13
N PHE C 185 31.88 -8.92 1.29
CA PHE C 185 31.01 -7.77 1.02
C PHE C 185 30.49 -7.80 -0.44
N LEU C 186 31.38 -8.08 -1.39
CA LEU C 186 31.00 -8.18 -2.80
C LEU C 186 29.99 -9.30 -3.06
N PHE C 187 30.26 -10.48 -2.49
CA PHE C 187 29.31 -11.60 -2.58
C PHE C 187 27.91 -11.15 -2.20
N THR C 188 27.79 -10.52 -1.04
CA THR C 188 26.48 -10.08 -0.55
C THR C 188 25.88 -8.99 -1.42
N GLU C 189 26.69 -8.08 -1.93
CA GLU C 189 26.18 -7.10 -2.88
C GLU C 189 25.56 -7.74 -4.15
N ILE C 190 26.20 -8.78 -4.64
CA ILE C 190 25.69 -9.49 -5.82
C ILE C 190 24.41 -10.25 -5.45
N LEU C 191 24.36 -10.84 -4.26
CA LEU C 191 23.13 -11.46 -3.72
C LEU C 191 21.98 -10.48 -3.66
N ILE C 192 22.28 -9.27 -3.19
CA ILE C 192 21.26 -8.23 -3.11
C ILE C 192 20.75 -7.83 -4.49
N GLU C 193 21.68 -7.64 -5.43
CA GLU C 193 21.30 -7.26 -6.79
C GLU C 193 20.49 -8.33 -7.52
N ALA C 194 20.75 -9.61 -7.22
CA ALA C 194 19.93 -10.71 -7.77
C ALA C 194 18.44 -10.47 -7.53
N ILE C 195 18.12 -9.97 -6.33
CA ILE C 195 16.75 -9.63 -5.96
C ILE C 195 16.29 -8.29 -6.56
N THR C 196 17.11 -7.25 -6.41
CA THR C 196 16.62 -5.90 -6.72
C THR C 196 16.50 -5.64 -8.22
N THR C 197 17.14 -6.48 -9.01
CA THR C 197 17.05 -6.42 -10.46
C THR C 197 15.71 -6.96 -11.00
N ASP C 198 14.95 -7.62 -10.15
CA ASP C 198 13.62 -8.14 -10.52
C ASP C 198 12.66 -6.95 -10.68
N PRO C 199 12.09 -6.73 -11.86
CA PRO C 199 11.14 -5.61 -11.99
C PRO C 199 9.99 -5.64 -10.96
N ALA C 200 9.67 -6.82 -10.41
CA ALA C 200 8.56 -6.96 -9.47
C ALA C 200 8.93 -6.47 -8.07
N PHE C 201 10.22 -6.32 -7.79
CA PHE C 201 10.68 -5.80 -6.49
C PHE C 201 10.09 -4.41 -6.18
N GLN C 202 9.98 -3.58 -7.21
CA GLN C 202 9.34 -2.25 -7.11
C GLN C 202 9.82 -1.43 -5.92
N ALA C 203 11.15 -1.36 -5.76
CA ALA C 203 11.81 -0.51 -4.77
C ALA C 203 11.43 -0.89 -3.35
N GLY C 204 11.03 -2.16 -3.15
CA GLY C 204 10.68 -2.69 -1.83
C GLY C 204 9.18 -2.66 -1.58
N LEU C 205 8.43 -2.22 -2.57
CA LEU C 205 6.98 -2.09 -2.43
C LEU C 205 6.23 -3.20 -3.18
N TYR C 206 6.87 -4.35 -3.32
CA TYR C 206 6.27 -5.50 -4.02
C TYR C 206 5.00 -5.99 -3.36
N ARG C 207 4.13 -6.61 -4.16
CA ARG C 207 2.86 -7.16 -3.70
C ARG C 207 3.05 -8.28 -2.70
N SER C 208 3.96 -9.20 -3.02
CA SER C 208 4.23 -10.32 -2.14
C SER C 208 5.55 -10.91 -2.50
N SER C 209 6.01 -11.86 -1.69
CA SER C 209 7.23 -12.58 -1.94
C SER C 209 7.16 -13.38 -3.23
N SER C 210 6.01 -13.96 -3.49
CA SER C 210 5.83 -14.73 -4.70
C SER C 210 5.96 -13.83 -5.93
N ALA C 211 5.65 -12.55 -5.78
CA ALA C 211 5.73 -11.60 -6.90
C ALA C 211 7.19 -11.45 -7.33
N VAL C 212 8.10 -11.61 -6.38
CA VAL C 212 9.52 -11.40 -6.62
C VAL C 212 10.24 -12.77 -6.76
N ALA C 213 9.50 -13.74 -7.25
CA ALA C 213 10.01 -15.11 -7.42
C ALA C 213 11.28 -15.20 -8.28
N ALA C 214 11.32 -14.47 -9.39
CA ALA C 214 12.49 -14.48 -10.26
C ALA C 214 13.76 -14.04 -9.53
N GLY C 215 13.67 -12.91 -8.83
CA GLY C 215 14.76 -12.42 -7.99
C GLY C 215 15.17 -13.40 -6.89
N LEU C 216 14.20 -14.00 -6.21
CA LEU C 216 14.54 -14.94 -5.15
C LEU C 216 15.16 -16.22 -5.73
N GLU C 217 14.71 -16.61 -6.92
CA GLU C 217 15.39 -17.74 -7.59
C GLU C 217 16.85 -17.42 -7.97
N ARG C 218 17.12 -16.22 -8.49
CA ARG C 218 18.50 -15.86 -8.83
C ARG C 218 19.36 -15.86 -7.56
N HIS C 219 18.78 -15.34 -6.49
CA HIS C 219 19.40 -15.36 -5.17
C HIS C 219 19.73 -16.80 -4.78
N ALA C 220 18.77 -17.70 -4.99
CA ALA C 220 18.99 -19.11 -4.69
C ALA C 220 20.13 -19.72 -5.50
N LYS C 221 20.23 -19.35 -6.77
CA LYS C 221 21.27 -19.89 -7.63
C LYS C 221 22.64 -19.40 -7.20
N LEU C 222 22.72 -18.15 -6.77
CA LEU C 222 24.00 -17.64 -6.26
C LEU C 222 24.40 -18.36 -4.98
N TRP C 223 23.42 -18.63 -4.11
CA TRP C 223 23.71 -19.38 -2.91
C TRP C 223 24.16 -20.82 -3.24
N THR C 224 23.66 -21.38 -4.34
CA THR C 224 24.10 -22.73 -4.75
C THR C 224 25.56 -22.69 -5.19
N LEU C 225 25.92 -21.63 -5.90
CA LEU C 225 27.26 -21.45 -6.43
C LEU C 225 28.30 -21.27 -5.31
N MET C 226 27.97 -20.43 -4.32
CA MET C 226 28.92 -20.09 -3.26
C MET C 226 28.73 -20.81 -1.93
N GLY C 227 27.59 -21.49 -1.75
CA GLY C 227 27.18 -21.96 -0.44
C GLY C 227 27.65 -23.36 -0.06
N TRP C 228 28.05 -24.14 -1.05
CA TRP C 228 28.49 -25.52 -0.82
C TRP C 228 29.98 -25.59 -1.17
N SER C 229 30.35 -26.46 -2.10
CA SER C 229 31.71 -26.43 -2.67
C SER C 229 31.71 -27.19 -3.98
N PRO C 230 32.75 -26.96 -4.81
CA PRO C 230 32.88 -27.80 -5.98
C PRO C 230 32.95 -29.27 -5.62
N GLU C 231 33.65 -29.64 -4.54
CA GLU C 231 33.78 -31.06 -4.17
C GLU C 231 32.43 -31.69 -3.80
N PHE C 232 31.55 -30.89 -3.21
CA PHE C 232 30.20 -31.33 -2.84
C PHE C 232 29.49 -31.91 -4.05
N PHE C 233 29.52 -31.19 -5.16
CA PHE C 233 28.84 -31.62 -6.38
C PHE C 233 29.66 -32.66 -7.13
N ARG C 234 30.98 -32.50 -7.16
CA ARG C 234 31.83 -33.49 -7.85
C ARG C 234 31.62 -34.89 -7.25
N THR C 235 31.47 -34.96 -5.94
CA THR C 235 31.36 -36.28 -5.31
C THR C 235 29.90 -36.72 -5.15
N GLY C 236 28.96 -35.94 -5.68
CA GLY C 236 27.56 -36.31 -5.65
C GLY C 236 26.89 -36.27 -4.28
N ARG C 237 27.32 -35.37 -3.40
CA ARG C 237 26.60 -35.18 -2.12
C ARG C 237 25.13 -34.81 -2.33
N HIS C 238 24.83 -34.03 -3.37
CA HIS C 238 23.43 -33.68 -3.66
C HIS C 238 22.59 -34.94 -3.98
N LYS C 239 23.21 -35.94 -4.60
CA LYS C 239 22.51 -37.18 -4.92
C LYS C 239 22.31 -37.95 -3.63
N ALA C 240 23.34 -37.93 -2.78
CA ALA C 240 23.27 -38.57 -1.46
C ALA C 240 22.15 -37.98 -0.62
N LEU C 241 21.89 -36.69 -0.82
CA LEU C 241 20.81 -36.02 -0.11
C LEU C 241 19.44 -36.25 -0.78
N GLY C 242 19.42 -36.98 -1.89
CA GLY C 242 18.18 -37.37 -2.54
C GLY C 242 17.81 -36.59 -3.79
N PHE C 243 18.74 -35.80 -4.32
CA PHE C 243 18.48 -35.05 -5.54
C PHE C 243 19.32 -35.59 -6.70
N GLU C 244 18.64 -36.13 -7.70
CA GLU C 244 19.27 -36.85 -8.80
C GLU C 244 20.23 -36.02 -9.65
N SER C 245 20.05 -34.69 -9.63
CA SER C 245 20.86 -33.79 -10.48
C SER C 245 21.02 -32.42 -9.85
N MET C 246 22.01 -31.68 -10.33
CA MET C 246 22.20 -30.30 -9.92
C MET C 246 20.90 -29.54 -10.13
N GLN C 247 20.20 -29.81 -11.24
CA GLN C 247 18.95 -29.12 -11.53
C GLN C 247 17.87 -29.42 -10.48
N MET C 248 17.76 -30.69 -10.09
CA MET C 248 16.78 -31.09 -9.11
C MET C 248 17.12 -30.52 -7.74
N PHE C 249 18.42 -30.39 -7.47
CA PHE C 249 18.87 -29.83 -6.20
C PHE C 249 18.59 -28.32 -6.10
N VAL C 250 18.86 -27.60 -7.17
CA VAL C 250 18.57 -26.17 -7.19
C VAL C 250 17.08 -25.91 -7.06
N ASP C 251 16.27 -26.60 -7.85
CA ASP C 251 14.83 -26.42 -7.81
C ASP C 251 14.23 -26.94 -6.49
N GLY C 252 14.54 -28.18 -6.13
CA GLY C 252 13.90 -28.85 -5.01
C GLY C 252 14.40 -28.49 -3.62
N PHE C 253 15.61 -27.96 -3.52
CA PHE C 253 16.24 -27.63 -2.24
C PHE C 253 16.47 -26.11 -2.18
N MET C 254 17.30 -25.60 -3.08
CA MET C 254 17.72 -24.18 -2.98
C MET C 254 16.61 -23.20 -3.32
N LYS C 255 15.95 -23.35 -4.47
CA LYS C 255 14.86 -22.41 -4.78
C LYS C 255 13.72 -22.53 -3.77
N ARG C 256 13.37 -23.76 -3.39
CA ARG C 256 12.29 -23.97 -2.46
C ARG C 256 12.59 -23.30 -1.12
N TYR C 257 13.86 -23.27 -0.72
CA TYR C 257 14.26 -22.66 0.57
C TYR C 257 14.01 -21.14 0.54
N PHE C 258 14.43 -20.47 -0.53
CA PHE C 258 14.30 -19.02 -0.56
C PHE C 258 12.92 -18.52 -1.01
N ALA C 259 12.10 -19.36 -1.62
CA ALA C 259 10.85 -18.87 -2.25
C ALA C 259 9.87 -18.16 -1.28
N PRO C 260 9.68 -18.67 -0.05
CA PRO C 260 8.72 -17.98 0.82
C PRO C 260 9.30 -16.78 1.57
N MET C 261 10.57 -16.51 1.35
CA MET C 261 11.21 -15.46 2.16
C MET C 261 10.89 -14.05 1.68
N ASP C 262 10.93 -13.10 2.62
CA ASP C 262 10.60 -11.70 2.30
C ASP C 262 11.80 -10.94 1.79
N PRO C 263 11.73 -10.42 0.56
CA PRO C 263 12.89 -9.71 -0.01
C PRO C 263 13.42 -8.58 0.91
N ASN C 264 12.55 -7.73 1.46
CA ASN C 264 13.04 -6.65 2.33
C ASN C 264 13.79 -7.19 3.55
N ASN C 265 13.32 -8.29 4.16
CA ASN C 265 14.02 -8.88 5.31
C ASN C 265 15.38 -9.39 4.90
N LEU C 266 15.45 -10.06 3.75
CA LEU C 266 16.73 -10.51 3.26
C LEU C 266 17.73 -9.35 3.10
N LEU C 267 17.27 -8.23 2.56
CA LEU C 267 18.12 -7.04 2.35
C LEU C 267 18.59 -6.46 3.70
N THR C 268 17.71 -6.49 4.71
CA THR C 268 18.06 -6.02 6.05
C THR C 268 19.20 -6.88 6.58
N MET C 269 19.03 -8.18 6.48
CA MET C 269 20.05 -9.09 7.02
C MET C 269 21.30 -9.01 6.19
N ALA C 270 21.13 -8.83 4.88
CA ALA C 270 22.32 -8.74 4.02
C ALA C 270 23.15 -7.46 4.33
N TRP C 271 22.49 -6.34 4.58
CA TRP C 271 23.20 -5.09 4.84
C TRP C 271 23.99 -5.22 6.14
N LYS C 272 23.37 -5.88 7.11
CA LYS C 272 23.95 -6.15 8.41
C LYS C 272 25.19 -7.04 8.29
N TRP C 273 25.01 -8.17 7.60
CA TRP C 273 26.10 -9.11 7.33
C TRP C 273 27.32 -8.40 6.69
N GLN C 274 27.06 -7.56 5.70
CA GLN C 274 28.14 -6.83 5.01
C GLN C 274 29.05 -6.04 5.93
N ARG C 275 28.47 -5.51 7.00
CA ARG C 275 29.16 -4.54 7.84
C ARG C 275 29.58 -5.05 9.22
N GLY C 276 29.46 -6.35 9.45
CA GLY C 276 29.93 -6.97 10.69
C GLY C 276 31.39 -6.62 10.90
N ASP C 277 31.69 -6.00 12.03
CA ASP C 277 33.02 -5.45 12.27
C ASP C 277 33.19 -5.08 13.74
N VAL C 278 33.77 -5.98 14.52
CA VAL C 278 34.00 -5.68 15.93
C VAL C 278 35.07 -4.61 16.10
N SER C 279 35.84 -4.32 15.05
CA SER C 279 36.93 -3.36 15.22
C SER C 279 36.36 -1.95 15.34
N ARG C 280 35.06 -1.78 15.12
CA ARG C 280 34.39 -0.50 15.36
C ARG C 280 34.55 -0.05 16.80
N HIS C 281 34.80 -0.99 17.72
CA HIS C 281 34.97 -0.64 19.13
C HIS C 281 36.35 -0.05 19.41
N THR C 282 37.27 -0.21 18.47
CA THR C 282 38.67 0.12 18.74
C THR C 282 39.29 0.92 17.61
N GLY C 283 38.53 1.86 17.06
CA GLY C 283 39.03 2.74 16.02
C GLY C 283 39.52 2.02 14.77
N GLY C 284 38.95 0.83 14.49
CA GLY C 284 39.32 0.06 13.31
C GLY C 284 40.49 -0.90 13.50
N ASP C 285 41.02 -0.94 14.72
CA ASP C 285 42.15 -1.81 15.02
C ASP C 285 41.64 -3.18 15.44
N LEU C 286 41.71 -4.16 14.54
CA LEU C 286 41.12 -5.48 14.81
C LEU C 286 41.88 -6.23 15.90
N ALA C 287 43.20 -6.13 15.90
CA ALA C 287 43.99 -6.76 16.94
C ALA C 287 43.61 -6.26 18.33
N LYS C 288 43.37 -4.96 18.47
CA LYS C 288 42.99 -4.43 19.78
C LYS C 288 41.61 -4.94 20.18
N ALA C 289 40.69 -5.00 19.21
CA ALA C 289 39.33 -5.45 19.49
C ALA C 289 39.34 -6.91 19.93
N LEU C 290 39.97 -7.76 19.13
CA LEU C 290 40.05 -9.19 19.44
C LEU C 290 40.85 -9.43 20.71
N GLY C 291 41.77 -8.51 21.03
CA GLY C 291 42.60 -8.61 22.21
C GLY C 291 41.85 -8.40 23.53
N ARG C 292 40.66 -7.81 23.44
CA ARG C 292 39.75 -7.61 24.58
C ARG C 292 39.01 -8.89 25.00
N ILE C 293 38.91 -9.85 24.10
CA ILE C 293 38.20 -11.10 24.39
C ILE C 293 38.84 -11.90 25.55
N LYS C 294 38.00 -12.25 26.52
CA LYS C 294 38.40 -13.00 27.69
C LYS C 294 37.80 -14.41 27.64
N ALA C 295 36.70 -14.56 26.92
CA ALA C 295 36.05 -15.86 26.72
C ALA C 295 37.03 -16.89 26.18
N LYS C 296 36.97 -18.12 26.70
CA LYS C 296 37.65 -19.23 26.06
C LYS C 296 36.98 -19.43 24.72
N THR C 297 37.74 -19.27 23.62
CA THR C 297 37.12 -19.18 22.29
C THR C 297 37.59 -20.27 21.33
N TYR C 298 36.63 -20.95 20.70
CA TYR C 298 36.93 -21.89 19.63
C TYR C 298 36.57 -21.23 18.32
N VAL C 299 37.56 -21.11 17.45
CA VAL C 299 37.33 -20.58 16.11
C VAL C 299 37.20 -21.74 15.13
N MET C 300 36.01 -21.87 14.53
CA MET C 300 35.67 -23.10 13.82
C MET C 300 35.15 -22.87 12.41
N PRO C 301 36.05 -22.53 11.47
CA PRO C 301 35.63 -22.45 10.07
C PRO C 301 35.25 -23.84 9.54
N ILE C 302 34.47 -23.85 8.48
CA ILE C 302 34.24 -25.10 7.75
C ILE C 302 35.25 -25.22 6.64
N SER C 303 35.88 -26.39 6.56
CA SER C 303 37.04 -26.58 5.67
C SER C 303 36.78 -26.12 4.25
N HIS C 304 35.59 -26.40 3.69
CA HIS C 304 35.38 -26.10 2.26
C HIS C 304 34.47 -24.88 2.02
N ASP C 305 34.27 -24.09 3.07
CA ASP C 305 33.52 -22.82 2.97
C ASP C 305 34.18 -21.87 1.97
N GLN C 306 33.43 -21.44 0.96
CA GLN C 306 33.96 -20.63 -0.12
C GLN C 306 34.11 -19.17 0.22
N PHE C 307 33.45 -18.68 1.27
CA PHE C 307 33.52 -17.24 1.49
C PHE C 307 33.88 -16.81 2.90
N PHE C 308 33.65 -17.65 3.90
CA PHE C 308 34.30 -17.46 5.21
C PHE C 308 35.41 -18.51 5.28
N THR C 309 36.60 -18.20 4.78
CA THR C 309 37.58 -19.27 4.53
C THR C 309 38.38 -19.62 5.78
N VAL C 310 38.99 -20.81 5.73
CA VAL C 310 39.85 -21.29 6.81
C VAL C 310 40.95 -20.27 7.06
N ASP C 311 41.51 -19.74 5.98
CA ASP C 311 42.55 -18.70 6.03
C ASP C 311 42.08 -17.39 6.69
N ASP C 312 40.91 -16.90 6.27
CA ASP C 312 40.28 -15.74 6.92
C ASP C 312 40.17 -15.96 8.43
N CYS C 313 39.64 -17.12 8.84
CA CYS C 313 39.36 -17.35 10.25
C CYS C 313 40.64 -17.58 11.05
N LEU C 314 41.62 -18.25 10.43
CA LEU C 314 42.89 -18.49 11.10
C LEU C 314 43.59 -17.16 11.40
N SER C 315 43.51 -16.25 10.45
CA SER C 315 44.10 -14.92 10.58
C SER C 315 43.60 -14.24 11.84
N GLU C 316 42.29 -14.39 12.10
CA GLU C 316 41.66 -13.78 13.27
C GLU C 316 41.93 -14.55 14.55
N GLN C 317 41.90 -15.87 14.47
CA GLN C 317 42.14 -16.71 15.65
C GLN C 317 43.50 -16.38 16.25
N LYS C 318 44.47 -16.06 15.39
CA LYS C 318 45.80 -15.75 15.87
C LYS C 318 45.85 -14.52 16.76
N MET C 319 44.80 -13.70 16.71
CA MET C 319 44.74 -12.47 17.50
C MET C 319 43.89 -12.62 18.77
N ILE C 320 43.20 -13.75 18.94
CA ILE C 320 42.36 -13.94 20.11
C ILE C 320 43.12 -14.71 21.18
N PRO C 321 43.29 -14.10 22.36
CA PRO C 321 44.09 -14.74 23.43
C PRO C 321 43.46 -16.03 23.99
N ASN C 322 44.26 -17.08 24.13
CA ASN C 322 43.83 -18.40 24.67
C ASN C 322 42.79 -19.16 23.82
N SER C 323 42.52 -18.66 22.63
CA SER C 323 41.61 -19.31 21.71
C SER C 323 42.22 -20.58 21.13
N GLU C 324 41.41 -21.37 20.46
CA GLU C 324 41.91 -22.52 19.72
C GLU C 324 41.36 -22.50 18.30
N PHE C 325 42.16 -22.99 17.36
CA PHE C 325 41.72 -23.13 15.98
C PHE C 325 41.24 -24.54 15.74
N ARG C 326 39.96 -24.68 15.42
CA ARG C 326 39.33 -25.99 15.32
C ARG C 326 38.40 -26.09 14.12
N PRO C 327 38.99 -26.23 12.92
CA PRO C 327 38.19 -26.29 11.71
C PRO C 327 37.31 -27.53 11.66
N LEU C 328 36.10 -27.36 11.14
CA LEU C 328 35.19 -28.47 10.91
C LEU C 328 35.45 -29.05 9.53
N ARG C 329 35.63 -30.37 9.44
CA ARG C 329 35.94 -30.99 8.16
C ARG C 329 34.66 -31.37 7.43
N SER C 330 34.36 -30.66 6.36
CA SER C 330 33.15 -30.95 5.61
C SER C 330 33.20 -30.41 4.18
N ILE C 331 33.07 -31.28 3.17
CA ILE C 331 33.04 -30.77 1.80
C ILE C 331 31.71 -30.06 1.53
N ASP C 332 30.77 -30.12 2.47
CA ASP C 332 29.48 -29.42 2.26
C ASP C 332 29.65 -27.91 2.31
N GLY C 333 30.80 -27.45 2.82
CA GLY C 333 31.07 -26.02 2.83
C GLY C 333 30.14 -25.24 3.75
N HIS C 334 29.86 -24.00 3.36
CA HIS C 334 29.17 -23.09 4.26
C HIS C 334 27.81 -23.63 4.69
N LEU C 335 27.07 -24.18 3.73
CA LEU C 335 25.69 -24.56 4.05
C LEU C 335 25.62 -25.94 4.71
N GLY C 336 26.79 -26.46 5.07
CA GLY C 336 26.87 -27.54 6.04
C GLY C 336 26.26 -27.09 7.38
N LEU C 337 26.16 -25.78 7.57
CA LEU C 337 25.41 -25.24 8.71
C LEU C 337 23.97 -25.75 8.76
N PHE C 338 23.40 -26.07 7.59
CA PHE C 338 22.03 -26.55 7.52
C PHE C 338 21.84 -27.97 8.05
N GLY C 339 22.93 -28.63 8.44
CA GLY C 339 22.84 -29.96 9.05
C GLY C 339 22.79 -31.11 8.05
N THR C 340 23.28 -30.88 6.84
CA THR C 340 23.30 -31.88 5.78
C THR C 340 24.35 -32.96 6.03
N ASP C 341 25.36 -32.64 6.83
CA ASP C 341 26.53 -33.47 7.02
C ASP C 341 26.61 -33.89 8.48
N ALA C 342 26.17 -35.11 8.73
CA ALA C 342 26.14 -35.63 10.09
C ALA C 342 27.56 -35.85 10.64
N GLN C 343 28.55 -36.08 9.78
CA GLN C 343 29.96 -36.21 10.25
C GLN C 343 30.37 -34.87 10.84
N MET C 344 29.96 -33.80 10.16
CA MET C 344 30.30 -32.47 10.64
C MET C 344 29.61 -32.14 11.95
N LEU C 345 28.35 -32.54 12.06
CA LEU C 345 27.58 -32.27 13.26
C LEU C 345 28.20 -33.01 14.43
N ASP C 346 28.68 -34.22 14.15
CA ASP C 346 29.32 -35.03 15.14
C ASP C 346 30.61 -34.38 15.67
N GLN C 347 31.45 -33.89 14.74
CA GLN C 347 32.68 -33.17 15.12
C GLN C 347 32.34 -31.95 15.96
N LEU C 348 31.34 -31.20 15.49
CA LEU C 348 30.94 -29.99 16.19
C LEU C 348 30.49 -30.29 17.61
N ASP C 349 29.69 -31.34 17.78
CA ASP C 349 29.21 -31.74 19.11
C ASP C 349 30.40 -32.06 20.02
N ALA C 350 31.40 -32.76 19.48
CA ALA C 350 32.59 -33.10 20.27
C ALA C 350 33.36 -31.84 20.72
N HIS C 351 33.60 -30.90 19.80
CA HIS C 351 34.27 -29.64 20.14
C HIS C 351 33.49 -28.83 21.18
N LEU C 352 32.20 -28.64 20.95
CA LEU C 352 31.36 -27.90 21.88
C LEU C 352 31.34 -28.55 23.25
N ALA C 353 31.26 -29.89 23.30
CA ALA C 353 31.22 -30.57 24.58
C ALA C 353 32.56 -30.38 25.30
N GLU C 354 33.64 -30.38 24.52
CA GLU C 354 34.95 -30.17 25.09
C GLU C 354 35.04 -28.74 25.64
N LEU C 355 34.58 -27.77 24.86
CA LEU C 355 34.57 -26.36 25.28
C LEU C 355 33.75 -26.17 26.58
N LEU C 356 32.55 -26.73 26.61
CA LEU C 356 31.68 -26.60 27.78
C LEU C 356 32.20 -27.31 29.04
N SER C 357 32.95 -28.40 28.88
CA SER C 357 33.56 -29.11 30.02
C SER C 357 34.76 -28.37 30.58
N SER C 358 35.28 -27.44 29.79
CA SER C 358 36.51 -26.73 30.10
C SER C 358 36.26 -25.49 30.97
N PRO C 359 37.20 -25.17 31.87
CA PRO C 359 36.97 -24.15 32.91
C PRO C 359 36.83 -22.70 32.45
N ALA C 360 37.51 -22.29 31.36
CA ALA C 360 37.56 -20.88 30.94
C ALA C 360 38.17 -19.95 32.00
N ASN D 14 -13.79 0.47 -47.16
CA ASN D 14 -12.55 0.93 -46.54
C ASN D 14 -11.32 0.28 -47.19
N SER D 15 -10.18 0.96 -47.07
CA SER D 15 -8.94 0.47 -47.61
C SER D 15 -8.14 -0.28 -46.54
N TYR D 16 -8.64 -0.28 -45.31
CA TYR D 16 -7.97 -0.99 -44.23
C TYR D 16 -8.56 -2.37 -43.96
N TYR D 17 -9.88 -2.45 -43.89
CA TYR D 17 -10.54 -3.68 -43.47
C TYR D 17 -10.73 -4.65 -44.62
N THR D 18 -9.62 -5.08 -45.22
CA THR D 18 -9.67 -5.95 -46.40
C THR D 18 -8.91 -7.24 -46.16
N GLU D 19 -9.14 -8.23 -47.01
CA GLU D 19 -8.38 -9.48 -46.96
C GLU D 19 -6.94 -9.23 -47.35
N GLU D 20 -6.70 -8.16 -48.10
CA GLU D 20 -5.34 -7.75 -48.48
C GLU D 20 -4.50 -7.54 -47.22
N ASN D 21 -5.09 -6.89 -46.22
CA ASN D 21 -4.38 -6.62 -44.97
C ASN D 21 -4.64 -7.65 -43.87
N HIS D 22 -5.81 -8.30 -43.87
CA HIS D 22 -6.19 -9.11 -42.71
C HIS D 22 -6.50 -10.55 -43.04
N GLY D 23 -6.48 -10.88 -44.33
CA GLY D 23 -6.84 -12.22 -44.76
C GLY D 23 -5.69 -13.21 -44.65
N PRO D 24 -5.96 -14.47 -45.00
CA PRO D 24 -7.28 -14.89 -45.48
C PRO D 24 -8.24 -15.16 -44.32
N PHE D 25 -9.54 -14.99 -44.57
CA PHE D 25 -10.59 -15.33 -43.61
C PHE D 25 -11.87 -15.60 -44.40
N GLU D 26 -12.80 -16.33 -43.82
CA GLU D 26 -14.09 -16.52 -44.49
C GLU D 26 -15.24 -15.88 -43.71
N LEU D 27 -16.26 -15.45 -44.43
CA LEU D 27 -17.38 -14.80 -43.79
C LEU D 27 -18.55 -15.77 -43.71
N ILE D 28 -19.15 -15.90 -42.53
CA ILE D 28 -20.23 -16.86 -42.26
C ILE D 28 -21.45 -16.17 -41.65
N ASN D 29 -22.65 -16.45 -42.16
CA ASN D 29 -23.87 -15.84 -41.66
C ASN D 29 -24.58 -16.74 -40.64
N ILE D 30 -24.76 -16.17 -39.45
CA ILE D 30 -25.42 -16.77 -38.27
C ILE D 30 -26.91 -16.91 -38.43
N GLY D 31 -27.48 -16.00 -39.22
CA GLY D 31 -28.90 -15.79 -39.25
C GLY D 31 -29.19 -14.62 -38.32
N PRO D 32 -30.47 -14.44 -37.94
CA PRO D 32 -30.84 -13.33 -37.05
C PRO D 32 -30.14 -13.43 -35.70
N LEU D 33 -29.87 -12.30 -35.08
CA LEU D 33 -29.28 -12.28 -33.74
C LEU D 33 -29.96 -11.24 -32.87
N PRO D 34 -30.87 -11.69 -31.98
CA PRO D 34 -31.37 -10.80 -30.93
C PRO D 34 -30.27 -10.37 -29.99
N LEU D 35 -30.01 -9.06 -29.93
CA LEU D 35 -28.96 -8.54 -29.07
C LEU D 35 -29.50 -8.28 -27.69
N GLU D 36 -28.64 -8.36 -26.68
CA GLU D 36 -29.05 -8.17 -25.29
C GLU D 36 -29.69 -6.80 -25.06
N GLU D 37 -29.28 -5.80 -25.86
CA GLU D 37 -29.76 -4.44 -25.66
C GLU D 37 -31.16 -4.22 -26.23
N GLY D 38 -31.68 -5.22 -26.93
CA GLY D 38 -33.06 -5.12 -27.38
C GLY D 38 -33.26 -5.14 -28.88
N ARG D 39 -32.22 -4.79 -29.63
CA ARG D 39 -32.36 -4.71 -31.08
C ARG D 39 -32.03 -6.06 -31.69
N CYS D 40 -32.46 -6.26 -32.93
CA CYS D 40 -32.16 -7.51 -33.62
C CYS D 40 -31.35 -7.23 -34.89
N MET D 41 -30.28 -7.98 -35.10
CA MET D 41 -29.58 -7.97 -36.39
C MET D 41 -30.18 -9.04 -37.29
N PRO D 42 -30.81 -8.63 -38.40
CA PRO D 42 -31.40 -9.62 -39.30
C PRO D 42 -30.35 -10.57 -39.85
N GLU D 43 -29.20 -10.03 -40.25
CA GLU D 43 -28.08 -10.83 -40.69
C GLU D 43 -26.83 -10.58 -39.85
N CYS D 44 -26.38 -11.57 -39.10
CA CYS D 44 -25.10 -11.41 -38.41
C CYS D 44 -24.01 -12.18 -39.13
N LEU D 45 -23.08 -11.44 -39.71
CA LEU D 45 -21.97 -12.04 -40.42
C LEU D 45 -20.68 -12.08 -39.56
N LEU D 46 -20.15 -13.26 -39.30
CA LEU D 46 -18.91 -13.39 -38.54
C LEU D 46 -17.73 -13.70 -39.47
N ALA D 47 -16.68 -12.89 -39.39
CA ALA D 47 -15.45 -13.17 -40.12
C ALA D 47 -14.63 -14.19 -39.33
N VAL D 48 -14.47 -15.40 -39.89
CA VAL D 48 -13.79 -16.48 -39.18
C VAL D 48 -12.53 -16.97 -39.90
N ALA D 49 -11.46 -17.18 -39.13
CA ALA D 49 -10.24 -17.72 -39.68
C ALA D 49 -9.91 -19.03 -38.98
N VAL D 50 -9.52 -20.04 -39.76
CA VAL D 50 -9.24 -21.34 -39.18
C VAL D 50 -7.85 -21.81 -39.51
N HIS D 51 -7.16 -22.32 -38.50
CA HIS D 51 -5.86 -22.93 -38.69
C HIS D 51 -5.88 -24.30 -38.04
N GLY D 52 -5.51 -25.33 -38.80
CA GLY D 52 -5.56 -26.69 -38.31
C GLY D 52 -6.84 -27.40 -38.71
N ALA D 53 -6.91 -28.70 -38.45
CA ALA D 53 -8.11 -29.47 -38.77
C ALA D 53 -8.70 -30.12 -37.53
N LEU D 54 -10.01 -30.32 -37.52
CA LEU D 54 -10.64 -31.05 -36.42
C LEU D 54 -10.31 -32.52 -36.51
N ASN D 55 -10.03 -33.13 -35.36
CA ASN D 55 -9.89 -34.59 -35.34
C ASN D 55 -11.26 -35.25 -35.46
N ALA D 56 -11.29 -36.57 -35.42
CA ALA D 56 -12.50 -37.33 -35.70
C ALA D 56 -13.62 -37.05 -34.70
N ASP D 57 -13.25 -36.68 -33.49
CA ASP D 57 -14.23 -36.56 -32.40
C ASP D 57 -14.71 -35.11 -32.16
N LYS D 58 -14.21 -34.19 -32.97
CA LYS D 58 -14.43 -32.76 -32.74
C LYS D 58 -14.00 -32.34 -31.32
N SER D 59 -12.85 -32.82 -30.86
CA SER D 59 -12.44 -32.59 -29.47
C SER D 59 -11.18 -31.73 -29.33
N ASN D 60 -10.58 -31.33 -30.45
CA ASN D 60 -9.40 -30.49 -30.44
C ASN D 60 -9.66 -29.05 -30.92
N ALA D 61 -10.89 -28.55 -30.77
CA ALA D 61 -11.20 -27.16 -31.14
C ALA D 61 -10.72 -26.15 -30.08
N ILE D 62 -10.01 -25.12 -30.53
CA ILE D 62 -9.67 -23.96 -29.69
C ILE D 62 -10.33 -22.69 -30.25
N LEU D 63 -11.03 -21.95 -29.40
CA LEU D 63 -11.66 -20.70 -29.85
C LEU D 63 -10.80 -19.53 -29.43
N VAL D 64 -10.51 -18.65 -30.39
CA VAL D 64 -9.73 -17.44 -30.10
C VAL D 64 -10.49 -16.17 -30.52
N PRO D 65 -11.12 -15.48 -29.56
CA PRO D 65 -11.74 -14.17 -29.86
C PRO D 65 -10.70 -13.09 -30.13
N THR D 66 -11.14 -11.96 -30.66
CA THR D 66 -10.23 -10.88 -31.00
C THR D 66 -10.41 -9.74 -30.01
N TRP D 67 -9.44 -8.82 -30.00
CA TRP D 67 -9.35 -7.81 -28.95
C TRP D 67 -9.73 -6.43 -29.51
N TYR D 68 -9.69 -5.39 -28.69
CA TYR D 68 -10.11 -4.05 -29.12
C TYR D 68 -9.25 -3.54 -30.29
N SER D 69 -9.91 -3.07 -31.36
CA SER D 69 -9.28 -2.56 -32.59
C SER D 69 -8.51 -3.61 -33.39
N GLY D 70 -8.50 -4.86 -32.91
CA GLY D 70 -7.75 -5.93 -33.54
C GLY D 70 -8.55 -6.82 -34.47
N THR D 71 -7.85 -7.65 -35.22
CA THR D 71 -8.54 -8.61 -36.08
C THR D 71 -8.01 -10.02 -35.84
N SER D 72 -8.65 -11.01 -36.47
CA SER D 72 -8.19 -12.39 -36.37
C SER D 72 -6.77 -12.53 -36.87
N LYS D 73 -6.37 -11.57 -37.68
CA LYS D 73 -5.06 -11.56 -38.28
C LYS D 73 -4.04 -11.48 -37.18
N ALA D 74 -4.12 -10.43 -36.35
CA ALA D 74 -3.18 -10.18 -35.28
C ALA D 74 -2.95 -11.43 -34.44
N MET D 75 -4.01 -12.19 -34.21
CA MET D 75 -3.85 -13.34 -33.33
C MET D 75 -2.96 -14.38 -34.04
N GLU D 76 -3.08 -14.43 -35.36
CA GLU D 76 -2.26 -15.35 -36.16
C GLU D 76 -0.77 -14.99 -36.13
N GLN D 77 -0.38 -13.77 -36.52
CA GLN D 77 1.05 -13.43 -36.49
C GLN D 77 1.70 -13.57 -35.12
N ILE D 78 0.97 -13.20 -34.07
CA ILE D 78 1.59 -13.17 -32.75
C ILE D 78 1.54 -14.54 -32.06
N TYR D 79 0.48 -15.32 -32.25
CA TYR D 79 0.26 -16.43 -31.34
C TYR D 79 0.14 -17.83 -31.94
N ILE D 80 -0.28 -17.95 -33.21
CA ILE D 80 -0.57 -19.26 -33.78
C ILE D 80 0.57 -19.75 -34.68
N GLY D 81 0.94 -21.02 -34.53
CA GLY D 81 2.09 -21.56 -35.22
C GLY D 81 2.48 -22.94 -34.72
N GLU D 82 3.27 -23.67 -35.49
CA GLU D 82 3.60 -25.04 -35.11
C GLU D 82 4.45 -25.17 -33.83
N GLY D 83 5.47 -24.33 -33.64
CA GLY D 83 6.31 -24.47 -32.44
C GLY D 83 5.75 -23.72 -31.24
N ARG D 84 4.45 -23.44 -31.30
CA ARG D 84 3.73 -22.65 -30.30
C ARG D 84 2.70 -23.49 -29.55
N ALA D 85 2.18 -22.96 -28.45
CA ALA D 85 1.12 -23.67 -27.74
C ALA D 85 -0.13 -23.78 -28.62
N LEU D 86 -0.44 -22.72 -29.36
CA LEU D 86 -1.57 -22.76 -30.28
C LEU D 86 -1.09 -23.29 -31.62
N ASP D 87 -0.96 -24.63 -31.68
CA ASP D 87 -0.33 -25.36 -32.76
C ASP D 87 -1.36 -26.05 -33.66
N PRO D 88 -1.50 -25.57 -34.91
CA PRO D 88 -2.52 -26.10 -35.81
C PRO D 88 -2.21 -27.53 -36.30
N SER D 89 -1.03 -28.04 -35.99
CA SER D 89 -0.73 -29.45 -36.26
C SER D 89 -1.40 -30.34 -35.21
N LYS D 90 -1.84 -29.74 -34.11
CA LYS D 90 -2.54 -30.49 -33.06
C LYS D 90 -4.00 -30.08 -32.92
N TYR D 91 -4.28 -28.78 -33.05
CA TYR D 91 -5.62 -28.26 -32.78
C TYR D 91 -6.26 -27.58 -33.98
N CYS D 92 -7.58 -27.59 -34.00
CA CYS D 92 -8.34 -26.74 -34.92
C CYS D 92 -8.61 -25.38 -34.25
N ILE D 93 -7.81 -24.39 -34.61
CA ILE D 93 -7.84 -23.08 -33.95
C ILE D 93 -8.73 -22.13 -34.74
N ILE D 94 -9.86 -21.77 -34.13
CA ILE D 94 -10.88 -20.99 -34.79
C ILE D 94 -10.88 -19.57 -34.20
N VAL D 95 -10.35 -18.64 -34.99
CA VAL D 95 -10.27 -17.24 -34.58
C VAL D 95 -11.47 -16.49 -35.13
N VAL D 96 -12.24 -15.87 -34.23
CA VAL D 96 -13.48 -15.22 -34.62
C VAL D 96 -13.47 -13.73 -34.28
N ASN D 97 -13.66 -12.93 -35.33
CA ASN D 97 -13.63 -11.48 -35.22
C ASN D 97 -14.85 -10.94 -34.49
N GLN D 98 -14.60 -10.03 -33.54
CA GLN D 98 -15.68 -9.35 -32.85
C GLN D 98 -16.70 -8.76 -33.80
N ILE D 99 -17.97 -8.87 -33.44
CA ILE D 99 -18.99 -8.03 -34.04
C ILE D 99 -18.59 -6.58 -33.81
N GLY D 100 -18.51 -5.80 -34.90
CA GLY D 100 -18.11 -4.42 -34.80
C GLY D 100 -16.67 -4.08 -35.18
N ASN D 101 -15.83 -5.08 -35.46
CA ASN D 101 -14.40 -4.82 -35.67
C ASN D 101 -14.01 -4.50 -37.13
N GLY D 102 -15.01 -4.39 -38.00
CA GLY D 102 -14.77 -4.05 -39.39
C GLY D 102 -14.77 -5.25 -40.35
N LEU D 103 -14.42 -6.42 -39.83
CA LEU D 103 -14.42 -7.63 -40.64
C LEU D 103 -15.75 -8.36 -40.49
N SER D 104 -16.13 -8.63 -39.25
CA SER D 104 -17.46 -9.13 -38.93
C SER D 104 -18.47 -7.98 -39.14
N SER D 105 -19.76 -8.25 -38.97
CA SER D 105 -20.78 -7.22 -39.19
C SER D 105 -20.48 -6.06 -38.25
N SER D 106 -20.42 -4.86 -38.81
CA SER D 106 -20.02 -3.67 -38.07
C SER D 106 -20.76 -2.45 -38.60
N ALA D 107 -20.56 -1.33 -37.91
CA ALA D 107 -21.08 -0.04 -38.35
C ALA D 107 -20.67 0.26 -39.78
N SER D 108 -19.44 -0.15 -40.10
CA SER D 108 -18.84 0.22 -41.38
C SER D 108 -19.19 -0.70 -42.53
N ASN D 109 -19.99 -1.74 -42.30
CA ASN D 109 -20.36 -2.63 -43.40
C ASN D 109 -21.79 -3.18 -43.37
N THR D 110 -22.64 -2.63 -42.51
CA THR D 110 -24.02 -3.09 -42.40
C THR D 110 -24.97 -1.99 -42.87
N GLY D 111 -26.09 -2.36 -43.51
CA GLY D 111 -27.10 -1.40 -43.94
C GLY D 111 -28.39 -1.37 -43.12
N GLY D 112 -29.44 -0.76 -43.66
CA GLY D 112 -30.70 -0.66 -42.91
C GLY D 112 -30.59 0.28 -41.72
N SER D 113 -31.26 -0.06 -40.63
CA SER D 113 -31.27 0.83 -39.48
C SER D 113 -29.95 0.70 -38.69
N LEU D 114 -29.02 -0.09 -39.22
CA LEU D 114 -27.78 -0.44 -38.52
C LEU D 114 -26.50 0.20 -39.12
N ALA D 115 -26.63 0.94 -40.20
CA ALA D 115 -25.47 1.58 -40.82
C ALA D 115 -24.86 2.68 -39.95
N GLY D 116 -23.53 2.74 -39.94
CA GLY D 116 -22.78 3.79 -39.27
C GLY D 116 -23.17 4.11 -37.84
N PRO D 117 -23.62 5.36 -37.59
CA PRO D 117 -23.99 5.76 -36.22
C PRO D 117 -25.22 5.00 -35.73
N GLY D 118 -25.95 4.38 -36.66
CA GLY D 118 -27.14 3.63 -36.32
C GLY D 118 -26.83 2.24 -35.79
N PHE D 119 -25.58 1.82 -35.91
CA PHE D 119 -25.22 0.47 -35.50
C PHE D 119 -25.51 0.22 -34.02
N ALA D 120 -25.94 -1.00 -33.68
CA ALA D 120 -26.46 -1.27 -32.35
C ALA D 120 -25.35 -1.31 -31.30
N ASN D 121 -25.77 -1.16 -30.06
CA ASN D 121 -24.90 -1.40 -28.92
C ASN D 121 -24.79 -2.90 -28.68
N VAL D 122 -23.60 -3.44 -28.89
CA VAL D 122 -23.35 -4.89 -28.84
C VAL D 122 -22.56 -5.18 -27.57
N ARG D 123 -22.97 -6.21 -26.83
CA ARG D 123 -22.30 -6.56 -25.59
C ARG D 123 -21.42 -7.78 -25.80
N ILE D 124 -20.46 -7.98 -24.90
CA ILE D 124 -19.63 -9.19 -24.91
C ILE D 124 -20.52 -10.44 -25.00
N GLY D 125 -21.60 -10.44 -24.24
CA GLY D 125 -22.57 -11.55 -24.29
C GLY D 125 -23.08 -11.88 -25.69
N ASP D 126 -23.21 -10.85 -26.53
CA ASP D 126 -23.69 -11.02 -27.91
C ASP D 126 -22.66 -11.73 -28.78
N ASP D 127 -21.39 -11.36 -28.63
CA ASP D 127 -20.32 -12.02 -29.38
C ASP D 127 -20.27 -13.49 -29.02
N VAL D 128 -20.41 -13.80 -27.74
CA VAL D 128 -20.29 -15.18 -27.28
C VAL D 128 -21.50 -16.01 -27.79
N SER D 129 -22.65 -15.37 -27.90
CA SER D 129 -23.85 -16.00 -28.48
C SER D 129 -23.63 -16.32 -29.96
N ALA D 130 -23.24 -15.31 -30.71
CA ALA D 130 -22.81 -15.46 -32.09
C ALA D 130 -21.84 -16.63 -32.27
N GLN D 131 -20.76 -16.64 -31.48
CA GLN D 131 -19.72 -17.65 -31.63
C GLN D 131 -20.25 -19.06 -31.34
N HIS D 132 -21.14 -19.16 -30.36
CA HIS D 132 -21.69 -20.43 -29.96
C HIS D 132 -22.57 -20.99 -31.09
N THR D 133 -23.38 -20.12 -31.66
CA THR D 133 -24.18 -20.50 -32.81
C THR D 133 -23.27 -20.90 -33.95
N LEU D 134 -22.19 -20.15 -34.15
CA LEU D 134 -21.21 -20.49 -35.18
C LEU D 134 -20.60 -21.88 -34.97
N LEU D 135 -20.21 -22.18 -33.74
CA LEU D 135 -19.48 -23.42 -33.48
C LEU D 135 -20.37 -24.65 -33.60
N THR D 136 -21.55 -24.55 -33.01
CA THR D 136 -22.44 -25.68 -32.90
C THR D 136 -23.14 -25.95 -34.23
N GLU D 137 -23.45 -24.90 -34.98
CA GLU D 137 -24.26 -25.08 -36.17
C GLU D 137 -23.50 -25.04 -37.50
N TYR D 138 -22.38 -24.34 -37.57
CA TYR D 138 -21.57 -24.41 -38.79
C TYR D 138 -20.46 -25.45 -38.68
N PHE D 139 -19.98 -25.70 -37.47
CA PHE D 139 -18.90 -26.66 -37.29
C PHE D 139 -19.39 -27.97 -36.69
N GLY D 140 -20.46 -27.91 -35.91
CA GLY D 140 -20.99 -29.09 -35.25
C GLY D 140 -20.19 -29.44 -34.01
N ILE D 141 -19.37 -28.49 -33.58
CA ILE D 141 -18.59 -28.59 -32.36
C ILE D 141 -19.51 -28.54 -31.14
N GLU D 142 -19.24 -29.38 -30.14
CA GLU D 142 -20.06 -29.45 -28.94
C GLU D 142 -19.28 -29.19 -27.66
N SER D 143 -17.97 -29.05 -27.80
CA SER D 143 -17.15 -28.65 -26.67
C SER D 143 -15.87 -28.00 -27.15
N LEU D 144 -15.21 -27.26 -26.26
CA LEU D 144 -13.98 -26.60 -26.62
C LEU D 144 -12.84 -27.07 -25.73
N ALA D 145 -11.73 -27.44 -26.36
CA ALA D 145 -10.54 -27.85 -25.62
C ALA D 145 -9.98 -26.64 -24.87
N LEU D 146 -10.14 -25.45 -25.47
CA LEU D 146 -9.65 -24.20 -24.86
C LEU D 146 -10.30 -22.97 -25.50
N VAL D 147 -10.64 -21.99 -24.67
CA VAL D 147 -10.99 -20.65 -25.18
C VAL D 147 -9.93 -19.71 -24.61
N VAL D 148 -9.30 -18.93 -25.48
CA VAL D 148 -8.20 -18.09 -25.03
C VAL D 148 -8.25 -16.75 -25.76
N GLY D 149 -8.05 -15.67 -25.03
CA GLY D 149 -8.06 -14.35 -25.63
C GLY D 149 -7.38 -13.34 -24.72
N GLY D 150 -6.98 -12.21 -25.30
CA GLY D 150 -6.31 -11.17 -24.54
C GLY D 150 -7.21 -9.97 -24.45
N SER D 151 -7.28 -9.36 -23.26
CA SER D 151 -8.02 -8.11 -23.05
C SER D 151 -9.52 -8.28 -23.38
N MET D 152 -10.06 -7.57 -24.37
CA MET D 152 -11.46 -7.87 -24.82
C MET D 152 -11.66 -9.35 -25.17
N GLY D 153 -10.64 -10.00 -25.71
CA GLY D 153 -10.70 -11.43 -25.91
C GLY D 153 -10.85 -12.21 -24.61
N ALA D 154 -10.18 -11.71 -23.57
CA ALA D 154 -10.28 -12.31 -22.24
C ALA D 154 -11.70 -12.11 -21.68
N GLN D 155 -12.27 -10.92 -21.94
CA GLN D 155 -13.64 -10.66 -21.50
C GLN D 155 -14.56 -11.71 -22.12
N GLN D 156 -14.39 -11.97 -23.42
CA GLN D 156 -15.17 -13.01 -24.08
C GLN D 156 -14.88 -14.40 -23.53
N THR D 157 -13.63 -14.63 -23.17
CA THR D 157 -13.25 -15.92 -22.60
C THR D 157 -14.02 -16.20 -21.31
N TYR D 158 -13.99 -15.23 -20.40
CA TYR D 158 -14.77 -15.31 -19.17
C TYR D 158 -16.27 -15.47 -19.42
N GLU D 159 -16.80 -14.73 -20.39
CA GLU D 159 -18.23 -14.82 -20.66
C GLU D 159 -18.56 -16.25 -21.12
N TRP D 160 -17.68 -16.84 -21.94
CA TRP D 160 -17.86 -18.20 -22.42
C TRP D 160 -17.91 -19.18 -21.27
N ALA D 161 -16.98 -19.04 -20.35
CA ALA D 161 -16.82 -19.99 -19.25
C ALA D 161 -17.98 -19.92 -18.26
N VAL D 162 -18.61 -18.74 -18.15
CA VAL D 162 -19.78 -18.56 -17.28
C VAL D 162 -21.11 -18.88 -18.01
N ARG D 163 -21.19 -18.51 -19.28
CA ARG D 163 -22.41 -18.67 -20.06
C ARG D 163 -22.69 -20.13 -20.40
N TYR D 164 -21.66 -20.84 -20.88
CA TYR D 164 -21.79 -22.23 -21.30
C TYR D 164 -20.79 -23.12 -20.54
N PRO D 165 -20.99 -23.30 -19.22
CA PRO D 165 -19.88 -23.82 -18.43
C PRO D 165 -19.41 -25.22 -18.79
N ASP D 166 -20.27 -26.07 -19.33
CA ASP D 166 -19.86 -27.43 -19.70
C ASP D 166 -19.23 -27.46 -21.10
N PHE D 167 -19.51 -26.45 -21.90
CA PHE D 167 -18.96 -26.36 -23.26
C PHE D 167 -17.44 -26.13 -23.23
N VAL D 168 -16.99 -25.46 -22.19
CA VAL D 168 -15.61 -24.99 -22.10
C VAL D 168 -14.77 -25.87 -21.16
N LYS D 169 -13.84 -26.62 -21.73
CA LYS D 169 -13.01 -27.51 -20.92
C LYS D 169 -11.88 -26.76 -20.21
N ARG D 170 -11.31 -25.78 -20.91
CA ARG D 170 -10.24 -24.97 -20.36
C ARG D 170 -10.40 -23.51 -20.81
N ALA D 171 -9.93 -22.59 -19.98
CA ALA D 171 -10.04 -21.18 -20.27
C ALA D 171 -8.77 -20.47 -19.88
N ALA D 172 -8.26 -19.62 -20.77
CA ALA D 172 -7.08 -18.82 -20.46
C ALA D 172 -7.39 -17.35 -20.72
N ALA D 173 -7.48 -16.57 -19.65
CA ALA D 173 -7.84 -15.17 -19.73
C ALA D 173 -6.57 -14.35 -19.58
N ILE D 174 -6.10 -13.81 -20.69
CA ILE D 174 -4.88 -12.99 -20.70
C ILE D 174 -5.20 -11.52 -20.63
N ALA D 175 -4.63 -10.82 -19.64
CA ALA D 175 -4.71 -9.39 -19.54
C ALA D 175 -6.12 -8.84 -19.70
N GLY D 176 -7.08 -9.41 -18.96
CA GLY D 176 -8.43 -8.87 -18.96
C GLY D 176 -9.21 -9.42 -17.78
N THR D 177 -10.37 -8.82 -17.49
CA THR D 177 -11.19 -9.18 -16.35
C THR D 177 -12.58 -9.68 -16.73
N ALA D 178 -13.26 -10.31 -15.79
CA ALA D 178 -14.60 -10.84 -16.03
C ALA D 178 -15.67 -9.77 -15.83
N ARG D 179 -15.38 -8.83 -14.94
CA ARG D 179 -16.28 -7.71 -14.74
C ARG D 179 -15.46 -6.43 -14.74
N ASN D 180 -15.85 -5.49 -15.60
CA ASN D 180 -15.00 -4.35 -15.86
C ASN D 180 -15.02 -3.38 -14.66
N SER D 181 -13.87 -2.84 -14.32
CA SER D 181 -13.77 -1.89 -13.21
C SER D 181 -14.28 -0.49 -13.56
N GLU D 182 -14.52 0.34 -12.54
CA GLU D 182 -14.87 1.73 -12.77
C GLU D 182 -13.72 2.54 -13.37
N HIS D 183 -12.50 2.19 -12.96
CA HIS D 183 -11.33 2.88 -13.45
C HIS D 183 -11.15 2.59 -14.96
N ASP D 184 -11.35 1.34 -15.34
CA ASP D 184 -11.20 0.97 -16.75
C ASP D 184 -12.32 1.64 -17.56
N PHE D 185 -13.53 1.67 -16.99
CA PHE D 185 -14.65 2.34 -17.69
C PHE D 185 -14.27 3.78 -17.99
N LEU D 186 -13.66 4.45 -17.01
CA LEU D 186 -13.27 5.85 -17.19
C LEU D 186 -12.19 6.01 -18.25
N PHE D 187 -11.19 5.13 -18.23
CA PHE D 187 -10.14 5.13 -19.25
C PHE D 187 -10.78 5.07 -20.64
N THR D 188 -11.70 4.14 -20.81
CA THR D 188 -12.34 4.00 -22.13
C THR D 188 -13.25 5.15 -22.46
N GLU D 189 -13.90 5.74 -21.44
CA GLU D 189 -14.71 6.95 -21.72
C GLU D 189 -13.86 8.09 -22.30
N ILE D 190 -12.66 8.24 -21.75
CA ILE D 190 -11.72 9.26 -22.17
C ILE D 190 -11.21 8.94 -23.58
N LEU D 191 -10.96 7.66 -23.87
CA LEU D 191 -10.59 7.23 -25.23
C LEU D 191 -11.68 7.55 -26.23
N ILE D 192 -12.93 7.35 -25.82
CA ILE D 192 -14.09 7.64 -26.68
C ILE D 192 -14.19 9.13 -26.94
N GLU D 193 -14.04 9.93 -25.90
CA GLU D 193 -14.12 11.36 -26.04
C GLU D 193 -12.95 11.96 -26.85
N ALA D 194 -11.84 11.26 -26.92
CA ALA D 194 -10.75 11.73 -27.79
C ALA D 194 -11.24 11.78 -29.23
N ILE D 195 -12.09 10.82 -29.60
CA ILE D 195 -12.65 10.76 -30.94
C ILE D 195 -13.89 11.65 -31.07
N THR D 196 -14.84 11.51 -30.15
CA THR D 196 -16.10 12.21 -30.36
C THR D 196 -16.00 13.72 -30.12
N THR D 197 -14.88 14.23 -29.60
CA THR D 197 -14.75 15.68 -29.46
C THR D 197 -14.05 16.34 -30.67
N ASP D 198 -13.54 15.52 -31.58
CA ASP D 198 -13.05 16.01 -32.86
C ASP D 198 -14.25 16.53 -33.68
N PRO D 199 -14.29 17.83 -34.03
CA PRO D 199 -15.45 18.30 -34.80
C PRO D 199 -15.71 17.50 -36.07
N ALA D 200 -14.66 16.93 -36.65
CA ALA D 200 -14.79 16.25 -37.95
C ALA D 200 -15.50 14.91 -37.79
N PHE D 201 -15.64 14.43 -36.56
CA PHE D 201 -16.41 13.21 -36.27
C PHE D 201 -17.84 13.37 -36.76
N GLN D 202 -18.38 14.58 -36.62
CA GLN D 202 -19.73 14.91 -37.08
C GLN D 202 -20.76 13.87 -36.62
N ALA D 203 -20.73 13.54 -35.33
CA ALA D 203 -21.71 12.64 -34.74
C ALA D 203 -21.78 11.26 -35.43
N GLY D 204 -20.66 10.79 -35.98
CA GLY D 204 -20.64 9.50 -36.66
C GLY D 204 -20.86 9.61 -38.16
N LEU D 205 -21.09 10.82 -38.64
CA LEU D 205 -21.40 11.06 -40.06
C LEU D 205 -20.24 11.64 -40.84
N TYR D 206 -19.02 11.35 -40.41
CA TYR D 206 -17.82 11.88 -41.05
C TYR D 206 -17.70 11.45 -42.51
N ARG D 207 -17.08 12.29 -43.34
CA ARG D 207 -16.89 11.95 -44.75
C ARG D 207 -16.06 10.69 -44.92
N SER D 208 -14.92 10.65 -44.24
CA SER D 208 -14.03 9.51 -44.32
C SER D 208 -13.30 9.40 -43.01
N SER D 209 -12.75 8.21 -42.76
CA SER D 209 -12.00 7.94 -41.54
C SER D 209 -10.89 8.95 -41.33
N SER D 210 -10.17 9.23 -42.42
CA SER D 210 -9.01 10.10 -42.40
C SER D 210 -9.37 11.53 -42.02
N ALA D 211 -10.63 11.90 -42.19
CA ALA D 211 -11.11 13.21 -41.79
C ALA D 211 -11.00 13.41 -40.28
N VAL D 212 -11.08 12.30 -39.55
CA VAL D 212 -11.11 12.31 -38.09
C VAL D 212 -9.69 12.00 -37.59
N ALA D 213 -8.71 12.41 -38.39
CA ALA D 213 -7.30 12.16 -38.08
C ALA D 213 -6.90 12.72 -36.72
N ALA D 214 -7.39 13.91 -36.37
CA ALA D 214 -7.02 14.52 -35.10
C ALA D 214 -7.51 13.69 -33.93
N GLY D 215 -8.75 13.23 -34.01
CA GLY D 215 -9.35 12.41 -32.97
C GLY D 215 -8.61 11.11 -32.82
N LEU D 216 -8.24 10.51 -33.96
CA LEU D 216 -7.52 9.23 -33.94
C LEU D 216 -6.12 9.41 -33.34
N GLU D 217 -5.47 10.54 -33.64
CA GLU D 217 -4.16 10.82 -33.04
C GLU D 217 -4.23 11.01 -31.53
N ARG D 218 -5.24 11.73 -31.04
CA ARG D 218 -5.41 11.91 -29.60
C ARG D 218 -5.72 10.59 -28.89
N HIS D 219 -6.49 9.74 -29.55
CA HIS D 219 -6.79 8.37 -29.09
C HIS D 219 -5.46 7.58 -28.97
N ALA D 220 -4.63 7.65 -30.01
CA ALA D 220 -3.33 6.99 -30.00
C ALA D 220 -2.42 7.51 -28.88
N LYS D 221 -2.44 8.82 -28.62
CA LYS D 221 -1.62 9.40 -27.56
C LYS D 221 -2.03 8.87 -26.20
N LEU D 222 -3.32 8.82 -25.92
CA LEU D 222 -3.82 8.18 -24.70
C LEU D 222 -3.41 6.72 -24.56
N TRP D 223 -3.46 5.98 -25.65
CA TRP D 223 -3.04 4.60 -25.62
C TRP D 223 -1.53 4.51 -25.33
N THR D 224 -0.74 5.51 -25.74
CA THR D 224 0.70 5.50 -25.42
C THR D 224 0.88 5.65 -23.90
N LEU D 225 0.04 6.48 -23.31
CA LEU D 225 0.13 6.85 -21.90
C LEU D 225 -0.22 5.66 -21.03
N MET D 226 -1.24 4.89 -21.44
CA MET D 226 -1.84 3.84 -20.62
C MET D 226 -1.52 2.44 -21.10
N GLY D 227 -1.06 2.31 -22.33
CA GLY D 227 -0.92 1.01 -22.93
C GLY D 227 0.37 0.23 -22.68
N TRP D 228 1.42 0.92 -22.23
CA TRP D 228 2.70 0.26 -21.98
C TRP D 228 2.97 0.33 -20.48
N SER D 229 4.08 0.97 -20.04
CA SER D 229 4.28 1.24 -18.61
C SER D 229 5.33 2.34 -18.45
N PRO D 230 5.35 3.00 -17.28
CA PRO D 230 6.45 3.94 -17.06
C PRO D 230 7.83 3.25 -17.13
N GLU D 231 7.91 2.02 -16.66
CA GLU D 231 9.18 1.28 -16.69
C GLU D 231 9.64 0.95 -18.11
N PHE D 232 8.68 0.66 -18.97
CA PHE D 232 8.93 0.47 -20.40
C PHE D 232 9.74 1.63 -20.98
N PHE D 233 9.29 2.86 -20.72
CA PHE D 233 10.00 4.04 -21.19
C PHE D 233 11.25 4.32 -20.36
N ARG D 234 11.23 4.15 -19.04
CA ARG D 234 12.41 4.49 -18.24
C ARG D 234 13.61 3.67 -18.67
N THR D 235 13.39 2.38 -18.90
CA THR D 235 14.46 1.48 -19.35
C THR D 235 14.71 1.61 -20.85
N GLY D 236 13.96 2.49 -21.51
CA GLY D 236 14.21 2.77 -22.91
C GLY D 236 13.82 1.64 -23.84
N ARG D 237 12.80 0.89 -23.44
CA ARG D 237 12.30 -0.20 -24.25
C ARG D 237 11.85 0.26 -25.67
N HIS D 238 11.32 1.48 -25.78
CA HIS D 238 10.97 1.99 -27.11
C HIS D 238 12.20 2.18 -28.01
N LYS D 239 13.31 2.56 -27.40
CA LYS D 239 14.57 2.69 -28.15
C LYS D 239 14.95 1.32 -28.68
N ALA D 240 14.71 0.29 -27.87
CA ALA D 240 15.03 -1.07 -28.27
C ALA D 240 14.11 -1.55 -29.39
N LEU D 241 12.91 -1.01 -29.47
CA LEU D 241 12.00 -1.37 -30.57
C LEU D 241 12.36 -0.60 -31.85
N GLY D 242 13.41 0.23 -31.77
CA GLY D 242 13.85 1.04 -32.90
C GLY D 242 13.31 2.46 -32.97
N PHE D 243 12.93 3.03 -31.84
CA PHE D 243 12.43 4.41 -31.82
C PHE D 243 13.24 5.30 -30.88
N GLU D 244 13.89 6.30 -31.48
CA GLU D 244 14.86 7.18 -30.83
C GLU D 244 14.39 7.90 -29.57
N SER D 245 13.13 8.32 -29.57
CA SER D 245 12.58 9.13 -28.47
C SER D 245 11.07 8.88 -28.35
N MET D 246 10.46 9.37 -27.28
CA MET D 246 9.01 9.24 -27.10
C MET D 246 8.29 9.78 -28.34
N GLN D 247 8.77 10.92 -28.84
CA GLN D 247 8.17 11.56 -30.01
C GLN D 247 8.15 10.63 -31.22
N MET D 248 9.25 9.96 -31.49
CA MET D 248 9.34 9.07 -32.64
C MET D 248 8.41 7.85 -32.47
N PHE D 249 8.31 7.36 -31.25
CA PHE D 249 7.47 6.20 -30.94
C PHE D 249 5.99 6.54 -31.09
N VAL D 250 5.59 7.69 -30.55
CA VAL D 250 4.19 8.12 -30.66
C VAL D 250 3.79 8.24 -32.12
N ASP D 251 4.60 8.95 -32.90
CA ASP D 251 4.33 9.17 -34.31
C ASP D 251 4.49 7.90 -35.15
N GLY D 252 5.66 7.25 -35.04
CA GLY D 252 5.97 6.10 -35.85
C GLY D 252 5.16 4.83 -35.61
N PHE D 253 4.78 4.60 -34.37
CA PHE D 253 4.15 3.34 -34.00
C PHE D 253 2.69 3.55 -33.62
N MET D 254 2.45 4.41 -32.63
CA MET D 254 1.11 4.48 -32.04
C MET D 254 0.12 5.22 -32.96
N LYS D 255 0.47 6.41 -33.42
CA LYS D 255 -0.45 7.14 -34.32
C LYS D 255 -0.69 6.34 -35.60
N ARG D 256 0.36 5.73 -36.13
CA ARG D 256 0.23 4.97 -37.38
C ARG D 256 -0.71 3.77 -37.23
N TYR D 257 -0.65 3.09 -36.08
CA TYR D 257 -1.53 1.95 -35.85
C TYR D 257 -3.01 2.32 -35.98
N PHE D 258 -3.41 3.42 -35.34
CA PHE D 258 -4.82 3.84 -35.37
C PHE D 258 -5.23 4.65 -36.58
N ALA D 259 -4.27 5.28 -37.26
CA ALA D 259 -4.61 6.23 -38.33
C ALA D 259 -5.52 5.66 -39.43
N PRO D 260 -5.39 4.37 -39.79
CA PRO D 260 -6.27 3.96 -40.89
C PRO D 260 -7.62 3.40 -40.44
N MET D 261 -7.89 3.39 -39.14
CA MET D 261 -9.08 2.70 -38.61
C MET D 261 -10.36 3.54 -38.64
N ASP D 262 -11.52 2.88 -38.53
CA ASP D 262 -12.82 3.57 -38.58
C ASP D 262 -13.34 3.97 -37.20
N PRO D 263 -13.55 5.28 -36.99
CA PRO D 263 -14.06 5.73 -35.69
C PRO D 263 -15.33 5.03 -35.19
N ASN D 264 -16.36 4.84 -36.03
CA ASN D 264 -17.58 4.20 -35.53
C ASN D 264 -17.31 2.76 -35.03
N ASN D 265 -16.48 2.01 -35.76
CA ASN D 265 -16.09 0.68 -35.27
C ASN D 265 -15.38 0.71 -33.91
N LEU D 266 -14.43 1.61 -33.76
CA LEU D 266 -13.71 1.73 -32.48
C LEU D 266 -14.69 2.02 -31.36
N LEU D 267 -15.64 2.93 -31.61
CA LEU D 267 -16.64 3.26 -30.61
C LEU D 267 -17.53 2.08 -30.25
N THR D 268 -17.87 1.27 -31.26
CA THR D 268 -18.64 0.06 -31.02
C THR D 268 -17.87 -0.87 -30.08
N MET D 269 -16.60 -1.09 -30.38
CA MET D 269 -15.81 -1.98 -29.51
C MET D 269 -15.57 -1.35 -28.14
N ALA D 270 -15.38 -0.04 -28.08
CA ALA D 270 -15.15 0.58 -26.80
C ALA D 270 -16.36 0.49 -25.88
N TRP D 271 -17.57 0.71 -26.42
CA TRP D 271 -18.79 0.63 -25.60
C TRP D 271 -18.95 -0.78 -25.01
N LYS D 272 -18.61 -1.76 -25.83
CA LYS D 272 -18.70 -3.17 -25.45
C LYS D 272 -17.67 -3.49 -24.34
N TRP D 273 -16.43 -3.08 -24.58
CA TRP D 273 -15.36 -3.22 -23.58
C TRP D 273 -15.76 -2.62 -22.21
N GLN D 274 -16.33 -1.42 -22.22
CA GLN D 274 -16.76 -0.72 -21.01
C GLN D 274 -17.69 -1.56 -20.17
N ARG D 275 -18.46 -2.42 -20.84
CA ARG D 275 -19.58 -3.07 -20.16
C ARG D 275 -19.43 -4.57 -19.97
N GLY D 276 -18.26 -5.10 -20.27
CA GLY D 276 -18.02 -6.52 -19.97
C GLY D 276 -18.35 -6.87 -18.52
N ASP D 277 -19.20 -7.88 -18.31
CA ASP D 277 -19.70 -8.17 -16.96
C ASP D 277 -20.43 -9.49 -16.93
N VAL D 278 -19.74 -10.56 -16.56
CA VAL D 278 -20.38 -11.88 -16.49
C VAL D 278 -21.40 -11.97 -15.35
N SER D 279 -21.36 -11.01 -14.41
CA SER D 279 -22.29 -11.06 -13.28
C SER D 279 -23.68 -10.63 -13.72
N ARG D 280 -23.83 -10.22 -14.98
CA ARG D 280 -25.16 -9.98 -15.50
C ARG D 280 -25.98 -11.27 -15.49
N HIS D 281 -25.31 -12.42 -15.39
CA HIS D 281 -26.01 -13.71 -15.39
C HIS D 281 -26.58 -14.05 -14.03
N THR D 282 -26.06 -13.39 -13.01
CA THR D 282 -26.35 -13.74 -11.62
C THR D 282 -26.75 -12.51 -10.85
N GLY D 283 -27.49 -11.61 -11.50
CA GLY D 283 -28.01 -10.41 -10.86
C GLY D 283 -27.01 -9.56 -10.12
N GLY D 284 -25.81 -9.41 -10.69
CA GLY D 284 -24.79 -8.55 -10.11
C GLY D 284 -23.86 -9.22 -9.13
N ASP D 285 -24.10 -10.50 -8.83
CA ASP D 285 -23.26 -11.28 -7.90
C ASP D 285 -22.11 -11.90 -8.68
N LEU D 286 -20.92 -11.30 -8.59
CA LEU D 286 -19.78 -11.78 -9.36
C LEU D 286 -19.27 -13.14 -8.84
N ALA D 287 -19.18 -13.29 -7.52
CA ALA D 287 -18.74 -14.54 -6.92
C ALA D 287 -19.59 -15.70 -7.39
N LYS D 288 -20.87 -15.42 -7.62
CA LYS D 288 -21.82 -16.44 -7.97
C LYS D 288 -21.64 -16.83 -9.42
N ALA D 289 -21.34 -15.84 -10.25
CA ALA D 289 -21.13 -16.09 -11.67
C ALA D 289 -19.82 -16.84 -11.88
N LEU D 290 -18.76 -16.37 -11.22
CA LEU D 290 -17.44 -16.98 -11.35
C LEU D 290 -17.50 -18.40 -10.76
N GLY D 291 -18.37 -18.58 -9.77
CA GLY D 291 -18.55 -19.87 -9.14
C GLY D 291 -19.14 -20.90 -10.08
N ARG D 292 -19.82 -20.45 -11.13
CA ARG D 292 -20.40 -21.33 -12.12
C ARG D 292 -19.35 -21.98 -13.01
N ILE D 293 -18.14 -21.41 -13.05
CA ILE D 293 -17.13 -21.86 -14.01
C ILE D 293 -16.63 -23.26 -13.68
N LYS D 294 -16.71 -24.15 -14.67
CA LYS D 294 -16.20 -25.52 -14.52
C LYS D 294 -14.91 -25.76 -15.32
N ALA D 295 -14.63 -24.91 -16.29
CA ALA D 295 -13.36 -24.94 -17.04
C ALA D 295 -12.13 -24.81 -16.13
N LYS D 296 -11.09 -25.58 -16.43
CA LYS D 296 -9.80 -25.33 -15.82
C LYS D 296 -9.31 -23.99 -16.34
N THR D 297 -9.16 -23.02 -15.43
CA THR D 297 -8.95 -21.64 -15.83
C THR D 297 -7.58 -21.10 -15.38
N TYR D 298 -6.86 -20.50 -16.34
CA TYR D 298 -5.64 -19.75 -16.04
C TYR D 298 -5.89 -18.27 -16.17
N VAL D 299 -5.67 -17.55 -15.08
CA VAL D 299 -5.82 -16.10 -15.04
C VAL D 299 -4.44 -15.47 -15.20
N MET D 300 -4.25 -14.74 -16.29
CA MET D 300 -2.90 -14.33 -16.71
C MET D 300 -2.80 -12.85 -17.03
N PRO D 301 -2.81 -12.03 -15.97
CA PRO D 301 -2.57 -10.62 -16.26
C PRO D 301 -1.12 -10.40 -16.68
N ILE D 302 -0.86 -9.26 -17.28
CA ILE D 302 0.53 -8.86 -17.53
C ILE D 302 1.01 -7.98 -16.38
N SER D 303 2.21 -8.24 -15.86
CA SER D 303 2.63 -7.65 -14.59
C SER D 303 2.52 -6.10 -14.57
N HIS D 304 2.89 -5.44 -15.67
CA HIS D 304 2.93 -3.99 -15.68
C HIS D 304 1.76 -3.37 -16.45
N ASP D 305 0.73 -4.15 -16.66
CA ASP D 305 -0.53 -3.62 -17.23
C ASP D 305 -1.08 -2.51 -16.34
N GLN D 306 -1.24 -1.30 -16.89
CA GLN D 306 -1.70 -0.15 -16.14
C GLN D 306 -3.23 -0.12 -15.89
N PHE D 307 -4.02 -0.93 -16.60
CA PHE D 307 -5.47 -0.77 -16.42
C PHE D 307 -6.23 -2.09 -16.28
N PHE D 308 -5.70 -3.21 -16.74
CA PHE D 308 -6.20 -4.52 -16.27
C PHE D 308 -5.14 -5.05 -15.31
N THR D 309 -5.15 -4.58 -14.06
CA THR D 309 -3.97 -4.80 -13.21
C THR D 309 -3.89 -6.21 -12.60
N VAL D 310 -2.70 -6.59 -12.16
CA VAL D 310 -2.51 -7.82 -11.44
C VAL D 310 -3.49 -7.97 -10.28
N ASP D 311 -3.71 -6.89 -9.53
CA ASP D 311 -4.65 -6.89 -8.40
C ASP D 311 -6.10 -7.13 -8.82
N ASP D 312 -6.53 -6.51 -9.91
CA ASP D 312 -7.88 -6.71 -10.41
C ASP D 312 -8.10 -8.17 -10.75
N CYS D 313 -7.13 -8.73 -11.47
CA CYS D 313 -7.26 -10.11 -11.94
C CYS D 313 -7.10 -11.12 -10.81
N LEU D 314 -6.22 -10.80 -9.87
CA LEU D 314 -6.08 -11.68 -8.71
C LEU D 314 -7.39 -11.79 -7.94
N SER D 315 -8.10 -10.67 -7.80
CA SER D 315 -9.34 -10.65 -7.01
C SER D 315 -10.37 -11.55 -7.61
N GLU D 316 -10.40 -11.57 -8.93
CA GLU D 316 -11.32 -12.46 -9.64
C GLU D 316 -10.87 -13.91 -9.57
N GLN D 317 -9.58 -14.15 -9.80
CA GLN D 317 -9.08 -15.55 -9.77
C GLN D 317 -9.45 -16.25 -8.45
N LYS D 318 -9.43 -15.50 -7.35
CA LYS D 318 -9.80 -16.05 -6.04
C LYS D 318 -11.24 -16.57 -5.98
N MET D 319 -12.09 -16.16 -6.91
CA MET D 319 -13.49 -16.62 -6.94
C MET D 319 -13.76 -17.76 -7.90
N ILE D 320 -12.75 -18.10 -8.71
CA ILE D 320 -12.93 -19.15 -9.73
C ILE D 320 -12.41 -20.48 -9.22
N PRO D 321 -13.31 -21.46 -9.04
CA PRO D 321 -12.93 -22.75 -8.46
C PRO D 321 -11.85 -23.47 -9.29
N ASN D 322 -10.86 -24.09 -8.65
CA ASN D 322 -9.83 -24.87 -9.37
C ASN D 322 -8.95 -24.06 -10.37
N SER D 323 -9.05 -22.74 -10.36
CA SER D 323 -8.23 -21.91 -11.25
C SER D 323 -6.78 -21.73 -10.76
N GLU D 324 -5.93 -21.15 -11.60
CA GLU D 324 -4.58 -20.82 -11.18
C GLU D 324 -4.22 -19.40 -11.61
N PHE D 325 -3.40 -18.75 -10.80
CA PHE D 325 -3.00 -17.37 -11.09
C PHE D 325 -1.62 -17.44 -11.67
N ARG D 326 -1.45 -17.02 -12.92
CA ARG D 326 -0.17 -17.16 -13.60
C ARG D 326 0.18 -15.87 -14.36
N PRO D 327 0.61 -14.84 -13.63
CA PRO D 327 0.84 -13.56 -14.28
C PRO D 327 2.00 -13.69 -15.27
N LEU D 328 1.92 -12.97 -16.38
CA LEU D 328 3.01 -12.86 -17.30
C LEU D 328 3.92 -11.70 -16.88
N ARG D 329 5.23 -11.94 -16.82
CA ARG D 329 6.15 -10.89 -16.43
C ARG D 329 6.63 -10.12 -17.64
N SER D 330 6.25 -8.85 -17.73
CA SER D 330 6.70 -8.01 -18.82
C SER D 330 6.51 -6.56 -18.46
N ILE D 331 7.60 -5.80 -18.48
CA ILE D 331 7.45 -4.35 -18.27
C ILE D 331 6.76 -3.71 -19.49
N ASP D 332 6.51 -4.46 -20.55
CA ASP D 332 5.83 -3.85 -21.71
C ASP D 332 4.35 -3.56 -21.44
N GLY D 333 3.81 -4.11 -20.36
CA GLY D 333 2.44 -3.80 -19.95
C GLY D 333 1.39 -4.32 -20.91
N HIS D 334 0.25 -3.64 -20.99
CA HIS D 334 -0.87 -4.17 -21.75
C HIS D 334 -0.55 -4.48 -23.21
N LEU D 335 0.13 -3.57 -23.89
CA LEU D 335 0.35 -3.74 -25.33
C LEU D 335 1.49 -4.71 -25.62
N GLY D 336 2.02 -5.33 -24.57
CA GLY D 336 2.88 -6.51 -24.70
C GLY D 336 2.10 -7.59 -25.43
N LEU D 337 0.77 -7.47 -25.41
CA LEU D 337 -0.07 -8.36 -26.21
C LEU D 337 0.27 -8.27 -27.68
N PHE D 338 0.85 -7.15 -28.09
CA PHE D 338 1.23 -6.96 -29.50
C PHE D 338 2.45 -7.79 -29.93
N GLY D 339 3.16 -8.41 -28.99
CA GLY D 339 4.26 -9.29 -29.36
C GLY D 339 5.65 -8.66 -29.30
N THR D 340 5.79 -7.60 -28.51
CA THR D 340 7.04 -6.85 -28.41
C THR D 340 8.07 -7.53 -27.50
N ASP D 341 7.60 -8.42 -26.64
CA ASP D 341 8.42 -9.04 -25.61
C ASP D 341 8.43 -10.53 -25.85
N ALA D 342 9.49 -11.01 -26.49
CA ALA D 342 9.59 -12.41 -26.87
C ALA D 342 9.54 -13.31 -25.65
N GLN D 343 10.18 -12.86 -24.57
CA GLN D 343 10.22 -13.65 -23.37
C GLN D 343 8.84 -13.76 -22.73
N MET D 344 7.98 -12.77 -22.95
CA MET D 344 6.61 -12.87 -22.46
C MET D 344 5.83 -13.88 -23.28
N LEU D 345 6.04 -13.88 -24.59
CA LEU D 345 5.42 -14.87 -25.45
C LEU D 345 5.84 -16.31 -25.10
N ASP D 346 7.10 -16.51 -24.73
CA ASP D 346 7.58 -17.84 -24.34
C ASP D 346 6.96 -18.27 -23.01
N GLN D 347 6.82 -17.35 -22.06
CA GLN D 347 6.14 -17.67 -20.80
C GLN D 347 4.73 -18.12 -21.08
N LEU D 348 4.05 -17.39 -21.97
CA LEU D 348 2.66 -17.70 -22.27
C LEU D 348 2.52 -19.07 -22.92
N ASP D 349 3.40 -19.40 -23.85
CA ASP D 349 3.37 -20.71 -24.47
C ASP D 349 3.53 -21.83 -23.44
N ALA D 350 4.44 -21.63 -22.50
CA ALA D 350 4.67 -22.65 -21.48
C ALA D 350 3.43 -22.81 -20.59
N HIS D 351 2.83 -21.71 -20.16
CA HIS D 351 1.58 -21.78 -19.40
C HIS D 351 0.46 -22.47 -20.18
N LEU D 352 0.22 -22.01 -21.40
CA LEU D 352 -0.79 -22.64 -22.24
C LEU D 352 -0.53 -24.11 -22.52
N ALA D 353 0.73 -24.49 -22.76
CA ALA D 353 1.06 -25.87 -22.99
C ALA D 353 0.70 -26.69 -21.73
N GLU D 354 1.02 -26.14 -20.56
CA GLU D 354 0.68 -26.85 -19.33
C GLU D 354 -0.85 -26.96 -19.15
N LEU D 355 -1.59 -25.91 -19.53
CA LEU D 355 -3.05 -25.93 -19.42
C LEU D 355 -3.64 -26.98 -20.34
N LEU D 356 -3.21 -26.98 -21.60
CA LEU D 356 -3.71 -27.94 -22.59
C LEU D 356 -3.36 -29.38 -22.22
N SER D 357 -2.30 -29.57 -21.45
CA SER D 357 -1.88 -30.90 -21.00
C SER D 357 -2.69 -31.45 -19.83
N SER D 358 -3.47 -30.62 -19.16
CA SER D 358 -4.20 -31.08 -17.98
C SER D 358 -5.50 -31.76 -18.36
N SER E 15 33.87 -1.81 -33.19
CA SER E 15 35.05 -1.01 -32.86
C SER E 15 36.09 -1.80 -32.05
N TYR E 16 35.63 -2.58 -31.07
CA TYR E 16 36.55 -3.30 -30.20
C TYR E 16 37.30 -4.42 -30.94
N TYR E 17 36.60 -5.14 -31.82
CA TYR E 17 37.14 -6.34 -32.45
C TYR E 17 37.84 -6.05 -33.77
N THR E 18 38.92 -5.28 -33.67
CA THR E 18 39.62 -4.82 -34.86
C THR E 18 41.06 -5.28 -34.85
N GLU E 19 41.69 -5.26 -36.02
CA GLU E 19 43.08 -5.66 -36.07
C GLU E 19 43.92 -4.60 -35.35
N GLU E 20 43.42 -3.39 -35.21
CA GLU E 20 44.22 -2.40 -34.49
C GLU E 20 44.32 -2.75 -33.01
N ASN E 21 43.24 -3.31 -32.45
CA ASN E 21 43.30 -3.74 -31.06
C ASN E 21 43.98 -5.09 -30.88
N HIS E 22 43.66 -6.04 -31.75
CA HIS E 22 44.02 -7.44 -31.48
C HIS E 22 44.96 -8.05 -32.51
N GLY E 23 45.37 -7.26 -33.50
CA GLY E 23 46.19 -7.77 -34.58
C GLY E 23 47.68 -7.73 -34.27
N PRO E 24 48.50 -8.22 -35.21
CA PRO E 24 48.04 -8.66 -36.54
C PRO E 24 47.50 -10.10 -36.56
N PHE E 25 46.60 -10.37 -37.50
CA PHE E 25 46.10 -11.71 -37.73
C PHE E 25 45.59 -11.85 -39.15
N GLU E 26 45.42 -13.09 -39.62
CA GLU E 26 44.87 -13.33 -40.94
C GLU E 26 43.52 -14.03 -40.78
N LEU E 27 42.59 -13.74 -41.67
CA LEU E 27 41.33 -14.45 -41.72
C LEU E 27 41.43 -15.55 -42.75
N ILE E 28 41.29 -16.79 -42.31
CA ILE E 28 41.34 -17.92 -43.23
C ILE E 28 39.96 -18.53 -43.35
N ASN E 29 39.49 -18.66 -44.58
CA ASN E 29 38.23 -19.33 -44.87
C ASN E 29 38.46 -20.82 -45.08
N ILE E 30 37.99 -21.64 -44.14
CA ILE E 30 38.19 -23.07 -44.22
C ILE E 30 36.99 -23.76 -44.87
N GLY E 31 36.11 -22.94 -45.42
CA GLY E 31 34.93 -23.45 -46.11
C GLY E 31 33.81 -23.87 -45.18
N PRO E 32 32.92 -24.73 -45.69
CA PRO E 32 31.73 -25.14 -44.93
C PRO E 32 32.07 -25.96 -43.69
N LEU E 33 31.45 -25.60 -42.57
CA LEU E 33 31.61 -26.35 -41.33
C LEU E 33 30.25 -26.77 -40.79
N PRO E 34 29.93 -28.06 -40.94
CA PRO E 34 28.75 -28.64 -40.29
C PRO E 34 28.96 -28.68 -38.78
N LEU E 35 28.05 -28.08 -38.03
CA LEU E 35 28.22 -27.97 -36.58
C LEU E 35 27.52 -29.13 -35.90
N GLU E 36 28.06 -29.55 -34.74
CA GLU E 36 27.49 -30.66 -33.97
C GLU E 36 26.01 -30.48 -33.68
N GLU E 37 25.61 -29.25 -33.42
CA GLU E 37 24.22 -28.98 -33.08
C GLU E 37 23.27 -29.00 -34.30
N GLY E 38 23.81 -29.23 -35.49
CA GLY E 38 22.95 -29.52 -36.64
C GLY E 38 22.69 -28.33 -37.56
N ARG E 39 23.49 -27.29 -37.41
CA ARG E 39 23.39 -26.11 -38.25
C ARG E 39 24.63 -25.97 -39.07
N CYS E 40 24.49 -25.58 -40.33
CA CYS E 40 25.63 -25.45 -41.21
C CYS E 40 26.22 -24.05 -41.18
N MET E 41 27.53 -23.95 -40.97
CA MET E 41 28.24 -22.72 -41.27
C MET E 41 28.77 -22.81 -42.68
N PRO E 42 28.17 -22.06 -43.63
CA PRO E 42 28.61 -22.15 -45.02
C PRO E 42 30.02 -21.63 -45.23
N GLU E 43 30.37 -20.55 -44.53
CA GLU E 43 31.74 -20.04 -44.56
C GLU E 43 32.20 -19.88 -43.11
N CYS E 44 33.32 -20.53 -42.78
CA CYS E 44 33.88 -20.40 -41.45
C CYS E 44 35.22 -19.66 -41.53
N LEU E 45 35.22 -18.43 -41.06
CA LEU E 45 36.45 -17.63 -41.06
C LEU E 45 37.14 -17.80 -39.71
N LEU E 46 38.37 -18.29 -39.73
CA LEU E 46 39.18 -18.38 -38.53
C LEU E 46 40.20 -17.26 -38.52
N ALA E 47 40.20 -16.46 -37.46
CA ALA E 47 41.24 -15.47 -37.29
C ALA E 47 42.48 -16.15 -36.69
N VAL E 48 43.57 -16.15 -37.44
CA VAL E 48 44.78 -16.85 -37.02
C VAL E 48 45.97 -15.89 -36.91
N ALA E 49 46.76 -16.06 -35.86
CA ALA E 49 48.02 -15.34 -35.72
C ALA E 49 49.17 -16.36 -35.67
N VAL E 50 50.20 -16.15 -36.49
CA VAL E 50 51.35 -17.06 -36.54
C VAL E 50 52.62 -16.37 -36.07
N HIS E 51 53.27 -16.93 -35.07
CA HIS E 51 54.52 -16.40 -34.57
C HIS E 51 55.62 -17.47 -34.69
N GLY E 52 56.58 -17.23 -35.57
CA GLY E 52 57.65 -18.18 -35.81
C GLY E 52 57.48 -18.96 -37.09
N ALA E 53 58.56 -19.58 -37.57
CA ALA E 53 58.52 -20.29 -38.84
C ALA E 53 58.43 -21.80 -38.64
N LEU E 54 57.73 -22.47 -39.56
CA LEU E 54 57.76 -23.93 -39.61
C LEU E 54 59.09 -24.41 -40.13
N ASN E 55 59.64 -25.46 -39.52
CA ASN E 55 60.89 -26.03 -40.02
C ASN E 55 60.62 -26.92 -41.22
N ALA E 56 61.69 -27.51 -41.75
CA ALA E 56 61.64 -28.30 -42.98
C ALA E 56 60.57 -29.39 -42.96
N ASP E 57 60.52 -30.16 -41.87
CA ASP E 57 59.61 -31.30 -41.78
C ASP E 57 58.27 -30.94 -41.13
N LYS E 58 58.06 -29.65 -40.92
CA LYS E 58 56.84 -29.13 -40.28
C LYS E 58 56.61 -29.77 -38.91
N SER E 59 57.67 -29.88 -38.11
CA SER E 59 57.59 -30.63 -36.86
C SER E 59 57.68 -29.75 -35.62
N ASN E 60 57.71 -28.42 -35.81
CA ASN E 60 57.82 -27.51 -34.67
C ASN E 60 56.59 -26.64 -34.47
N ALA E 61 55.42 -27.14 -34.87
CA ALA E 61 54.21 -26.35 -34.72
C ALA E 61 53.60 -26.52 -33.32
N ILE E 62 53.20 -25.40 -32.73
CA ILE E 62 52.48 -25.38 -31.47
C ILE E 62 51.13 -24.69 -31.69
N LEU E 63 50.05 -25.37 -31.33
CA LEU E 63 48.69 -24.80 -31.45
C LEU E 63 48.27 -24.17 -30.13
N VAL E 64 47.76 -22.93 -30.20
CA VAL E 64 47.30 -22.23 -29.02
C VAL E 64 45.86 -21.70 -29.22
N PRO E 65 44.86 -22.38 -28.66
CA PRO E 65 43.48 -21.87 -28.66
C PRO E 65 43.31 -20.67 -27.73
N THR E 66 42.25 -19.88 -27.91
CA THR E 66 42.00 -18.74 -27.06
C THR E 66 40.94 -19.09 -25.99
N TRP E 67 40.85 -18.26 -24.95
CA TRP E 67 39.96 -18.59 -23.83
C TRP E 67 38.66 -17.72 -23.88
N TYR E 68 37.78 -17.90 -22.89
CA TYR E 68 36.54 -17.12 -22.80
C TYR E 68 36.81 -15.61 -22.82
N SER E 69 36.15 -14.91 -23.74
CA SER E 69 36.21 -13.45 -23.92
C SER E 69 37.58 -12.98 -24.45
N GLY E 70 38.46 -13.93 -24.75
CA GLY E 70 39.83 -13.59 -25.11
C GLY E 70 40.06 -13.61 -26.61
N THR E 71 41.20 -13.05 -27.03
CA THR E 71 41.62 -13.15 -28.41
C THR E 71 43.05 -13.62 -28.46
N SER E 72 43.58 -13.72 -29.67
CA SER E 72 44.97 -14.12 -29.88
C SER E 72 45.96 -13.08 -29.32
N LYS E 73 45.51 -11.83 -29.20
CA LYS E 73 46.37 -10.79 -28.68
C LYS E 73 46.77 -11.06 -27.23
N ALA E 74 45.83 -11.53 -26.41
CA ALA E 74 46.14 -11.86 -25.03
C ALA E 74 47.18 -12.97 -24.95
N MET E 75 47.01 -14.00 -25.79
CA MET E 75 47.91 -15.13 -25.73
C MET E 75 49.31 -14.68 -26.12
N GLU E 76 49.43 -13.84 -27.14
CA GLU E 76 50.77 -13.41 -27.55
C GLU E 76 51.37 -12.42 -26.52
N GLN E 77 50.58 -11.47 -26.03
CA GLN E 77 51.06 -10.54 -25.01
C GLN E 77 51.57 -11.23 -23.72
N ILE E 78 50.82 -12.21 -23.23
CA ILE E 78 51.15 -12.79 -21.92
C ILE E 78 52.16 -13.96 -21.99
N TYR E 79 52.14 -14.73 -23.07
CA TYR E 79 52.82 -16.03 -23.07
C TYR E 79 53.91 -16.25 -24.11
N ILE E 80 53.86 -15.52 -25.22
CA ILE E 80 54.74 -15.82 -26.35
C ILE E 80 55.96 -14.88 -26.38
N GLY E 81 57.15 -15.42 -26.61
CA GLY E 81 58.34 -14.59 -26.67
C GLY E 81 59.66 -15.34 -26.65
N GLU E 82 60.71 -14.66 -27.08
CA GLU E 82 62.02 -15.27 -27.18
C GLU E 82 62.50 -15.87 -25.85
N GLY E 83 62.32 -15.15 -24.74
CA GLY E 83 62.75 -15.68 -23.46
C GLY E 83 61.76 -16.60 -22.75
N ARG E 84 60.81 -17.15 -23.51
CA ARG E 84 59.72 -17.93 -22.92
C ARG E 84 59.73 -19.38 -23.41
N ALA E 85 58.90 -20.22 -22.81
CA ALA E 85 58.75 -21.58 -23.31
C ALA E 85 58.16 -21.56 -24.72
N LEU E 86 57.13 -20.75 -24.92
CA LEU E 86 56.53 -20.58 -26.23
C LEU E 86 57.38 -19.58 -27.01
N ASP E 87 58.47 -20.11 -27.55
CA ASP E 87 59.54 -19.35 -28.14
C ASP E 87 59.50 -19.41 -29.67
N PRO E 88 59.14 -18.28 -30.31
CA PRO E 88 58.99 -18.19 -31.76
C PRO E 88 60.29 -18.33 -32.54
N SER E 89 61.44 -18.24 -31.88
CA SER E 89 62.71 -18.47 -32.56
C SER E 89 62.94 -19.96 -32.77
N LYS E 90 62.13 -20.78 -32.10
CA LYS E 90 62.28 -22.24 -32.13
C LYS E 90 61.03 -22.95 -32.68
N TYR E 91 59.87 -22.37 -32.43
CA TYR E 91 58.59 -22.99 -32.80
C TYR E 91 57.76 -22.10 -33.69
N CYS E 92 56.89 -22.74 -34.47
CA CYS E 92 55.86 -22.03 -35.20
C CYS E 92 54.58 -22.05 -34.35
N ILE E 93 54.30 -20.92 -33.72
CA ILE E 93 53.23 -20.82 -32.75
C ILE E 93 52.00 -20.22 -33.44
N ILE E 94 50.99 -21.07 -33.60
CA ILE E 94 49.77 -20.75 -34.33
C ILE E 94 48.65 -20.53 -33.30
N VAL E 95 48.19 -19.29 -33.19
CA VAL E 95 47.14 -18.92 -32.25
C VAL E 95 45.82 -18.77 -32.98
N VAL E 96 44.85 -19.61 -32.64
CA VAL E 96 43.59 -19.63 -33.39
C VAL E 96 42.46 -19.13 -32.53
N ASN E 97 41.78 -18.09 -33.00
CA ASN E 97 40.68 -17.52 -32.25
C ASN E 97 39.44 -18.41 -32.30
N GLN E 98 38.81 -18.61 -31.14
CA GLN E 98 37.54 -19.32 -31.06
C GLN E 98 36.52 -18.80 -32.04
N ILE E 99 35.75 -19.71 -32.64
CA ILE E 99 34.53 -19.33 -33.33
C ILE E 99 33.62 -18.65 -32.30
N GLY E 100 33.13 -17.45 -32.62
CA GLY E 100 32.29 -16.70 -31.69
C GLY E 100 32.98 -15.61 -30.85
N ASN E 101 34.29 -15.44 -31.00
CA ASN E 101 35.01 -14.54 -30.12
C ASN E 101 35.16 -13.11 -30.65
N GLY E 102 34.55 -12.84 -31.81
CA GLY E 102 34.52 -11.51 -32.37
C GLY E 102 35.48 -11.33 -33.53
N LEU E 103 36.53 -12.13 -33.58
CA LEU E 103 37.50 -12.07 -34.69
C LEU E 103 37.29 -13.20 -35.71
N SER E 104 37.18 -14.44 -35.24
CA SER E 104 36.67 -15.51 -36.08
C SER E 104 35.18 -15.29 -36.34
N SER E 105 34.61 -16.09 -37.24
CA SER E 105 33.18 -15.98 -37.53
C SER E 105 32.41 -16.00 -36.21
N SER E 106 31.58 -14.97 -36.00
CA SER E 106 30.89 -14.76 -34.74
C SER E 106 29.53 -14.13 -34.99
N ALA E 107 28.72 -14.02 -33.94
CA ALA E 107 27.44 -13.33 -34.02
C ALA E 107 27.60 -11.90 -34.51
N SER E 108 28.70 -11.26 -34.11
CA SER E 108 28.90 -9.82 -34.35
C SER E 108 29.47 -9.47 -35.73
N ASN E 109 29.93 -10.45 -36.49
CA ASN E 109 30.54 -10.13 -37.80
C ASN E 109 30.05 -11.02 -38.95
N THR E 110 29.01 -11.81 -38.71
CA THR E 110 28.48 -12.70 -39.74
C THR E 110 27.11 -12.19 -40.16
N GLY E 111 26.82 -12.25 -41.46
CA GLY E 111 25.56 -11.74 -41.98
C GLY E 111 24.46 -12.78 -42.04
N GLY E 112 23.35 -12.42 -42.67
CA GLY E 112 22.27 -13.35 -42.91
C GLY E 112 21.60 -13.89 -41.67
N SER E 113 21.26 -15.17 -41.70
CA SER E 113 20.53 -15.81 -40.63
C SER E 113 21.44 -16.17 -39.45
N LEU E 114 22.75 -16.02 -39.61
CA LEU E 114 23.70 -16.29 -38.53
C LEU E 114 24.04 -15.01 -37.78
N ALA E 115 23.46 -13.88 -38.21
CA ALA E 115 23.74 -12.60 -37.58
C ALA E 115 23.14 -12.54 -36.18
N GLY E 116 23.91 -11.99 -35.24
CA GLY E 116 23.42 -11.72 -33.90
C GLY E 116 22.92 -12.93 -33.14
N PRO E 117 21.65 -12.90 -32.70
CA PRO E 117 21.06 -14.01 -31.95
C PRO E 117 20.77 -15.17 -32.89
N GLY E 118 20.89 -14.91 -34.20
CA GLY E 118 20.76 -15.93 -35.21
C GLY E 118 21.93 -16.91 -35.21
N PHE E 119 23.07 -16.49 -34.66
CA PHE E 119 24.29 -17.31 -34.67
C PHE E 119 24.08 -18.68 -34.00
N ALA E 120 24.72 -19.70 -34.56
CA ALA E 120 24.51 -21.08 -34.11
C ALA E 120 25.08 -21.33 -32.72
N ASN E 121 24.56 -22.36 -32.06
CA ASN E 121 25.22 -22.91 -30.87
C ASN E 121 26.44 -23.67 -31.30
N VAL E 122 27.61 -23.17 -30.91
CA VAL E 122 28.87 -23.77 -31.31
C VAL E 122 29.49 -24.50 -30.11
N ARG E 123 30.02 -25.69 -30.34
CA ARG E 123 30.61 -26.48 -29.27
C ARG E 123 32.12 -26.48 -29.39
N ILE E 124 32.78 -26.93 -28.32
CA ILE E 124 34.23 -27.10 -28.36
C ILE E 124 34.66 -27.98 -29.52
N GLY E 125 33.93 -29.05 -29.77
CA GLY E 125 34.23 -29.93 -30.90
C GLY E 125 34.30 -29.25 -32.26
N ASP E 126 33.49 -28.21 -32.43
CA ASP E 126 33.46 -27.48 -33.69
C ASP E 126 34.77 -26.70 -33.89
N ASP E 127 35.24 -26.04 -32.83
CA ASP E 127 36.51 -25.30 -32.90
C ASP E 127 37.67 -26.23 -33.27
N VAL E 128 37.71 -27.39 -32.62
CA VAL E 128 38.79 -28.34 -32.86
C VAL E 128 38.71 -28.92 -34.26
N SER E 129 37.51 -29.27 -34.69
CA SER E 129 37.31 -29.74 -36.05
C SER E 129 37.76 -28.70 -37.06
N ALA E 130 37.35 -27.44 -36.85
CA ALA E 130 37.76 -26.34 -37.74
C ALA E 130 39.28 -26.14 -37.70
N GLN E 131 39.85 -26.22 -36.50
CA GLN E 131 41.30 -26.07 -36.35
C GLN E 131 42.06 -27.17 -37.07
N HIS E 132 41.50 -28.38 -37.06
CA HIS E 132 42.15 -29.51 -37.71
C HIS E 132 42.15 -29.32 -39.22
N THR E 133 41.02 -28.85 -39.74
CA THR E 133 40.92 -28.52 -41.16
C THR E 133 41.94 -27.45 -41.55
N LEU E 134 41.98 -26.39 -40.75
CA LEU E 134 42.95 -25.32 -40.92
C LEU E 134 44.38 -25.84 -40.97
N LEU E 135 44.76 -26.62 -39.97
CA LEU E 135 46.14 -27.07 -39.88
C LEU E 135 46.56 -28.00 -41.03
N THR E 136 45.69 -28.95 -41.38
CA THR E 136 46.03 -29.96 -42.37
C THR E 136 45.92 -29.43 -43.78
N GLU E 137 44.85 -28.69 -44.07
CA GLU E 137 44.56 -28.22 -45.44
C GLU E 137 45.28 -26.94 -45.81
N TYR E 138 45.39 -26.00 -44.89
CA TYR E 138 46.01 -24.72 -45.21
C TYR E 138 47.50 -24.71 -44.92
N PHE E 139 47.91 -25.27 -43.79
CA PHE E 139 49.30 -25.26 -43.39
C PHE E 139 50.05 -26.51 -43.82
N GLY E 140 49.31 -27.54 -44.21
CA GLY E 140 49.93 -28.81 -44.51
C GLY E 140 50.69 -29.40 -43.34
N ILE E 141 50.26 -29.06 -42.13
CA ILE E 141 50.83 -29.62 -40.92
C ILE E 141 50.14 -30.94 -40.58
N GLU E 142 50.91 -31.95 -40.21
CA GLU E 142 50.34 -33.26 -39.91
C GLU E 142 50.51 -33.69 -38.46
N SER E 143 51.26 -32.91 -37.68
CA SER E 143 51.37 -33.16 -36.25
C SER E 143 51.69 -31.88 -35.47
N LEU E 144 51.36 -31.87 -34.18
CA LEU E 144 51.68 -30.74 -33.32
C LEU E 144 52.69 -31.10 -32.27
N ALA E 145 53.77 -30.33 -32.17
CA ALA E 145 54.71 -30.54 -31.08
C ALA E 145 54.04 -30.32 -29.73
N LEU E 146 53.03 -29.47 -29.72
CA LEU E 146 52.36 -29.11 -28.47
C LEU E 146 51.04 -28.45 -28.76
N VAL E 147 49.99 -28.85 -28.03
CA VAL E 147 48.78 -28.06 -27.94
C VAL E 147 48.67 -27.54 -26.51
N VAL E 148 48.47 -26.24 -26.36
CA VAL E 148 48.46 -25.66 -25.03
C VAL E 148 47.43 -24.51 -24.94
N GLY E 149 46.64 -24.50 -23.89
CA GLY E 149 45.65 -23.45 -23.76
C GLY E 149 45.22 -23.35 -22.31
N GLY E 150 44.61 -22.24 -21.95
CA GLY E 150 44.12 -22.04 -20.60
C GLY E 150 42.60 -21.93 -20.56
N SER E 151 42.01 -22.59 -19.56
CA SER E 151 40.57 -22.54 -19.33
C SER E 151 39.79 -23.03 -20.57
N MET E 152 39.03 -22.19 -21.27
CA MET E 152 38.41 -22.67 -22.50
C MET E 152 39.43 -23.21 -23.50
N GLY E 153 40.62 -22.62 -23.51
CA GLY E 153 41.72 -23.13 -24.30
C GLY E 153 42.16 -24.52 -23.88
N ALA E 154 42.08 -24.82 -22.59
CA ALA E 154 42.37 -26.16 -22.07
C ALA E 154 41.24 -27.13 -22.48
N GLN E 155 40.01 -26.64 -22.51
CA GLN E 155 38.89 -27.46 -22.99
C GLN E 155 39.19 -27.91 -24.43
N GLN E 156 39.65 -26.96 -25.27
CA GLN E 156 40.03 -27.30 -26.64
C GLN E 156 41.26 -28.21 -26.74
N THR E 157 42.21 -28.00 -25.85
CA THR E 157 43.42 -28.85 -25.77
C THR E 157 43.08 -30.31 -25.51
N TYR E 158 42.20 -30.56 -24.53
CA TYR E 158 41.74 -31.92 -24.24
C TYR E 158 40.97 -32.53 -25.41
N GLU E 159 40.04 -31.77 -25.98
CA GLU E 159 39.30 -32.24 -27.15
C GLU E 159 40.27 -32.66 -28.26
N TRP E 160 41.27 -31.81 -28.56
CA TRP E 160 42.32 -32.21 -29.51
C TRP E 160 42.97 -33.55 -29.16
N ALA E 161 43.39 -33.68 -27.91
CA ALA E 161 44.19 -34.85 -27.52
C ALA E 161 43.38 -36.14 -27.62
N VAL E 162 42.07 -36.03 -27.40
CA VAL E 162 41.17 -37.16 -27.43
C VAL E 162 40.71 -37.44 -28.86
N ARG E 163 40.40 -36.37 -29.61
CA ARG E 163 39.83 -36.49 -30.95
C ARG E 163 40.84 -36.95 -32.00
N TYR E 164 42.02 -36.36 -31.96
CA TYR E 164 43.09 -36.70 -32.90
C TYR E 164 44.35 -37.15 -32.18
N PRO E 165 44.28 -38.33 -31.52
CA PRO E 165 45.33 -38.61 -30.53
C PRO E 165 46.75 -38.73 -31.09
N ASP E 166 46.92 -39.20 -32.33
CA ASP E 166 48.26 -39.32 -32.92
C ASP E 166 48.78 -37.99 -33.49
N PHE E 167 47.90 -37.01 -33.62
CA PHE E 167 48.25 -35.70 -34.13
C PHE E 167 48.98 -34.87 -33.07
N VAL E 168 48.70 -35.16 -31.80
CA VAL E 168 49.16 -34.33 -30.69
C VAL E 168 50.26 -35.03 -29.91
N LYS E 169 51.49 -34.53 -30.04
CA LYS E 169 52.65 -35.15 -29.39
C LYS E 169 52.72 -34.78 -27.90
N ARG E 170 52.35 -33.54 -27.58
CA ARG E 170 52.37 -33.06 -26.21
C ARG E 170 51.17 -32.17 -25.99
N ALA E 171 50.68 -32.18 -24.76
CA ALA E 171 49.49 -31.39 -24.41
C ALA E 171 49.68 -30.74 -23.05
N ALA E 172 49.31 -29.46 -22.92
CA ALA E 172 49.34 -28.80 -21.61
C ALA E 172 48.02 -28.11 -21.35
N ALA E 173 47.27 -28.60 -20.37
CA ALA E 173 45.95 -28.06 -20.10
C ALA E 173 46.03 -27.21 -18.85
N ILE E 174 45.98 -25.90 -19.02
CA ILE E 174 46.13 -24.99 -17.89
C ILE E 174 44.78 -24.53 -17.41
N ALA E 175 44.50 -24.71 -16.11
CA ALA E 175 43.31 -24.18 -15.46
C ALA E 175 42.00 -24.48 -16.24
N GLY E 176 41.76 -25.75 -16.55
CA GLY E 176 40.53 -26.11 -17.24
C GLY E 176 40.37 -27.62 -17.17
N THR E 177 39.17 -28.12 -17.43
CA THR E 177 38.94 -29.55 -17.39
C THR E 177 38.55 -30.13 -18.75
N ALA E 178 38.59 -31.46 -18.83
CA ALA E 178 38.23 -32.21 -20.03
C ALA E 178 36.70 -32.42 -20.11
N ARG E 179 36.06 -32.44 -18.95
CA ARG E 179 34.62 -32.54 -18.86
C ARG E 179 34.13 -31.51 -17.85
N ASN E 180 33.23 -30.64 -18.28
CA ASN E 180 32.78 -29.53 -17.44
C ASN E 180 31.87 -30.02 -16.31
N SER E 181 32.08 -29.46 -15.12
CA SER E 181 31.33 -29.86 -13.94
C SER E 181 29.99 -29.14 -13.90
N GLU E 182 29.07 -29.65 -13.09
CA GLU E 182 27.75 -29.01 -12.92
C GLU E 182 27.94 -27.69 -12.20
N HIS E 183 28.90 -27.66 -11.30
CA HIS E 183 29.16 -26.43 -10.58
C HIS E 183 29.65 -25.33 -11.52
N ASP E 184 30.54 -25.69 -12.45
CA ASP E 184 31.05 -24.71 -13.39
C ASP E 184 29.92 -24.29 -14.35
N PHE E 185 29.10 -25.25 -14.73
CA PHE E 185 27.93 -24.97 -15.57
C PHE E 185 27.02 -23.91 -14.94
N LEU E 186 26.73 -24.09 -13.66
CA LEU E 186 25.91 -23.13 -12.93
C LEU E 186 26.52 -21.73 -12.95
N PHE E 187 27.82 -21.68 -12.64
CA PHE E 187 28.59 -20.45 -12.67
C PHE E 187 28.35 -19.71 -13.97
N THR E 188 28.50 -20.43 -15.08
CA THR E 188 28.35 -19.78 -16.37
C THR E 188 26.88 -19.40 -16.61
N GLU E 189 25.94 -20.25 -16.20
CA GLU E 189 24.53 -19.89 -16.30
C GLU E 189 24.24 -18.57 -15.55
N ILE E 190 24.86 -18.37 -14.40
CA ILE E 190 24.66 -17.13 -13.63
C ILE E 190 25.32 -15.93 -14.33
N LEU E 191 26.53 -16.15 -14.85
CA LEU E 191 27.21 -15.14 -15.67
C LEU E 191 26.33 -14.70 -16.82
N ILE E 192 25.64 -15.64 -17.44
CA ILE E 192 24.77 -15.36 -18.57
C ILE E 192 23.57 -14.54 -18.15
N GLU E 193 22.92 -14.95 -17.05
CA GLU E 193 21.76 -14.22 -16.57
C GLU E 193 22.09 -12.77 -16.25
N ALA E 194 23.32 -12.52 -15.81
CA ALA E 194 23.74 -11.18 -15.43
C ALA E 194 23.54 -10.22 -16.59
N ILE E 195 23.82 -10.73 -17.79
CA ILE E 195 23.67 -10.00 -19.04
C ILE E 195 22.20 -9.97 -19.51
N THR E 196 21.59 -11.15 -19.61
CA THR E 196 20.26 -11.25 -20.24
C THR E 196 19.13 -10.63 -19.40
N THR E 197 19.42 -10.34 -18.13
CA THR E 197 18.41 -9.68 -17.30
C THR E 197 18.29 -8.20 -17.66
N ASP E 198 19.14 -7.73 -18.58
CA ASP E 198 19.13 -6.32 -18.99
C ASP E 198 17.99 -6.03 -19.98
N PRO E 199 17.12 -5.04 -19.66
CA PRO E 199 16.03 -4.62 -20.55
C PRO E 199 16.50 -4.23 -21.96
N ALA E 200 17.77 -3.88 -22.08
CA ALA E 200 18.32 -3.42 -23.34
C ALA E 200 18.76 -4.56 -24.27
N PHE E 201 18.83 -5.77 -23.74
CA PHE E 201 19.34 -6.89 -24.51
C PHE E 201 18.40 -7.26 -25.68
N GLN E 202 17.10 -7.18 -25.43
CA GLN E 202 16.01 -7.41 -26.40
C GLN E 202 16.28 -8.64 -27.27
N ALA E 203 16.32 -9.79 -26.61
CA ALA E 203 16.45 -11.06 -27.31
C ALA E 203 17.69 -11.06 -28.21
N GLY E 204 18.69 -10.26 -27.85
CA GLY E 204 19.92 -10.21 -28.62
C GLY E 204 19.89 -9.21 -29.77
N LEU E 205 18.76 -8.52 -29.92
CA LEU E 205 18.61 -7.55 -31.01
C LEU E 205 18.89 -6.12 -30.54
N TYR E 206 19.78 -5.97 -29.56
CA TYR E 206 20.08 -4.66 -28.99
C TYR E 206 20.71 -3.75 -30.02
N ARG E 207 20.49 -2.45 -29.86
CA ARG E 207 20.94 -1.45 -30.84
C ARG E 207 22.46 -1.36 -30.90
N SER E 208 23.12 -1.47 -29.75
CA SER E 208 24.58 -1.52 -29.72
C SER E 208 25.07 -2.19 -28.44
N SER E 209 26.30 -2.69 -28.45
CA SER E 209 26.78 -3.47 -27.30
C SER E 209 26.80 -2.56 -26.05
N SER E 210 27.11 -1.27 -26.23
CA SER E 210 27.16 -0.37 -25.08
C SER E 210 25.79 -0.11 -24.42
N ALA E 211 24.70 -0.43 -25.11
CA ALA E 211 23.36 -0.24 -24.54
C ALA E 211 23.09 -1.28 -23.46
N VAL E 212 23.81 -2.40 -23.55
CA VAL E 212 23.68 -3.47 -22.54
C VAL E 212 24.75 -3.32 -21.46
N ALA E 213 25.14 -2.08 -21.18
CA ALA E 213 26.20 -1.81 -20.22
C ALA E 213 25.91 -2.37 -18.84
N ALA E 214 24.65 -2.37 -18.39
CA ALA E 214 24.37 -2.77 -17.03
C ALA E 214 24.59 -4.29 -16.90
N GLY E 215 24.12 -5.04 -17.88
CA GLY E 215 24.35 -6.48 -17.91
C GLY E 215 25.83 -6.81 -17.92
N LEU E 216 26.61 -6.05 -18.69
CA LEU E 216 28.04 -6.32 -18.78
C LEU E 216 28.73 -6.00 -17.45
N GLU E 217 28.25 -4.98 -16.78
CA GLU E 217 28.77 -4.64 -15.46
C GLU E 217 28.48 -5.69 -14.39
N ARG E 218 27.28 -6.27 -14.37
CA ARG E 218 27.01 -7.37 -13.44
C ARG E 218 27.85 -8.60 -13.79
N HIS E 219 28.02 -8.84 -15.08
CA HIS E 219 28.92 -9.87 -15.58
C HIS E 219 30.32 -9.68 -14.96
N ALA E 220 30.84 -8.46 -14.99
CA ALA E 220 32.17 -8.17 -14.45
C ALA E 220 32.24 -8.38 -12.93
N LYS E 221 31.16 -8.05 -12.25
CA LYS E 221 31.11 -8.24 -10.80
C LYS E 221 31.23 -9.71 -10.43
N LEU E 222 30.51 -10.55 -11.17
CA LEU E 222 30.52 -11.99 -10.90
C LEU E 222 31.88 -12.58 -11.17
N TRP E 223 32.53 -12.14 -12.25
CA TRP E 223 33.90 -12.52 -12.53
C TRP E 223 34.87 -12.07 -11.42
N THR E 224 34.58 -10.95 -10.76
CA THR E 224 35.44 -10.54 -9.65
C THR E 224 35.27 -11.51 -8.48
N LEU E 225 34.03 -11.96 -8.27
CA LEU E 225 33.71 -12.88 -7.18
C LEU E 225 34.39 -14.23 -7.37
N MET E 226 34.41 -14.73 -8.61
CA MET E 226 34.82 -16.13 -8.83
C MET E 226 36.19 -16.27 -9.49
N GLY E 227 36.71 -15.16 -10.02
CA GLY E 227 37.85 -15.24 -10.93
C GLY E 227 39.20 -15.14 -10.27
N TRP E 228 39.24 -14.69 -9.03
CA TRP E 228 40.51 -14.55 -8.34
C TRP E 228 40.46 -15.50 -7.15
N SER E 229 40.51 -14.98 -5.92
CA SER E 229 40.30 -15.83 -4.74
C SER E 229 40.13 -14.95 -3.51
N PRO E 230 39.52 -15.51 -2.44
CA PRO E 230 39.45 -14.76 -1.18
C PRO E 230 40.83 -14.31 -0.69
N GLU E 231 41.86 -15.12 -0.95
CA GLU E 231 43.21 -14.83 -0.48
C GLU E 231 43.85 -13.68 -1.25
N PHE E 232 43.52 -13.61 -2.54
CA PHE E 232 43.93 -12.54 -3.43
C PHE E 232 43.55 -11.22 -2.78
N PHE E 233 42.30 -11.10 -2.34
CA PHE E 233 41.84 -9.84 -1.76
C PHE E 233 42.30 -9.65 -0.32
N ARG E 234 42.24 -10.70 0.50
CA ARG E 234 42.71 -10.60 1.88
C ARG E 234 44.15 -10.09 1.96
N THR E 235 45.02 -10.56 1.07
CA THR E 235 46.43 -10.17 1.12
C THR E 235 46.72 -8.90 0.31
N GLY E 236 45.66 -8.24 -0.15
CA GLY E 236 45.80 -6.92 -0.77
C GLY E 236 46.44 -6.96 -2.14
N ARG E 237 46.22 -8.05 -2.84
CA ARG E 237 46.88 -8.26 -4.11
C ARG E 237 46.39 -7.28 -5.19
N HIS E 238 45.12 -6.87 -5.09
CA HIS E 238 44.57 -5.85 -5.97
C HIS E 238 45.23 -4.52 -5.73
N LYS E 239 45.56 -4.23 -4.49
CA LYS E 239 46.18 -2.95 -4.18
C LYS E 239 47.61 -2.96 -4.72
N ALA E 240 48.22 -4.13 -4.71
CA ALA E 240 49.53 -4.32 -5.31
C ALA E 240 49.48 -4.09 -6.81
N LEU E 241 48.36 -4.45 -7.43
CA LEU E 241 48.21 -4.21 -8.86
C LEU E 241 47.85 -2.74 -9.16
N GLY E 242 47.67 -1.94 -8.11
CA GLY E 242 47.49 -0.51 -8.27
C GLY E 242 46.09 0.05 -8.06
N PHE E 243 45.24 -0.71 -7.35
CA PHE E 243 43.86 -0.30 -7.10
C PHE E 243 43.56 -0.20 -5.61
N GLU E 244 43.29 1.03 -5.15
CA GLU E 244 43.05 1.39 -3.75
C GLU E 244 42.17 0.42 -3.05
N SER E 245 41.00 0.17 -3.63
CA SER E 245 39.95 -0.58 -2.96
C SER E 245 39.38 -1.67 -3.84
N MET E 246 38.55 -2.52 -3.24
CA MET E 246 37.79 -3.48 -4.02
C MET E 246 36.97 -2.73 -5.05
N GLN E 247 36.36 -1.62 -4.62
CA GLN E 247 35.54 -0.83 -5.51
C GLN E 247 36.33 -0.32 -6.73
N MET E 248 37.58 0.11 -6.54
CA MET E 248 38.28 0.63 -7.70
C MET E 248 38.81 -0.49 -8.58
N PHE E 249 39.06 -1.65 -8.00
CA PHE E 249 39.49 -2.80 -8.76
C PHE E 249 38.34 -3.25 -9.68
N VAL E 250 37.15 -3.39 -9.12
CA VAL E 250 35.96 -3.74 -9.90
C VAL E 250 35.75 -2.75 -11.05
N ASP E 251 35.80 -1.46 -10.72
CA ASP E 251 35.56 -0.44 -11.72
C ASP E 251 36.73 -0.32 -12.68
N GLY E 252 37.93 -0.11 -12.15
CA GLY E 252 39.09 0.17 -12.97
C GLY E 252 39.59 -0.98 -13.83
N PHE E 253 39.41 -2.21 -13.34
CA PHE E 253 39.98 -3.41 -13.97
C PHE E 253 38.88 -4.27 -14.60
N MET E 254 37.96 -4.76 -13.77
CA MET E 254 37.00 -5.75 -14.23
C MET E 254 35.92 -5.18 -15.16
N LYS E 255 35.29 -4.08 -14.78
CA LYS E 255 34.25 -3.48 -15.61
C LYS E 255 34.85 -2.97 -16.91
N ARG E 256 36.03 -2.37 -16.81
CA ARG E 256 36.70 -1.84 -17.99
C ARG E 256 36.99 -2.96 -18.99
N TYR E 257 37.36 -4.14 -18.47
CA TYR E 257 37.71 -5.27 -19.32
C TYR E 257 36.52 -5.72 -20.16
N PHE E 258 35.36 -5.86 -19.53
CA PHE E 258 34.17 -6.33 -20.23
C PHE E 258 33.39 -5.23 -20.95
N ALA E 259 33.65 -3.97 -20.57
CA ALA E 259 32.90 -2.81 -21.10
C ALA E 259 32.72 -2.78 -22.63
N PRO E 260 33.78 -3.01 -23.42
CA PRO E 260 33.55 -2.84 -24.86
C PRO E 260 33.13 -4.11 -25.60
N MET E 261 32.83 -5.18 -24.88
CA MET E 261 32.62 -6.47 -25.53
C MET E 261 31.19 -6.64 -26.02
N ASP E 262 30.97 -7.61 -26.90
CA ASP E 262 29.65 -7.81 -27.49
C ASP E 262 28.87 -8.91 -26.77
N PRO E 263 27.71 -8.55 -26.20
CA PRO E 263 26.93 -9.53 -25.42
C PRO E 263 26.64 -10.84 -26.16
N ASN E 264 26.26 -10.78 -27.45
CA ASN E 264 25.96 -12.01 -28.19
C ASN E 264 27.20 -12.91 -28.26
N ASN E 265 28.36 -12.29 -28.47
CA ASN E 265 29.59 -13.07 -28.53
C ASN E 265 29.89 -13.76 -27.20
N LEU E 266 29.75 -13.01 -26.10
CA LEU E 266 29.95 -13.58 -24.77
C LEU E 266 29.03 -14.79 -24.55
N LEU E 267 27.79 -14.68 -25.01
CA LEU E 267 26.83 -15.76 -24.83
C LEU E 267 27.21 -16.98 -25.66
N THR E 268 27.67 -16.76 -26.90
CA THR E 268 28.19 -17.85 -27.71
C THR E 268 29.31 -18.60 -26.96
N MET E 269 30.30 -17.86 -26.47
CA MET E 269 31.43 -18.53 -25.79
C MET E 269 31.02 -19.15 -24.47
N ALA E 270 30.08 -18.50 -23.78
CA ALA E 270 29.60 -19.05 -22.50
C ALA E 270 28.86 -20.38 -22.69
N TRP E 271 27.99 -20.41 -23.69
CA TRP E 271 27.22 -21.61 -24.01
C TRP E 271 28.19 -22.74 -24.35
N LYS E 272 29.24 -22.42 -25.10
CA LYS E 272 30.24 -23.41 -25.50
C LYS E 272 31.04 -23.94 -24.30
N TRP E 273 31.50 -23.03 -23.47
CA TRP E 273 32.21 -23.35 -22.24
C TRP E 273 31.39 -24.31 -21.37
N GLN E 274 30.11 -24.01 -21.24
CA GLN E 274 29.23 -24.84 -20.43
C GLN E 274 29.23 -26.29 -20.85
N ARG E 275 29.42 -26.55 -22.14
CA ARG E 275 29.22 -27.91 -22.70
C ARG E 275 30.49 -28.65 -23.06
N GLY E 276 31.66 -28.09 -22.72
CA GLY E 276 32.92 -28.79 -22.93
C GLY E 276 32.89 -30.15 -22.27
N ASP E 277 33.06 -31.20 -23.08
CA ASP E 277 32.95 -32.57 -22.59
C ASP E 277 33.51 -33.55 -23.60
N VAL E 278 34.76 -33.97 -23.39
CA VAL E 278 35.34 -34.91 -24.33
C VAL E 278 34.70 -36.30 -24.18
N SER E 279 33.93 -36.53 -23.11
CA SER E 279 33.37 -37.86 -22.89
C SER E 279 32.16 -38.12 -23.84
N ARG E 280 31.70 -37.07 -24.52
CA ARG E 280 30.71 -37.25 -25.59
C ARG E 280 31.14 -38.28 -26.65
N HIS E 281 32.46 -38.44 -26.80
CA HIS E 281 32.99 -39.38 -27.78
C HIS E 281 32.82 -40.82 -27.33
N THR E 282 32.61 -41.03 -26.04
CA THR E 282 32.61 -42.38 -25.48
C THR E 282 31.41 -42.64 -24.60
N GLY E 283 30.30 -41.97 -24.88
CA GLY E 283 29.04 -42.25 -24.24
C GLY E 283 28.96 -41.72 -22.82
N GLY E 284 29.81 -40.77 -22.51
CA GLY E 284 29.86 -40.24 -21.16
C GLY E 284 30.89 -40.92 -20.29
N ASP E 285 31.63 -41.87 -20.86
CA ASP E 285 32.68 -42.59 -20.12
C ASP E 285 33.99 -41.82 -20.17
N LEU E 286 34.25 -41.00 -19.16
CA LEU E 286 35.41 -40.10 -19.19
C LEU E 286 36.74 -40.86 -19.18
N ALA E 287 36.83 -41.93 -18.40
CA ALA E 287 38.06 -42.72 -18.35
C ALA E 287 38.38 -43.30 -19.70
N LYS E 288 37.34 -43.73 -20.43
CA LYS E 288 37.57 -44.29 -21.75
C LYS E 288 38.10 -43.19 -22.68
N ALA E 289 37.48 -42.01 -22.67
CA ALA E 289 37.93 -40.91 -23.53
C ALA E 289 39.37 -40.50 -23.22
N LEU E 290 39.63 -40.16 -21.97
CA LEU E 290 40.98 -39.77 -21.55
C LEU E 290 42.01 -40.89 -21.78
N GLY E 291 41.56 -42.15 -21.76
CA GLY E 291 42.44 -43.29 -22.00
C GLY E 291 42.91 -43.37 -23.45
N ARG E 292 42.25 -42.62 -24.34
CA ARG E 292 42.64 -42.51 -25.76
C ARG E 292 43.83 -41.58 -26.01
N ILE E 293 44.14 -40.71 -25.05
CA ILE E 293 45.22 -39.74 -25.21
C ILE E 293 46.59 -40.41 -25.29
N LYS E 294 47.35 -40.05 -26.34
CA LYS E 294 48.69 -40.58 -26.56
C LYS E 294 49.74 -39.49 -26.34
N ALA E 295 49.32 -38.24 -26.38
CA ALA E 295 50.17 -37.09 -26.07
C ALA E 295 50.75 -37.17 -24.68
N LYS E 296 52.00 -36.72 -24.54
CA LYS E 296 52.58 -36.48 -23.23
C LYS E 296 51.88 -35.25 -22.67
N THR E 297 51.17 -35.43 -21.56
CA THR E 297 50.25 -34.38 -21.07
C THR E 297 50.61 -33.89 -19.67
N TYR E 298 50.67 -32.57 -19.52
CA TYR E 298 50.76 -31.94 -18.21
C TYR E 298 49.40 -31.34 -17.89
N VAL E 299 48.88 -31.69 -16.71
CA VAL E 299 47.61 -31.15 -16.22
C VAL E 299 47.95 -30.10 -15.17
N MET E 300 47.57 -28.85 -15.42
CA MET E 300 48.11 -27.71 -14.68
C MET E 300 47.01 -26.76 -14.18
N PRO E 301 46.26 -27.19 -13.14
CA PRO E 301 45.32 -26.27 -12.52
C PRO E 301 46.06 -25.16 -11.76
N ILE E 302 45.35 -24.11 -11.42
CA ILE E 302 45.93 -23.06 -10.59
C ILE E 302 45.42 -23.27 -9.19
N SER E 303 46.33 -23.23 -8.20
CA SER E 303 46.00 -23.65 -6.84
C SER E 303 44.72 -23.03 -6.27
N HIS E 304 44.53 -21.73 -6.50
CA HIS E 304 43.41 -21.03 -5.89
C HIS E 304 42.28 -20.75 -6.89
N ASP E 305 42.28 -21.47 -8.00
CA ASP E 305 41.19 -21.37 -8.98
C ASP E 305 39.90 -21.81 -8.28
N GLN E 306 38.88 -20.95 -8.28
CA GLN E 306 37.61 -21.21 -7.59
C GLN E 306 36.64 -22.11 -8.38
N PHE E 307 36.83 -22.27 -9.68
CA PHE E 307 35.88 -23.10 -10.42
C PHE E 307 36.47 -24.23 -11.27
N PHE E 308 37.71 -24.10 -11.75
CA PHE E 308 38.38 -25.29 -12.31
C PHE E 308 39.38 -25.79 -11.24
N THR E 309 38.90 -26.57 -10.29
CA THR E 309 39.66 -26.77 -9.08
C THR E 309 40.81 -27.78 -9.23
N VAL E 310 41.75 -27.72 -8.30
CA VAL E 310 42.84 -28.69 -8.22
C VAL E 310 42.27 -30.11 -8.13
N ASP E 311 41.27 -30.32 -7.29
CA ASP E 311 40.65 -31.64 -7.16
C ASP E 311 40.04 -32.14 -8.49
N ASP E 312 39.28 -31.28 -9.17
CA ASP E 312 38.67 -31.63 -10.47
C ASP E 312 39.75 -32.08 -11.44
N CYS E 313 40.81 -31.27 -11.51
CA CYS E 313 41.85 -31.53 -12.50
C CYS E 313 42.71 -32.75 -12.13
N LEU E 314 42.97 -32.97 -10.84
CA LEU E 314 43.74 -34.13 -10.42
C LEU E 314 42.98 -35.43 -10.76
N SER E 315 41.68 -35.38 -10.51
CA SER E 315 40.79 -36.50 -10.79
C SER E 315 40.87 -36.93 -12.27
N GLU E 316 40.95 -35.96 -13.16
CA GLU E 316 41.09 -36.25 -14.57
C GLU E 316 42.50 -36.70 -14.93
N GLN E 317 43.51 -36.04 -14.35
CA GLN E 317 44.91 -36.42 -14.61
C GLN E 317 45.18 -37.90 -14.30
N LYS E 318 44.53 -38.41 -13.26
CA LYS E 318 44.72 -39.82 -12.91
C LYS E 318 44.22 -40.78 -13.99
N MET E 319 43.38 -40.29 -14.91
CA MET E 319 42.84 -41.12 -15.99
C MET E 319 43.59 -40.98 -17.31
N ILE E 320 44.57 -40.07 -17.36
CA ILE E 320 45.34 -39.86 -18.59
C ILE E 320 46.67 -40.59 -18.48
N PRO E 321 46.88 -41.63 -19.31
CA PRO E 321 48.12 -42.44 -19.33
C PRO E 321 49.39 -41.60 -19.51
N ASN E 322 50.41 -41.89 -18.71
CA ASN E 322 51.73 -41.21 -18.74
C ASN E 322 51.70 -39.68 -18.59
N SER E 323 50.59 -39.14 -18.09
CA SER E 323 50.51 -37.71 -17.81
C SER E 323 51.18 -37.35 -16.51
N GLU E 324 51.30 -36.05 -16.25
CA GLU E 324 51.87 -35.59 -14.98
C GLU E 324 51.00 -34.48 -14.42
N PHE E 325 50.86 -34.46 -13.11
CA PHE E 325 50.16 -33.39 -12.41
C PHE E 325 51.16 -32.29 -12.07
N ARG E 326 51.00 -31.11 -12.63
CA ARG E 326 51.93 -30.00 -12.38
C ARG E 326 51.13 -28.75 -12.05
N PRO E 327 50.57 -28.68 -10.84
CA PRO E 327 49.75 -27.51 -10.52
C PRO E 327 50.59 -26.24 -10.39
N LEU E 328 50.00 -25.11 -10.75
CA LEU E 328 50.64 -23.80 -10.65
C LEU E 328 50.23 -23.17 -9.33
N ARG E 329 51.18 -22.64 -8.58
CA ARG E 329 50.86 -22.03 -7.29
C ARG E 329 50.70 -20.53 -7.46
N SER E 330 49.47 -20.04 -7.27
CA SER E 330 49.18 -18.61 -7.35
C SER E 330 47.88 -18.33 -6.64
N ILE E 331 47.91 -17.37 -5.72
CA ILE E 331 46.67 -16.96 -5.08
C ILE E 331 45.83 -16.09 -6.01
N ASP E 332 46.36 -15.73 -7.18
CA ASP E 332 45.53 -14.96 -8.11
C ASP E 332 44.39 -15.79 -8.68
N GLY E 333 44.41 -17.10 -8.45
CA GLY E 333 43.33 -17.95 -8.90
C GLY E 333 43.21 -17.95 -10.41
N HIS E 334 41.99 -18.11 -10.91
CA HIS E 334 41.79 -18.33 -12.33
C HIS E 334 42.33 -17.20 -13.21
N LEU E 335 42.06 -15.96 -12.81
CA LEU E 335 42.38 -14.85 -13.69
C LEU E 335 43.87 -14.53 -13.61
N GLY E 336 44.60 -15.30 -12.82
CA GLY E 336 46.04 -15.36 -12.93
C GLY E 336 46.52 -15.69 -14.36
N LEU E 337 45.64 -16.30 -15.16
CA LEU E 337 45.86 -16.49 -16.60
C LEU E 337 46.06 -15.16 -17.35
N PHE E 338 45.54 -14.07 -16.80
CA PHE E 338 45.74 -12.75 -17.40
C PHE E 338 47.18 -12.26 -17.23
N GLY E 339 48.01 -13.02 -16.52
CA GLY E 339 49.41 -12.67 -16.37
C GLY E 339 49.69 -11.69 -15.25
N THR E 340 48.84 -11.67 -14.23
CA THR E 340 49.01 -10.71 -13.14
C THR E 340 50.09 -11.14 -12.15
N ASP E 341 50.48 -12.40 -12.22
CA ASP E 341 51.41 -13.00 -11.27
C ASP E 341 52.62 -13.52 -12.03
N ALA E 342 53.70 -12.73 -12.03
CA ALA E 342 54.92 -13.12 -12.74
C ALA E 342 55.51 -14.43 -12.20
N GLN E 343 55.38 -14.68 -10.91
CA GLN E 343 55.91 -15.91 -10.34
C GLN E 343 55.19 -17.13 -10.92
N MET E 344 53.89 -17.01 -11.11
CA MET E 344 53.11 -18.07 -11.75
C MET E 344 53.54 -18.28 -13.20
N LEU E 345 53.71 -17.18 -13.93
CA LEU E 345 54.20 -17.23 -15.30
C LEU E 345 55.58 -17.89 -15.39
N ASP E 346 56.44 -17.66 -14.40
CA ASP E 346 57.75 -18.32 -14.37
C ASP E 346 57.61 -19.84 -14.13
N GLN E 347 56.70 -20.22 -13.25
CA GLN E 347 56.45 -21.63 -13.00
C GLN E 347 55.99 -22.29 -14.28
N LEU E 348 55.01 -21.66 -14.93
CA LEU E 348 54.44 -22.19 -16.15
C LEU E 348 55.52 -22.38 -17.21
N ASP E 349 56.41 -21.40 -17.34
CA ASP E 349 57.50 -21.48 -18.29
C ASP E 349 58.41 -22.67 -17.99
N ALA E 350 58.65 -22.91 -16.71
CA ALA E 350 59.53 -23.99 -16.30
C ALA E 350 58.91 -25.36 -16.64
N HIS E 351 57.63 -25.52 -16.36
CA HIS E 351 56.93 -26.75 -16.75
C HIS E 351 56.86 -26.91 -18.28
N LEU E 352 56.42 -25.87 -18.99
CA LEU E 352 56.26 -25.97 -20.43
C LEU E 352 57.58 -26.32 -21.11
N ALA E 353 58.66 -25.67 -20.68
CA ALA E 353 59.95 -25.96 -21.26
C ALA E 353 60.36 -27.41 -20.99
N GLU E 354 60.07 -27.93 -19.80
CA GLU E 354 60.41 -29.32 -19.53
C GLU E 354 59.58 -30.26 -20.42
N LEU E 355 58.31 -29.92 -20.64
CA LEU E 355 57.43 -30.73 -21.48
C LEU E 355 57.95 -30.76 -22.91
N LEU E 356 58.27 -29.58 -23.45
CA LEU E 356 58.78 -29.50 -24.82
C LEU E 356 60.13 -30.21 -24.94
N SER E 357 60.84 -30.34 -23.84
CA SER E 357 62.14 -31.03 -23.88
C SER E 357 62.00 -32.55 -23.87
N SER E 358 60.78 -33.04 -23.66
CA SER E 358 60.50 -34.46 -23.52
C SER E 358 60.20 -35.11 -24.87
N PRO E 359 60.55 -36.39 -25.04
CA PRO E 359 60.37 -37.06 -26.35
C PRO E 359 58.94 -37.57 -26.58
N SER F 15 -12.60 35.61 -9.24
CA SER F 15 -12.96 35.53 -7.83
C SER F 15 -12.37 34.30 -7.10
N TYR F 16 -11.66 33.43 -7.82
CA TYR F 16 -11.09 32.26 -7.15
C TYR F 16 -9.76 32.62 -6.47
N TYR F 17 -8.98 33.46 -7.13
CA TYR F 17 -7.62 33.71 -6.65
C TYR F 17 -7.55 34.91 -5.71
N THR F 18 -8.23 34.78 -4.57
CA THR F 18 -8.36 35.89 -3.63
C THR F 18 -7.80 35.58 -2.28
N GLU F 19 -7.48 36.63 -1.54
CA GLU F 19 -7.14 36.51 -0.13
C GLU F 19 -8.23 35.75 0.63
N GLU F 20 -9.49 36.01 0.30
CA GLU F 20 -10.58 35.39 1.01
C GLU F 20 -10.54 33.87 0.90
N ASN F 21 -10.17 33.37 -0.27
CA ASN F 21 -10.13 31.93 -0.49
C ASN F 21 -8.81 31.31 -0.03
N HIS F 22 -7.72 32.05 -0.20
CA HIS F 22 -6.39 31.42 -0.01
C HIS F 22 -5.52 32.07 1.04
N GLY F 23 -6.01 33.13 1.67
CA GLY F 23 -5.19 33.88 2.61
C GLY F 23 -5.34 33.45 4.06
N PRO F 24 -4.73 34.22 4.98
CA PRO F 24 -3.93 35.39 4.62
C PRO F 24 -2.57 35.06 4.01
N PHE F 25 -2.13 35.94 3.12
CA PHE F 25 -0.78 35.85 2.58
C PHE F 25 -0.35 37.28 2.34
N GLU F 26 0.95 37.51 2.24
CA GLU F 26 1.48 38.81 1.90
C GLU F 26 1.99 38.79 0.47
N LEU F 27 1.79 39.87 -0.26
CA LEU F 27 2.38 39.98 -1.59
C LEU F 27 3.68 40.76 -1.46
N ILE F 28 4.80 40.13 -1.78
CA ILE F 28 6.09 40.79 -1.66
C ILE F 28 6.72 41.02 -3.03
N ASN F 29 6.99 42.28 -3.32
CA ASN F 29 7.64 42.67 -4.57
C ASN F 29 9.14 42.47 -4.46
N ILE F 30 9.69 41.50 -5.20
CA ILE F 30 11.13 41.27 -5.07
C ILE F 30 11.92 41.95 -6.19
N GLY F 31 11.23 42.77 -6.98
CA GLY F 31 11.88 43.54 -8.03
C GLY F 31 11.93 42.77 -9.33
N PRO F 32 12.77 43.21 -10.27
CA PRO F 32 12.86 42.59 -11.59
C PRO F 32 13.37 41.17 -11.52
N LEU F 33 12.78 40.30 -12.33
CA LEU F 33 13.18 38.90 -12.35
C LEU F 33 13.48 38.51 -13.79
N PRO F 34 14.77 38.51 -14.17
CA PRO F 34 15.13 37.99 -15.49
C PRO F 34 14.86 36.51 -15.52
N LEU F 35 14.11 36.07 -16.52
CA LEU F 35 13.71 34.68 -16.61
C LEU F 35 14.67 33.85 -17.46
N GLU F 36 14.77 32.56 -17.14
CA GLU F 36 15.71 31.69 -17.84
C GLU F 36 15.44 31.65 -19.33
N GLU F 37 14.17 31.73 -19.71
CA GLU F 37 13.83 31.68 -21.13
C GLU F 37 14.09 33.00 -21.84
N GLY F 38 14.39 34.07 -21.10
CA GLY F 38 14.79 35.31 -21.75
C GLY F 38 13.88 36.52 -21.56
N ARG F 39 12.60 36.30 -21.22
CA ARG F 39 11.74 37.45 -20.90
C ARG F 39 12.19 38.05 -19.55
N CYS F 40 11.67 39.22 -19.24
CA CYS F 40 12.02 39.84 -17.96
C CYS F 40 10.71 40.32 -17.33
N MET F 41 10.47 39.92 -16.08
CA MET F 41 9.34 40.47 -15.33
C MET F 41 9.82 41.70 -14.60
N PRO F 42 9.33 42.89 -15.02
CA PRO F 42 9.88 44.11 -14.41
C PRO F 42 9.60 44.17 -12.90
N GLU F 43 8.54 43.53 -12.43
CA GLU F 43 8.26 43.46 -11.00
C GLU F 43 7.62 42.13 -10.72
N CYS F 44 8.33 41.27 -10.03
CA CYS F 44 7.79 39.98 -9.69
C CYS F 44 7.20 40.02 -8.29
N LEU F 45 5.89 39.75 -8.15
CA LEU F 45 5.24 39.69 -6.84
C LEU F 45 5.10 38.26 -6.37
N LEU F 46 5.64 37.94 -5.20
CA LEU F 46 5.46 36.62 -4.62
C LEU F 46 4.41 36.67 -3.53
N ALA F 47 3.42 35.79 -3.61
CA ALA F 47 2.48 35.62 -2.51
C ALA F 47 3.10 34.66 -1.50
N VAL F 48 3.24 35.15 -0.27
CA VAL F 48 3.94 34.40 0.76
C VAL F 48 3.10 34.27 2.02
N ALA F 49 3.03 33.07 2.58
CA ALA F 49 2.41 32.90 3.88
C ALA F 49 3.45 32.42 4.87
N VAL F 50 3.58 33.14 5.98
CA VAL F 50 4.57 32.79 7.00
C VAL F 50 3.88 32.26 8.26
N HIS F 51 4.32 31.09 8.74
CA HIS F 51 3.74 30.51 9.96
C HIS F 51 4.86 30.24 10.95
N GLY F 52 4.84 30.91 12.10
CA GLY F 52 5.90 30.73 13.09
C GLY F 52 6.89 31.87 13.00
N ALA F 53 7.82 31.92 13.95
CA ALA F 53 8.74 33.03 14.03
C ALA F 53 10.17 32.50 13.88
N LEU F 54 11.06 33.31 13.29
CA LEU F 54 12.47 32.95 13.23
C LEU F 54 13.13 32.99 14.61
N ASN F 55 14.05 32.07 14.89
CA ASN F 55 14.78 32.17 16.15
C ASN F 55 15.90 33.20 16.03
N ALA F 56 16.80 33.24 17.01
CA ALA F 56 17.76 34.33 17.15
C ALA F 56 18.77 34.40 16.01
N ASP F 57 19.17 33.25 15.48
CA ASP F 57 20.12 33.25 14.38
C ASP F 57 19.47 32.79 13.08
N LYS F 58 18.13 32.82 13.05
CA LYS F 58 17.37 32.48 11.86
C LYS F 58 17.78 31.12 11.34
N SER F 59 17.91 30.14 12.24
CA SER F 59 18.31 28.80 11.87
C SER F 59 17.15 27.82 11.82
N ASN F 60 15.92 28.30 11.95
CA ASN F 60 14.75 27.40 11.97
C ASN F 60 13.75 27.65 10.85
N ALA F 61 14.23 28.15 9.72
CA ALA F 61 13.39 28.44 8.56
C ALA F 61 13.17 27.19 7.69
N ILE F 62 11.92 26.95 7.35
CA ILE F 62 11.55 25.87 6.44
C ILE F 62 10.88 26.52 5.25
N LEU F 63 11.33 26.16 4.05
CA LEU F 63 10.70 26.64 2.83
C LEU F 63 9.80 25.58 2.24
N VAL F 64 8.56 25.98 1.91
CA VAL F 64 7.54 25.09 1.33
C VAL F 64 7.02 25.67 0.01
N PRO F 65 7.53 25.18 -1.13
CA PRO F 65 6.99 25.57 -2.45
C PRO F 65 5.62 24.96 -2.68
N THR F 66 4.84 25.54 -3.60
CA THR F 66 3.51 24.99 -3.85
C THR F 66 3.52 24.14 -5.13
N TRP F 67 2.47 23.36 -5.33
CA TRP F 67 2.44 22.33 -6.37
C TRP F 67 1.51 22.73 -7.53
N TYR F 68 1.45 21.90 -8.57
CA TYR F 68 0.59 22.22 -9.73
C TYR F 68 -0.86 22.55 -9.36
N SER F 69 -1.39 23.70 -9.81
CA SER F 69 -2.78 24.13 -9.58
C SER F 69 -3.05 24.52 -8.11
N GLY F 70 -2.04 24.42 -7.26
CA GLY F 70 -2.27 24.58 -5.84
C GLY F 70 -1.82 25.95 -5.34
N THR F 71 -2.20 26.28 -4.11
CA THR F 71 -1.71 27.49 -3.45
C THR F 71 -1.16 27.18 -2.07
N SER F 72 -0.65 28.22 -1.41
CA SER F 72 -0.13 28.09 -0.06
C SER F 72 -1.22 27.62 0.90
N LYS F 73 -2.48 27.90 0.59
CA LYS F 73 -3.56 27.48 1.49
C LYS F 73 -3.62 25.96 1.67
N ALA F 74 -3.46 25.22 0.57
CA ALA F 74 -3.45 23.75 0.66
C ALA F 74 -2.33 23.21 1.56
N MET F 75 -1.14 23.81 1.46
CA MET F 75 0.00 23.32 2.21
C MET F 75 -0.26 23.56 3.69
N GLU F 76 -0.87 24.71 4.00
CA GLU F 76 -1.22 25.02 5.38
C GLU F 76 -2.22 24.05 5.93
N GLN F 77 -3.32 23.89 5.20
CA GLN F 77 -4.40 23.04 5.65
C GLN F 77 -3.99 21.56 5.82
N ILE F 78 -3.19 21.03 4.90
CA ILE F 78 -2.91 19.60 4.93
C ILE F 78 -1.69 19.26 5.82
N TYR F 79 -0.69 20.14 5.82
CA TYR F 79 0.60 19.79 6.43
C TYR F 79 1.09 20.55 7.64
N ILE F 80 0.63 21.77 7.84
CA ILE F 80 1.27 22.64 8.84
C ILE F 80 0.43 22.70 10.09
N GLY F 81 1.08 22.53 11.25
CA GLY F 81 0.36 22.72 12.50
C GLY F 81 1.15 22.22 13.71
N GLU F 82 0.74 22.64 14.90
CA GLU F 82 1.39 22.14 16.10
C GLU F 82 1.15 20.66 16.22
N GLY F 83 2.16 19.93 16.68
CA GLY F 83 2.08 18.49 16.73
C GLY F 83 2.23 17.81 15.37
N ARG F 84 2.47 18.59 14.32
CA ARG F 84 2.86 18.01 13.04
C ARG F 84 4.36 18.11 12.95
N ALA F 85 4.97 17.52 11.91
CA ALA F 85 6.41 17.73 11.71
C ALA F 85 6.67 19.19 11.38
N LEU F 86 5.84 19.73 10.48
CA LEU F 86 5.99 21.11 10.09
C LEU F 86 5.27 21.98 11.12
N ASP F 87 5.94 22.19 12.25
CA ASP F 87 5.36 22.71 13.46
C ASP F 87 5.77 24.19 13.61
N PRO F 88 4.81 25.10 13.50
CA PRO F 88 5.16 26.54 13.55
C PRO F 88 5.47 27.07 14.93
N SER F 89 5.30 26.26 15.98
CA SER F 89 5.76 26.67 17.29
C SER F 89 7.25 26.45 17.38
N LYS F 90 7.84 25.73 16.43
CA LYS F 90 9.28 25.46 16.47
C LYS F 90 10.05 26.07 15.29
N TYR F 91 9.39 26.09 14.13
CA TYR F 91 9.99 26.57 12.91
C TYR F 91 9.28 27.81 12.36
N CYS F 92 10.02 28.56 11.57
CA CYS F 92 9.43 29.60 10.73
C CYS F 92 9.16 28.99 9.35
N ILE F 93 7.89 28.70 9.07
CA ILE F 93 7.54 27.97 7.87
C ILE F 93 7.02 28.94 6.83
N ILE F 94 7.78 29.07 5.75
CA ILE F 94 7.53 30.10 4.73
C ILE F 94 7.05 29.43 3.46
N VAL F 95 5.79 29.70 3.12
CA VAL F 95 5.15 28.97 2.03
C VAL F 95 5.05 29.94 0.89
N VAL F 96 5.66 29.59 -0.23
CA VAL F 96 5.76 30.58 -1.31
C VAL F 96 5.04 30.06 -2.53
N ASN F 97 4.09 30.84 -3.04
CA ASN F 97 3.29 30.42 -4.17
C ASN F 97 4.09 30.50 -5.47
N GLN F 98 3.94 29.48 -6.31
CA GLN F 98 4.56 29.48 -7.63
C GLN F 98 4.22 30.69 -8.45
N ILE F 99 5.22 31.19 -9.15
CA ILE F 99 4.97 32.18 -10.21
C ILE F 99 4.05 31.50 -11.20
N GLY F 100 2.95 32.16 -11.55
CA GLY F 100 2.00 31.59 -12.47
C GLY F 100 0.81 30.87 -11.83
N ASN F 101 0.77 30.83 -10.51
CA ASN F 101 -0.31 30.07 -9.86
C ASN F 101 -1.57 30.90 -9.52
N GLY F 102 -1.59 32.17 -9.92
CA GLY F 102 -2.74 33.04 -9.71
C GLY F 102 -2.64 33.95 -8.49
N LEU F 103 -1.80 33.61 -7.51
CA LEU F 103 -1.57 34.47 -6.34
C LEU F 103 -0.26 35.28 -6.49
N SER F 104 0.84 34.59 -6.76
CA SER F 104 2.04 35.28 -7.23
C SER F 104 1.78 35.85 -8.64
N SER F 105 2.72 36.66 -9.13
CA SER F 105 2.60 37.23 -10.49
C SER F 105 2.29 36.10 -11.48
N SER F 106 1.23 36.29 -12.27
CA SER F 106 0.71 35.22 -13.14
C SER F 106 0.08 35.82 -14.38
N ALA F 107 -0.23 34.96 -15.36
CA ALA F 107 -1.03 35.38 -16.53
C ALA F 107 -2.33 36.07 -16.15
N SER F 108 -2.98 35.59 -15.08
CA SER F 108 -4.28 36.13 -14.68
C SER F 108 -4.22 37.46 -13.94
N ASN F 109 -3.04 37.89 -13.46
CA ASN F 109 -3.03 39.13 -12.68
C ASN F 109 -1.95 40.13 -13.07
N THR F 110 -1.31 39.92 -14.21
CA THR F 110 -0.24 40.83 -14.67
C THR F 110 -0.71 41.55 -15.93
N GLY F 111 -0.41 42.84 -16.05
CA GLY F 111 -0.86 43.59 -17.21
C GLY F 111 0.15 43.71 -18.33
N GLY F 112 -0.14 44.57 -19.29
CA GLY F 112 0.78 44.84 -20.37
C GLY F 112 1.08 43.62 -21.21
N SER F 113 2.35 43.46 -21.58
CA SER F 113 2.72 42.39 -22.50
C SER F 113 2.77 41.02 -21.84
N LEU F 114 2.57 40.97 -20.52
CA LEU F 114 2.65 39.69 -19.80
C LEU F 114 1.24 39.19 -19.50
N ALA F 115 0.23 39.89 -19.99
CA ALA F 115 -1.15 39.54 -19.69
C ALA F 115 -1.57 38.29 -20.45
N GLY F 116 -2.28 37.42 -19.75
CA GLY F 116 -2.91 36.25 -20.37
C GLY F 116 -1.96 35.37 -21.13
N PRO F 117 -2.27 35.12 -22.40
CA PRO F 117 -1.38 34.25 -23.18
C PRO F 117 -0.01 34.90 -23.46
N GLY F 118 0.12 36.19 -23.19
CA GLY F 118 1.41 36.85 -23.32
C GLY F 118 2.38 36.53 -22.16
N PHE F 119 1.88 35.87 -21.11
CA PHE F 119 2.72 35.61 -19.93
C PHE F 119 3.94 34.78 -20.34
N ALA F 120 5.09 35.06 -19.73
CA ALA F 120 6.31 34.32 -20.07
C ALA F 120 6.27 32.80 -19.77
N ASN F 121 7.15 32.07 -20.45
CA ASN F 121 7.42 30.69 -20.11
C ASN F 121 8.34 30.66 -18.89
N VAL F 122 7.83 30.22 -17.75
CA VAL F 122 8.58 30.26 -16.49
C VAL F 122 9.09 28.87 -16.19
N ARG F 123 10.36 28.74 -15.82
CA ARG F 123 10.94 27.46 -15.44
C ARG F 123 11.01 27.32 -13.93
N ILE F 124 11.15 26.10 -13.44
CA ILE F 124 11.37 25.82 -12.01
C ILE F 124 12.52 26.69 -11.45
N GLY F 125 13.62 26.80 -12.21
CA GLY F 125 14.76 27.61 -11.80
C GLY F 125 14.40 29.05 -11.47
N ASP F 126 13.39 29.59 -12.18
CA ASP F 126 12.95 30.97 -11.95
C ASP F 126 12.28 31.11 -10.58
N ASP F 127 11.43 30.15 -10.23
CA ASP F 127 10.82 30.12 -8.90
C ASP F 127 11.87 30.05 -7.80
N VAL F 128 12.86 29.17 -8.01
CA VAL F 128 13.89 29.02 -6.98
C VAL F 128 14.78 30.28 -6.86
N SER F 129 15.10 30.88 -8.00
CA SER F 129 15.84 32.12 -7.96
C SER F 129 15.04 33.23 -7.21
N ALA F 130 13.74 33.33 -7.51
CA ALA F 130 12.89 34.33 -6.85
C ALA F 130 12.80 34.06 -5.36
N GLN F 131 12.66 32.78 -5.00
CA GLN F 131 12.60 32.38 -3.59
C GLN F 131 13.88 32.74 -2.85
N HIS F 132 15.01 32.51 -3.51
CA HIS F 132 16.31 32.78 -2.88
C HIS F 132 16.46 34.28 -2.63
N THR F 133 16.06 35.09 -3.61
CA THR F 133 16.04 36.55 -3.43
C THR F 133 15.12 36.94 -2.27
N LEU F 134 13.91 36.38 -2.22
CA LEU F 134 12.99 36.68 -1.13
C LEU F 134 13.60 36.37 0.24
N LEU F 135 14.17 35.18 0.36
CA LEU F 135 14.69 34.73 1.64
C LEU F 135 15.86 35.62 2.09
N THR F 136 16.81 35.86 1.20
CA THR F 136 18.01 36.59 1.60
C THR F 136 17.75 38.09 1.72
N GLU F 137 17.03 38.66 0.78
CA GLU F 137 16.90 40.12 0.76
C GLU F 137 15.73 40.61 1.62
N TYR F 138 14.65 39.85 1.68
CA TYR F 138 13.49 40.34 2.42
C TYR F 138 13.52 39.83 3.86
N PHE F 139 13.83 38.55 4.06
CA PHE F 139 13.85 38.02 5.42
C PHE F 139 15.20 38.02 6.11
N GLY F 140 16.29 38.18 5.34
CA GLY F 140 17.63 38.12 5.90
C GLY F 140 18.01 36.71 6.33
N ILE F 141 17.35 35.70 5.74
CA ILE F 141 17.66 34.31 6.02
C ILE F 141 18.84 33.85 5.15
N GLU F 142 19.84 33.18 5.73
CA GLU F 142 21.02 32.80 4.97
C GLU F 142 21.22 31.27 4.84
N SER F 143 20.27 30.50 5.37
CA SER F 143 20.21 29.07 5.12
C SER F 143 18.85 28.56 5.52
N LEU F 144 18.53 27.35 5.07
CA LEU F 144 17.23 26.72 5.35
C LEU F 144 17.40 25.42 6.12
N ALA F 145 16.67 25.29 7.23
CA ALA F 145 16.66 24.05 7.98
C ALA F 145 16.10 22.91 7.14
N LEU F 146 15.14 23.23 6.25
CA LEU F 146 14.48 22.23 5.42
C LEU F 146 13.86 22.92 4.23
N VAL F 147 13.92 22.27 3.07
CA VAL F 147 13.03 22.61 1.97
C VAL F 147 12.22 21.37 1.68
N VAL F 148 10.90 21.52 1.61
CA VAL F 148 10.04 20.34 1.45
C VAL F 148 8.86 20.73 0.58
N GLY F 149 8.56 19.89 -0.39
CA GLY F 149 7.45 20.16 -1.30
C GLY F 149 7.01 18.86 -1.91
N GLY F 150 5.81 18.86 -2.50
CA GLY F 150 5.28 17.67 -3.16
C GLY F 150 5.09 17.95 -4.65
N SER F 151 5.42 16.95 -5.49
CA SER F 151 5.24 17.02 -6.96
C SER F 151 5.94 18.22 -7.57
N MET F 152 5.24 19.22 -8.14
CA MET F 152 6.01 20.41 -8.59
C MET F 152 6.77 21.03 -7.43
N GLY F 153 6.24 20.88 -6.21
CA GLY F 153 6.99 21.38 -5.06
C GLY F 153 8.27 20.59 -4.80
N ALA F 154 8.27 19.31 -5.15
CA ALA F 154 9.49 18.47 -5.06
C ALA F 154 10.46 18.86 -6.18
N GLN F 155 9.93 19.24 -7.34
CA GLN F 155 10.83 19.70 -8.42
C GLN F 155 11.59 20.93 -7.94
N GLN F 156 10.87 21.85 -7.27
CA GLN F 156 11.51 23.05 -6.74
C GLN F 156 12.48 22.70 -5.63
N THR F 157 12.11 21.71 -4.82
CA THR F 157 13.02 21.24 -3.76
C THR F 157 14.35 20.73 -4.32
N TYR F 158 14.30 19.90 -5.36
CA TYR F 158 15.50 19.39 -5.99
C TYR F 158 16.32 20.53 -6.57
N GLU F 159 15.64 21.47 -7.23
CA GLU F 159 16.36 22.59 -7.84
C GLU F 159 17.07 23.41 -6.75
N TRP F 160 16.41 23.65 -5.62
CA TRP F 160 17.05 24.31 -4.48
C TRP F 160 18.32 23.60 -4.06
N ALA F 161 18.20 22.28 -3.87
CA ALA F 161 19.32 21.52 -3.30
C ALA F 161 20.53 21.49 -4.23
N VAL F 162 20.28 21.57 -5.54
CA VAL F 162 21.35 21.56 -6.53
C VAL F 162 21.90 22.97 -6.80
N ARG F 163 20.99 23.93 -6.88
CA ARG F 163 21.35 25.33 -7.26
C ARG F 163 22.10 26.05 -6.14
N TYR F 164 21.67 25.84 -4.91
CA TYR F 164 22.33 26.43 -3.73
C TYR F 164 22.72 25.36 -2.72
N PRO F 165 23.79 24.59 -3.01
CA PRO F 165 24.05 23.38 -2.22
C PRO F 165 24.25 23.67 -0.73
N ASP F 166 25.00 24.71 -0.38
CA ASP F 166 25.28 24.95 1.04
C ASP F 166 24.11 25.59 1.79
N PHE F 167 23.20 26.21 1.04
CA PHE F 167 22.08 26.95 1.63
C PHE F 167 21.04 25.99 2.21
N VAL F 168 20.88 24.85 1.57
CA VAL F 168 19.84 23.89 1.93
C VAL F 168 20.41 22.84 2.89
N LYS F 169 19.99 22.85 4.16
CA LYS F 169 20.58 21.89 5.12
C LYS F 169 19.91 20.51 5.00
N ARG F 170 18.63 20.51 4.66
CA ARG F 170 17.85 19.27 4.49
C ARG F 170 16.86 19.46 3.39
N ALA F 171 16.49 18.37 2.71
CA ALA F 171 15.52 18.44 1.62
C ALA F 171 14.62 17.22 1.65
N ALA F 172 13.34 17.45 1.51
CA ALA F 172 12.40 16.33 1.39
C ALA F 172 11.61 16.46 0.13
N ALA F 173 11.86 15.54 -0.80
CA ALA F 173 11.20 15.57 -2.09
C ALA F 173 10.13 14.51 -2.15
N ILE F 174 8.89 14.96 -2.01
CA ILE F 174 7.72 14.09 -1.94
C ILE F 174 7.05 13.97 -3.30
N ALA F 175 6.91 12.74 -3.79
CA ALA F 175 6.16 12.47 -5.01
C ALA F 175 6.56 13.38 -6.18
N GLY F 176 7.86 13.45 -6.45
CA GLY F 176 8.33 14.20 -7.62
C GLY F 176 9.76 13.79 -7.94
N THR F 177 10.22 14.15 -9.15
CA THR F 177 11.56 13.78 -9.60
C THR F 177 12.40 15.02 -9.85
N ALA F 178 13.69 14.79 -9.95
CA ALA F 178 14.69 15.84 -10.21
C ALA F 178 14.81 16.12 -11.72
N ARG F 179 14.52 15.09 -12.50
CA ARG F 179 14.52 15.23 -13.93
C ARG F 179 13.29 14.56 -14.50
N ASN F 180 12.50 15.33 -15.25
CA ASN F 180 11.19 14.85 -15.66
C ASN F 180 11.33 13.78 -16.74
N SER F 181 10.57 12.70 -16.62
CA SER F 181 10.57 11.59 -17.59
C SER F 181 9.80 11.98 -18.85
N GLU F 182 10.06 11.28 -19.95
CA GLU F 182 9.30 11.48 -21.19
C GLU F 182 7.84 11.04 -21.04
N HIS F 183 7.64 10.00 -20.25
CA HIS F 183 6.27 9.53 -19.95
C HIS F 183 5.48 10.61 -19.23
N ASP F 184 6.07 11.26 -18.24
CA ASP F 184 5.39 12.34 -17.53
C ASP F 184 5.16 13.56 -18.45
N PHE F 185 6.15 13.85 -19.29
CA PHE F 185 6.03 14.95 -20.25
C PHE F 185 4.79 14.69 -21.10
N LEU F 186 4.63 13.44 -21.52
CA LEU F 186 3.49 13.08 -22.37
C LEU F 186 2.17 13.22 -21.63
N PHE F 187 2.13 12.72 -20.39
CA PHE F 187 0.93 12.93 -19.57
C PHE F 187 0.54 14.42 -19.51
N THR F 188 1.51 15.28 -19.25
CA THR F 188 1.18 16.69 -19.12
C THR F 188 0.82 17.30 -20.49
N GLU F 189 1.43 16.80 -21.56
CA GLU F 189 1.04 17.27 -22.89
C GLU F 189 -0.44 16.97 -23.15
N ILE F 190 -0.89 15.81 -22.69
CA ILE F 190 -2.27 15.42 -22.96
C ILE F 190 -3.21 16.27 -22.09
N LEU F 191 -2.74 16.56 -20.88
CA LEU F 191 -3.45 17.47 -19.98
C LEU F 191 -3.60 18.87 -20.57
N ILE F 192 -2.54 19.35 -21.19
CA ILE F 192 -2.57 20.66 -21.82
C ILE F 192 -3.53 20.65 -22.98
N GLU F 193 -3.48 19.60 -23.81
CA GLU F 193 -4.34 19.52 -25.00
C GLU F 193 -5.82 19.38 -24.62
N ALA F 194 -6.13 18.83 -23.46
CA ALA F 194 -7.52 18.78 -22.97
C ALA F 194 -8.11 20.19 -22.92
N ILE F 195 -7.29 21.13 -22.46
CA ILE F 195 -7.70 22.52 -22.37
C ILE F 195 -7.61 23.21 -23.74
N THR F 196 -6.47 23.09 -24.43
CA THR F 196 -6.29 23.89 -25.63
C THR F 196 -7.10 23.39 -26.83
N THR F 197 -7.68 22.20 -26.76
CA THR F 197 -8.48 21.73 -27.89
C THR F 197 -9.94 22.17 -27.76
N ASP F 198 -10.30 22.72 -26.60
CA ASP F 198 -11.60 23.37 -26.44
C ASP F 198 -11.53 24.72 -27.21
N PRO F 199 -12.29 24.88 -28.28
CA PRO F 199 -12.20 26.18 -29.00
C PRO F 199 -12.48 27.42 -28.15
N ALA F 200 -13.22 27.25 -27.06
CA ALA F 200 -13.55 28.37 -26.19
C ALA F 200 -12.31 28.90 -25.47
N PHE F 201 -11.22 28.12 -25.46
CA PHE F 201 -9.93 28.60 -24.96
C PHE F 201 -9.47 29.85 -25.71
N GLN F 202 -9.79 29.91 -27.00
CA GLN F 202 -9.57 31.10 -27.81
C GLN F 202 -8.13 31.59 -27.73
N ALA F 203 -7.21 30.65 -27.80
CA ALA F 203 -5.78 30.93 -27.76
C ALA F 203 -5.42 31.75 -26.52
N GLY F 204 -6.13 31.52 -25.43
CA GLY F 204 -5.81 32.19 -24.17
C GLY F 204 -6.57 33.49 -24.00
N LEU F 205 -7.42 33.82 -24.97
CA LEU F 205 -8.10 35.12 -24.96
C LEU F 205 -9.57 34.99 -24.55
N TYR F 206 -9.91 33.87 -23.91
CA TYR F 206 -11.25 33.68 -23.34
C TYR F 206 -11.61 34.86 -22.42
N ARG F 207 -12.88 35.26 -22.39
CA ARG F 207 -13.26 36.42 -21.60
C ARG F 207 -13.44 36.07 -20.14
N SER F 208 -13.76 34.81 -19.91
CA SER F 208 -14.01 34.31 -18.59
C SER F 208 -13.50 32.90 -18.53
N SER F 209 -12.89 32.52 -17.41
CA SER F 209 -12.26 31.21 -17.37
C SER F 209 -13.33 30.09 -17.47
N SER F 210 -14.55 30.38 -17.01
CA SER F 210 -15.63 29.39 -17.09
C SER F 210 -16.17 29.17 -18.53
N ALA F 211 -15.77 30.01 -19.49
CA ALA F 211 -16.07 29.77 -20.91
C ALA F 211 -15.40 28.48 -21.37
N VAL F 212 -14.31 28.12 -20.69
CA VAL F 212 -13.49 26.96 -21.03
C VAL F 212 -13.88 25.76 -20.11
N ALA F 213 -15.14 25.72 -19.69
CA ALA F 213 -15.57 24.66 -18.78
C ALA F 213 -15.36 23.26 -19.38
N ALA F 214 -15.59 23.10 -20.68
CA ALA F 214 -15.43 21.75 -21.27
C ALA F 214 -13.97 21.30 -21.19
N GLY F 215 -13.04 22.17 -21.58
CA GLY F 215 -11.61 21.87 -21.45
C GLY F 215 -11.22 21.54 -20.04
N LEU F 216 -11.72 22.34 -19.09
CA LEU F 216 -11.34 22.08 -17.69
C LEU F 216 -11.93 20.74 -17.20
N GLU F 217 -13.15 20.41 -17.64
CA GLU F 217 -13.72 19.12 -17.24
C GLU F 217 -12.92 17.96 -17.82
N ARG F 218 -12.49 18.09 -19.07
CA ARG F 218 -11.66 17.03 -19.68
C ARG F 218 -10.35 16.84 -18.92
N HIS F 219 -9.76 17.97 -18.53
CA HIS F 219 -8.52 18.03 -17.74
C HIS F 219 -8.73 17.28 -16.41
N ALA F 220 -9.87 17.53 -15.78
CA ALA F 220 -10.22 16.88 -14.52
C ALA F 220 -10.39 15.36 -14.67
N LYS F 221 -11.01 14.93 -15.77
CA LYS F 221 -11.17 13.50 -16.01
C LYS F 221 -9.84 12.80 -16.16
N LEU F 222 -8.92 13.45 -16.85
CA LEU F 222 -7.57 12.90 -17.00
C LEU F 222 -6.85 12.81 -15.67
N TRP F 223 -7.02 13.83 -14.85
CA TRP F 223 -6.45 13.78 -13.50
C TRP F 223 -7.05 12.66 -12.68
N THR F 224 -8.31 12.33 -12.95
CA THR F 224 -8.96 11.23 -12.24
C THR F 224 -8.32 9.90 -12.67
N LEU F 225 -8.02 9.78 -13.96
CA LEU F 225 -7.43 8.56 -14.51
C LEU F 225 -6.02 8.30 -13.97
N MET F 226 -5.23 9.37 -13.88
CA MET F 226 -3.79 9.22 -13.60
C MET F 226 -3.40 9.63 -12.18
N GLY F 227 -4.29 10.34 -11.50
CA GLY F 227 -3.99 10.99 -10.23
C GLY F 227 -4.16 10.14 -8.96
N TRP F 228 -4.87 9.02 -9.06
CA TRP F 228 -5.08 8.19 -7.90
C TRP F 228 -4.37 6.86 -8.16
N SER F 229 -5.12 5.75 -8.14
CA SER F 229 -4.58 4.47 -8.66
C SER F 229 -5.75 3.55 -8.99
N PRO F 230 -5.51 2.49 -9.77
CA PRO F 230 -6.57 1.46 -9.92
C PRO F 230 -7.05 0.88 -8.57
N GLU F 231 -6.12 0.65 -7.65
CA GLU F 231 -6.48 0.09 -6.35
C GLU F 231 -7.34 1.03 -5.53
N PHE F 232 -7.08 2.33 -5.63
CA PHE F 232 -7.91 3.36 -4.97
C PHE F 232 -9.38 3.12 -5.29
N PHE F 233 -9.67 2.90 -6.58
CA PHE F 233 -11.06 2.73 -6.98
C PHE F 233 -11.54 1.32 -6.76
N ARG F 234 -10.67 0.33 -7.01
CA ARG F 234 -11.11 -1.08 -6.82
C ARG F 234 -11.57 -1.32 -5.40
N THR F 235 -10.87 -0.70 -4.44
CA THR F 235 -11.17 -0.94 -3.02
C THR F 235 -12.19 0.05 -2.46
N GLY F 236 -12.70 0.94 -3.31
CA GLY F 236 -13.78 1.83 -2.92
C GLY F 236 -13.34 3.03 -2.07
N ARG F 237 -12.10 3.49 -2.25
CA ARG F 237 -11.64 4.65 -1.48
C ARG F 237 -12.53 5.87 -1.76
N HIS F 238 -13.02 5.98 -2.99
CA HIS F 238 -13.87 7.15 -3.29
C HIS F 238 -15.14 7.09 -2.44
N LYS F 239 -15.65 5.88 -2.19
CA LYS F 239 -16.80 5.71 -1.34
C LYS F 239 -16.43 5.97 0.12
N ALA F 240 -15.24 5.53 0.53
CA ALA F 240 -14.76 5.84 1.89
C ALA F 240 -14.68 7.36 2.12
N LEU F 241 -14.43 8.11 1.05
CA LEU F 241 -14.31 9.58 1.14
C LEU F 241 -15.67 10.27 1.06
N GLY F 242 -16.74 9.47 0.89
CA GLY F 242 -18.09 9.99 0.90
C GLY F 242 -18.78 10.16 -0.45
N PHE F 243 -18.19 9.61 -1.52
CA PHE F 243 -18.79 9.69 -2.85
C PHE F 243 -19.36 8.34 -3.29
N GLU F 244 -20.63 8.32 -3.67
CA GLU F 244 -21.37 7.06 -3.89
C GLU F 244 -20.90 6.24 -5.08
N SER F 245 -20.27 6.90 -6.04
CA SER F 245 -19.93 6.26 -7.31
C SER F 245 -18.78 6.99 -7.95
N MET F 246 -18.15 6.37 -8.96
CA MET F 246 -17.16 7.05 -9.78
C MET F 246 -17.74 8.35 -10.32
N GLN F 247 -18.97 8.30 -10.83
CA GLN F 247 -19.53 9.51 -11.44
C GLN F 247 -19.61 10.67 -10.43
N MET F 248 -20.08 10.37 -9.23
CA MET F 248 -20.21 11.38 -8.18
C MET F 248 -18.85 11.89 -7.75
N PHE F 249 -17.85 11.01 -7.75
CA PHE F 249 -16.51 11.41 -7.41
C PHE F 249 -15.92 12.34 -8.48
N VAL F 250 -16.08 11.95 -9.73
CA VAL F 250 -15.58 12.76 -10.84
C VAL F 250 -16.23 14.15 -10.84
N ASP F 251 -17.55 14.17 -10.74
CA ASP F 251 -18.28 15.43 -10.78
C ASP F 251 -18.12 16.27 -9.49
N GLY F 252 -18.24 15.61 -8.35
CA GLY F 252 -18.31 16.32 -7.07
C GLY F 252 -16.97 16.65 -6.43
N PHE F 253 -15.91 15.95 -6.84
CA PHE F 253 -14.56 16.18 -6.30
C PHE F 253 -13.69 16.73 -7.43
N MET F 254 -13.50 15.95 -8.48
CA MET F 254 -12.46 16.28 -9.44
C MET F 254 -12.87 17.45 -10.37
N LYS F 255 -14.06 17.41 -10.98
CA LYS F 255 -14.46 18.55 -11.83
C LYS F 255 -14.59 19.83 -11.03
N ARG F 256 -15.16 19.70 -9.84
CA ARG F 256 -15.37 20.82 -8.91
C ARG F 256 -14.06 21.53 -8.57
N TYR F 257 -13.01 20.71 -8.42
CA TYR F 257 -11.70 21.24 -8.03
C TYR F 257 -11.13 22.17 -9.12
N PHE F 258 -11.19 21.75 -10.39
CA PHE F 258 -10.62 22.52 -11.50
C PHE F 258 -11.52 23.59 -12.07
N ALA F 259 -12.82 23.45 -11.86
CA ALA F 259 -13.79 24.34 -12.50
C ALA F 259 -13.56 25.87 -12.34
N PRO F 260 -13.13 26.34 -11.16
CA PRO F 260 -13.00 27.80 -11.05
C PRO F 260 -11.60 28.32 -11.39
N MET F 261 -10.71 27.40 -11.79
CA MET F 261 -9.34 27.79 -12.08
C MET F 261 -9.14 28.40 -13.45
N ASP F 262 -8.03 29.11 -13.60
CA ASP F 262 -7.76 29.86 -14.84
C ASP F 262 -6.92 29.03 -15.80
N PRO F 263 -7.42 28.79 -17.02
CA PRO F 263 -6.67 27.95 -17.97
C PRO F 263 -5.24 28.47 -18.28
N ASN F 264 -5.05 29.76 -18.49
CA ASN F 264 -3.69 30.24 -18.75
C ASN F 264 -2.74 29.92 -17.58
N ASN F 265 -3.19 30.15 -16.34
CA ASN F 265 -2.34 29.78 -15.21
C ASN F 265 -2.00 28.29 -15.18
N LEU F 266 -3.02 27.44 -15.40
CA LEU F 266 -2.74 26.00 -15.45
C LEU F 266 -1.69 25.68 -16.52
N LEU F 267 -1.81 26.30 -17.70
CA LEU F 267 -0.84 26.08 -18.77
C LEU F 267 0.55 26.57 -18.40
N THR F 268 0.65 27.71 -17.70
CA THR F 268 1.96 28.17 -17.19
C THR F 268 2.59 27.13 -16.29
N MET F 269 1.82 26.65 -15.31
CA MET F 269 2.38 25.65 -14.41
C MET F 269 2.68 24.35 -15.14
N ALA F 270 1.85 23.98 -16.12
CA ALA F 270 2.07 22.69 -16.79
C ALA F 270 3.35 22.70 -17.63
N TRP F 271 3.58 23.82 -18.31
CA TRP F 271 4.78 24.00 -19.14
C TRP F 271 6.03 23.87 -18.26
N LYS F 272 5.95 24.51 -17.10
CA LYS F 272 7.03 24.49 -16.12
C LYS F 272 7.31 23.07 -15.60
N TRP F 273 6.26 22.38 -15.18
CA TRP F 273 6.35 20.98 -14.73
C TRP F 273 7.00 20.07 -15.78
N GLN F 274 6.57 20.20 -17.03
CA GLN F 274 7.10 19.37 -18.11
C GLN F 274 8.63 19.42 -18.19
N ARG F 275 9.17 20.59 -17.83
CA ARG F 275 10.58 20.88 -18.08
C ARG F 275 11.45 20.92 -16.82
N GLY F 276 10.90 20.50 -15.69
CA GLY F 276 11.73 20.37 -14.51
C GLY F 276 12.92 19.45 -14.76
N ASP F 277 14.13 19.94 -14.56
CA ASP F 277 15.35 19.19 -14.91
C ASP F 277 16.60 19.83 -14.31
N VAL F 278 17.04 19.32 -13.15
CA VAL F 278 18.23 19.86 -12.51
C VAL F 278 19.50 19.54 -13.29
N SER F 279 19.44 18.60 -14.22
CA SER F 279 20.66 18.25 -14.99
C SER F 279 21.01 19.36 -15.98
N ARG F 280 20.11 20.32 -16.12
CA ARG F 280 20.48 21.48 -16.96
C ARG F 280 21.67 22.22 -16.36
N HIS F 281 21.90 22.04 -15.06
CA HIS F 281 23.05 22.64 -14.42
C HIS F 281 24.38 22.01 -14.84
N THR F 282 24.30 20.78 -15.34
CA THR F 282 25.51 20.01 -15.58
C THR F 282 25.52 19.41 -16.98
N GLY F 283 25.02 20.18 -17.94
CA GLY F 283 25.03 19.75 -19.33
C GLY F 283 24.26 18.48 -19.62
N GLY F 284 23.21 18.21 -18.84
CA GLY F 284 22.41 17.00 -19.02
C GLY F 284 22.89 15.77 -18.26
N ASP F 285 23.95 15.91 -17.46
CA ASP F 285 24.49 14.81 -16.65
C ASP F 285 23.83 14.81 -15.27
N LEU F 286 22.82 13.96 -15.10
CA LEU F 286 22.02 14.00 -13.88
C LEU F 286 22.81 13.58 -12.65
N ALA F 287 23.68 12.59 -12.82
CA ALA F 287 24.45 12.10 -11.69
C ALA F 287 25.36 13.19 -11.17
N LYS F 288 25.92 13.96 -12.09
CA LYS F 288 26.80 15.05 -11.68
C LYS F 288 25.99 16.14 -10.96
N ALA F 289 24.75 16.39 -11.39
CA ALA F 289 23.93 17.44 -10.78
C ALA F 289 23.49 17.03 -9.37
N LEU F 290 22.97 15.82 -9.25
CA LEU F 290 22.54 15.31 -7.95
C LEU F 290 23.73 15.10 -7.04
N GLY F 291 24.91 14.87 -7.64
CA GLY F 291 26.14 14.74 -6.87
C GLY F 291 26.58 16.04 -6.21
N ARG F 292 26.04 17.17 -6.66
CA ARG F 292 26.30 18.46 -6.00
C ARG F 292 25.55 18.65 -4.69
N ILE F 293 24.50 17.89 -4.49
CA ILE F 293 23.66 18.08 -3.30
C ILE F 293 24.43 17.80 -1.99
N LYS F 294 24.35 18.73 -1.04
CA LYS F 294 24.99 18.59 0.26
C LYS F 294 23.91 18.40 1.34
N ALA F 295 22.66 18.80 1.04
CA ALA F 295 21.56 18.63 1.97
C ALA F 295 21.33 17.18 2.36
N LYS F 296 21.02 16.92 3.63
CA LYS F 296 20.50 15.60 3.99
C LYS F 296 19.14 15.45 3.31
N THR F 297 19.02 14.49 2.39
CA THR F 297 17.86 14.41 1.52
C THR F 297 17.04 13.13 1.71
N TYR F 298 15.73 13.30 1.94
CA TYR F 298 14.83 12.14 1.88
C TYR F 298 14.03 12.16 0.57
N VAL F 299 14.06 11.03 -0.14
CA VAL F 299 13.33 10.89 -1.41
C VAL F 299 12.10 10.08 -1.10
N MET F 300 10.92 10.66 -1.32
CA MET F 300 9.68 10.09 -0.78
C MET F 300 8.56 10.00 -1.81
N PRO F 301 8.72 9.08 -2.77
CA PRO F 301 7.59 8.85 -3.68
C PRO F 301 6.40 8.23 -2.94
N ILE F 302 5.22 8.29 -3.57
CA ILE F 302 4.06 7.60 -3.04
C ILE F 302 3.95 6.27 -3.78
N SER F 303 3.76 5.18 -3.03
CA SER F 303 3.81 3.82 -3.57
C SER F 303 3.00 3.68 -4.86
N HIS F 304 1.78 4.23 -4.90
CA HIS F 304 0.90 3.92 -6.04
C HIS F 304 0.77 5.11 -7.00
N ASP F 305 1.68 6.07 -6.88
CA ASP F 305 1.75 7.18 -7.86
C ASP F 305 1.97 6.63 -9.26
N GLN F 306 1.06 6.98 -10.19
CA GLN F 306 1.11 6.42 -11.54
C GLN F 306 2.11 7.14 -12.46
N PHE F 307 2.60 8.32 -12.08
CA PHE F 307 3.47 9.03 -13.03
C PHE F 307 4.78 9.56 -12.42
N PHE F 308 4.83 9.81 -11.12
CA PHE F 308 6.14 9.97 -10.44
C PHE F 308 6.41 8.65 -9.71
N THR F 309 6.98 7.68 -10.40
CA THR F 309 6.91 6.32 -9.86
C THR F 309 8.00 6.03 -8.82
N VAL F 310 7.80 4.99 -8.04
CA VAL F 310 8.78 4.65 -7.01
C VAL F 310 10.12 4.29 -7.67
N ASP F 311 10.08 3.63 -8.82
CA ASP F 311 11.32 3.29 -9.51
C ASP F 311 12.03 4.52 -10.12
N ASP F 312 11.28 5.48 -10.67
CA ASP F 312 11.89 6.76 -11.11
C ASP F 312 12.64 7.39 -9.95
N CYS F 313 11.96 7.47 -8.80
CA CYS F 313 12.54 8.18 -7.68
C CYS F 313 13.70 7.44 -7.03
N LEU F 314 13.59 6.11 -6.94
CA LEU F 314 14.69 5.32 -6.39
C LEU F 314 15.94 5.51 -7.25
N SER F 315 15.75 5.49 -8.56
CA SER F 315 16.84 5.67 -9.49
C SER F 315 17.60 6.97 -9.19
N GLU F 316 16.85 8.03 -8.87
CA GLU F 316 17.48 9.32 -8.55
C GLU F 316 18.11 9.37 -7.15
N GLN F 317 17.44 8.77 -6.16
CA GLN F 317 17.99 8.73 -4.79
C GLN F 317 19.35 8.06 -4.74
N LYS F 318 19.56 7.04 -5.56
CA LYS F 318 20.86 6.36 -5.54
C LYS F 318 21.98 7.28 -5.99
N MET F 319 21.64 8.41 -6.62
CA MET F 319 22.67 9.34 -7.11
C MET F 319 22.91 10.49 -6.18
N ILE F 320 22.13 10.59 -5.10
CA ILE F 320 22.27 11.70 -4.15
C ILE F 320 23.08 11.27 -2.91
N PRO F 321 24.25 11.87 -2.69
CA PRO F 321 25.11 11.39 -1.59
C PRO F 321 24.45 11.56 -0.20
N ASN F 322 24.51 10.55 0.68
CA ASN F 322 23.97 10.68 2.05
C ASN F 322 22.44 10.64 2.16
N SER F 323 21.73 10.50 1.05
CA SER F 323 20.27 10.53 1.05
C SER F 323 19.64 9.23 1.54
N GLU F 324 18.32 9.24 1.73
CA GLU F 324 17.61 8.02 2.12
C GLU F 324 16.36 7.90 1.30
N PHE F 325 15.97 6.66 1.01
CA PHE F 325 14.75 6.37 0.24
C PHE F 325 13.67 6.01 1.23
N ARG F 326 12.65 6.87 1.34
CA ARG F 326 11.59 6.77 2.36
C ARG F 326 10.22 6.90 1.68
N PRO F 327 9.82 5.88 0.93
CA PRO F 327 8.54 5.98 0.24
C PRO F 327 7.34 5.99 1.20
N LEU F 328 6.26 6.64 0.77
CA LEU F 328 5.03 6.71 1.53
C LEU F 328 4.15 5.60 0.97
N ARG F 329 3.56 4.78 1.84
CA ARG F 329 2.66 3.75 1.36
C ARG F 329 1.22 4.28 1.33
N SER F 330 0.67 4.43 0.13
CA SER F 330 -0.73 4.82 0.03
C SER F 330 -1.29 4.41 -1.31
N ILE F 331 -2.39 3.65 -1.32
CA ILE F 331 -3.05 3.39 -2.60
C ILE F 331 -3.73 4.63 -3.17
N ASP F 332 -3.76 5.74 -2.44
CA ASP F 332 -4.38 6.95 -3.01
C ASP F 332 -3.48 7.53 -4.10
N GLY F 333 -2.25 7.04 -4.19
CA GLY F 333 -1.41 7.48 -5.31
C GLY F 333 -1.08 8.96 -5.25
N HIS F 334 -0.84 9.57 -6.41
CA HIS F 334 -0.33 10.94 -6.44
C HIS F 334 -1.17 11.95 -5.65
N LEU F 335 -2.49 11.90 -5.82
CA LEU F 335 -3.35 12.89 -5.17
C LEU F 335 -3.61 12.56 -3.71
N GLY F 336 -2.95 11.51 -3.20
CA GLY F 336 -2.74 11.40 -1.76
C GLY F 336 -2.10 12.67 -1.17
N LEU F 337 -1.39 13.43 -1.99
CA LEU F 337 -0.88 14.75 -1.55
C LEU F 337 -1.98 15.69 -1.03
N PHE F 338 -3.20 15.49 -1.51
CA PHE F 338 -4.36 16.29 -1.08
C PHE F 338 -4.84 15.98 0.36
N GLY F 339 -4.24 15.00 1.02
CA GLY F 339 -4.49 14.76 2.43
C GLY F 339 -5.67 13.81 2.62
N THR F 340 -6.00 13.04 1.60
CA THR F 340 -7.14 12.12 1.68
C THR F 340 -6.87 10.89 2.54
N ASP F 341 -5.59 10.64 2.78
CA ASP F 341 -5.16 9.42 3.48
C ASP F 341 -4.44 9.77 4.78
N ALA F 342 -5.13 9.72 5.91
CA ALA F 342 -4.50 10.20 7.15
C ALA F 342 -3.31 9.34 7.57
N GLN F 343 -3.39 8.03 7.29
CA GLN F 343 -2.26 7.13 7.56
C GLN F 343 -1.01 7.53 6.81
N MET F 344 -1.20 8.02 5.58
CA MET F 344 -0.08 8.44 4.77
C MET F 344 0.52 9.71 5.35
N LEU F 345 -0.34 10.63 5.76
CA LEU F 345 0.14 11.82 6.47
C LEU F 345 0.92 11.48 7.74
N ASP F 346 0.45 10.50 8.52
CA ASP F 346 1.18 10.05 9.71
C ASP F 346 2.58 9.54 9.38
N GLN F 347 2.71 8.69 8.36
CA GLN F 347 4.01 8.25 7.88
C GLN F 347 4.93 9.42 7.56
N LEU F 348 4.40 10.36 6.81
CA LEU F 348 5.14 11.53 6.40
C LEU F 348 5.65 12.32 7.59
N ASP F 349 4.79 12.57 8.58
CA ASP F 349 5.20 13.30 9.79
C ASP F 349 6.35 12.56 10.48
N ALA F 350 6.26 11.23 10.58
CA ALA F 350 7.33 10.47 11.21
C ALA F 350 8.66 10.66 10.46
N HIS F 351 8.64 10.54 9.13
CA HIS F 351 9.88 10.68 8.35
C HIS F 351 10.40 12.11 8.44
N LEU F 352 9.50 13.09 8.33
CA LEU F 352 9.97 14.49 8.40
C LEU F 352 10.54 14.82 9.76
N ALA F 353 9.89 14.33 10.83
CA ALA F 353 10.40 14.59 12.16
C ALA F 353 11.79 13.96 12.30
N GLU F 354 12.00 12.79 11.72
CA GLU F 354 13.32 12.16 11.79
C GLU F 354 14.38 12.95 10.98
N LEU F 355 13.96 13.46 9.82
CA LEU F 355 14.85 14.28 9.00
C LEU F 355 15.24 15.57 9.75
N LEU F 356 14.26 16.23 10.38
CA LEU F 356 14.53 17.46 11.11
C LEU F 356 15.37 17.21 12.37
N SER F 357 15.44 15.95 12.80
CA SER F 357 16.32 15.51 13.89
C SER F 357 17.76 15.21 13.48
N SER F 358 18.02 15.18 12.18
CA SER F 358 19.38 14.96 11.67
C SER F 358 20.29 16.03 12.26
N PRO F 359 21.47 15.67 12.82
CA PRO F 359 22.27 16.70 13.51
C PRO F 359 22.81 17.76 12.57
N ALA F 360 22.83 18.99 13.06
CA ALA F 360 23.37 20.13 12.34
C ALA F 360 24.87 19.99 12.18
N TYR F 361 25.36 20.11 10.94
CA TYR F 361 26.80 20.17 10.70
C TYR F 361 27.27 21.60 10.45
C1 EDO G . -44.33 -17.21 27.66
O1 EDO G . -45.74 -16.94 27.59
C2 EDO G . -43.95 -18.22 26.57
O2 EDO G . -44.60 -17.85 25.34
C1 EDO H . -33.42 14.75 3.50
O1 EDO H . -33.62 14.45 2.10
C2 EDO H . -33.30 16.25 3.70
O2 EDO H . -33.58 16.57 5.08
C1 EDO I . -57.60 -2.12 -0.07
O1 EDO I . -57.07 -2.26 -1.40
C2 EDO I . -58.59 -3.21 0.33
O2 EDO I . -57.95 -4.42 0.74
C1 EDO J . -19.86 -10.07 32.20
O1 EDO J . -20.64 -8.86 32.20
C2 EDO J . -20.68 -11.21 31.63
O2 EDO J . -20.38 -11.33 30.24
C1 EDO K . -26.77 -1.61 10.04
O1 EDO K . -26.58 -0.23 10.43
C2 EDO K . -27.14 -1.72 8.55
O2 EDO K . -28.03 -0.68 8.06
C1 EDO L . -29.70 -14.40 23.35
O1 EDO L . -29.52 -12.99 23.07
C2 EDO L . -28.82 -15.33 22.50
O2 EDO L . -28.29 -14.77 21.29
C1 EDO M . -31.81 6.53 7.38
O1 EDO M . -30.91 5.55 7.86
C2 EDO M . -31.73 6.57 5.86
O2 EDO M . -31.82 5.25 5.30
C1 GOL N . -22.86 -11.41 40.16
O1 GOL N . -21.89 -10.41 39.97
C2 GOL N . -23.75 -11.08 41.38
O2 GOL N . -23.74 -9.69 41.68
C3 GOL N . -25.17 -11.55 41.09
O3 GOL N . -26.04 -11.15 42.14
C ACT O . -38.67 0.78 19.81
O ACT O . -37.91 1.76 19.55
OXT ACT O . -38.74 -0.15 18.95
CH3 ACT O . -39.45 0.77 21.08
C1 EDO P . -11.16 29.64 9.87
O1 EDO P . -10.74 31.01 9.83
C2 EDO P . -12.32 29.46 8.90
O2 EDO P . -12.04 30.20 7.70
C1 EDO Q . -9.42 21.65 53.14
O1 EDO Q . -8.61 21.13 52.09
C2 EDO Q . -10.08 20.49 53.88
O2 EDO Q . -9.09 19.50 54.22
C1 EDO R . -6.85 52.24 36.27
O1 EDO R . -5.45 51.97 36.23
C2 EDO R . -7.22 52.16 37.74
O2 EDO R . -6.27 51.29 38.37
C1 EDO S . -33.10 20.85 14.17
O1 EDO S . -33.19 20.65 12.76
C2 EDO S . -32.08 21.94 14.47
O2 EDO S . -32.64 23.27 14.49
C1 EDO T . -25.25 19.13 44.89
O1 EDO T . -24.24 19.22 45.90
C2 EDO T . -25.56 17.67 44.60
O2 EDO T . -26.20 17.09 45.74
C ACT U . -17.92 21.26 26.46
O ACT U . -17.73 22.01 27.50
OXT ACT U . -19.09 20.89 26.24
CH3 ACT U . -16.82 20.85 25.54
C1 EDO V . -0.84 -1.22 -11.40
O1 EDO V . 0.10 -2.29 -11.34
C2 EDO V . -0.24 -0.06 -12.18
O2 EDO V . -1.24 0.97 -12.37
C1 EDO W . 39.32 -11.72 7.60
O1 EDO W . 38.42 -11.71 6.48
C2 EDO W . 38.83 -10.59 8.49
O2 EDO W . 39.66 -10.44 9.64
C1 EDO X . 14.29 -2.71 3.72
O1 EDO X . 15.31 -3.74 3.62
C2 EDO X . 14.55 -1.69 4.83
O2 EDO X . 15.57 -0.72 4.51
C1 EDO Y . 18.69 3.44 8.57
O1 EDO Y . 19.68 4.21 9.22
C2 EDO Y . 17.93 4.23 7.52
O2 EDO Y . 17.07 3.32 6.84
C1 EDO Z . 46.40 -17.49 7.14
O1 EDO Z . 46.63 -18.52 6.16
C2 EDO Z . 47.71 -17.16 7.84
O2 EDO Z . 47.45 -16.50 9.09
C1 EDO AA . 3.55 2.53 -10.50
O1 EDO AA . 4.65 2.16 -9.66
C2 EDO AA . 2.38 1.58 -10.24
O2 EDO AA . 2.08 1.47 -8.83
C1 GOL BA . 5.35 -5.21 -10.74
O1 GOL BA . 5.02 -6.58 -10.55
C2 GOL BA . 4.20 -4.53 -11.49
O2 GOL BA . 2.98 -5.07 -11.00
C3 GOL BA . 4.23 -3.02 -11.28
O3 GOL BA . 3.33 -2.37 -12.16
C1 GOL CA . 0.86 -10.81 -7.37
O1 GOL CA . 0.91 -11.57 -6.18
C2 GOL CA . 2.19 -10.86 -8.10
O2 GOL CA . 2.31 -12.00 -8.93
C3 GOL CA . 2.51 -9.58 -8.87
O3 GOL CA . 3.15 -9.89 -10.09
C ACT DA . 24.50 -17.40 6.94
O ACT DA . 24.48 -16.49 7.81
OXT ACT DA . 25.45 -17.36 6.12
CH3 ACT DA . 23.47 -18.49 6.85
C1 EDO EA . -9.16 -0.75 -10.80
O1 EDO EA . -10.31 0.06 -10.43
C2 EDO EA . -9.10 -1.19 -12.25
O2 EDO EA . -8.42 -0.38 -13.22
C1 EDO FA . -6.68 -8.64 -4.17
O1 EDO FA . -5.81 -8.46 -3.03
C2 EDO FA . -7.47 -9.93 -4.04
O2 EDO FA . -8.64 -9.71 -3.23
C1 EDO GA . 15.71 1.92 -9.85
O1 EDO GA . 17.13 1.76 -9.69
C2 EDO GA . 15.12 0.71 -10.58
O2 EDO GA . 15.68 -0.50 -10.05
C1 GOL HA . -26.47 3.72 -31.83
O1 GOL HA . -25.19 3.40 -31.38
C2 GOL HA . -27.53 3.33 -30.80
O2 GOL HA . -28.72 4.02 -31.11
C3 GOL HA . -27.73 1.82 -30.88
O3 GOL HA . -29.02 1.45 -30.45
C1 GOL IA . -7.20 15.31 -23.93
O1 GOL IA . -6.00 15.48 -24.67
C2 GOL IA . -8.12 14.34 -24.65
O2 GOL IA . -7.35 13.25 -25.12
C3 GOL IA . -9.19 13.85 -23.67
O3 GOL IA . -10.14 13.04 -24.33
C ACT JA . -7.42 -4.63 -26.10
O ACT JA . -7.12 -4.04 -25.06
OXT ACT JA . -8.53 -5.26 -26.07
CH3 ACT JA . -6.46 -4.61 -27.24
C1 EDO KA . 35.14 -32.62 -13.16
O1 EDO KA . 35.13 -31.65 -14.21
C2 EDO KA . 36.14 -33.72 -13.55
O2 EDO KA . 35.73 -34.29 -14.80
C1 EDO LA . 55.76 -37.00 -10.71
O1 EDO LA . 55.74 -35.79 -9.92
C2 EDO LA . 56.63 -36.76 -11.94
O2 EDO LA . 57.96 -36.45 -11.52
C ACT MA . 38.28 -18.62 -19.56
O ACT MA . 38.19 -19.36 -20.58
OXT ACT MA . 37.76 -19.10 -18.51
CH3 ACT MA . 39.00 -17.30 -19.56
C ACT NA . 23.41 -11.35 -10.58
O ACT NA . 23.06 -10.50 -9.71
OXT ACT NA . 24.41 -11.05 -11.28
CH3 ACT NA . 22.68 -12.66 -10.78
C1 EDO OA . 22.28 10.37 -16.83
O1 EDO OA . 22.29 11.78 -17.16
C2 EDO OA . 22.76 10.11 -15.41
O2 EDO OA . 24.07 10.67 -15.28
C1 EDO PA . 6.12 13.62 -27.31
O1 EDO PA . 5.53 13.52 -26.01
C2 EDO PA . 5.17 13.03 -28.35
O2 EDO PA . 3.89 13.67 -28.25
C1 GOL QA . 12.99 10.21 -13.48
O1 GOL QA . 12.37 10.64 -14.66
C2 GOL QA . 14.37 9.78 -13.90
O2 GOL QA . 15.30 10.79 -13.51
C3 GOL QA . 14.71 8.41 -13.33
O3 GOL QA . 16.00 8.01 -13.78
C1 GOL RA . 18.08 29.44 19.94
O1 GOL RA . 17.44 30.69 19.81
C2 GOL RA . 18.55 29.00 18.56
O2 GOL RA . 19.09 30.13 17.90
C3 GOL RA . 19.57 27.86 18.68
O3 GOL RA . 19.84 27.30 17.41
C1 GOL SA . 13.96 23.22 16.88
O1 GOL SA . 13.96 22.26 17.92
C2 GOL SA . 15.39 23.54 16.46
O2 GOL SA . 16.01 22.41 15.90
C3 GOL SA . 15.44 24.71 15.46
O3 GOL SA . 16.77 25.03 15.15
C ACT TA . 1.14 18.41 -8.57
O ACT TA . 2.13 19.24 -8.63
OXT ACT TA . 1.26 17.36 -9.22
CH3 ACT TA . -0.10 18.63 -7.76
#